data_9IXB
#
_entry.id   9IXB
#
_cell.length_a   104.597
_cell.length_b   155.892
_cell.length_c   181.504
_cell.angle_alpha   90.000
_cell.angle_beta   90.000
_cell.angle_gamma   90.000
#
_symmetry.space_group_name_H-M   'P 21 21 21'
#
loop_
_entity.id
_entity.type
_entity.pdbx_description
1 polymer 'Detyrosinated tubulin alpha-1B chain'
2 polymer 'Tubulin beta chain'
3 polymer Stathmin-4
4 polymer 'Tubulin--tyrosine ligase'
5 non-polymer "GUANOSINE-5'-TRIPHOSPHATE"
6 non-polymer 1,2-ETHANEDIOL
7 non-polymer 'MAGNESIUM ION'
8 non-polymer 'CALCIUM ION'
9 non-polymer 'SODIUM ION'
10 non-polymer '2-(N-MORPHOLINO)-ETHANESULFONIC ACID'
11 non-polymer (5~{S},5~{a}~{S},8~{a}~{R},9~{R})-5-(1~{H}-indazol-5-ylamino)-9-(3,4,5-trimethoxyphenyl)-5~{a},6,8~{a},9-tetrahydro-5~{H}-[2]benzofuro[6,5-f][1,3]benzodioxol-8-one
12 non-polymer "GUANOSINE-5'-DIPHOSPHATE"
13 non-polymer IMIDAZOLE
14 non-polymer 'PHOSPHOMETHYLPHOSPHONIC ACID ADENYLATE ESTER'
15 water water
#
loop_
_entity_poly.entity_id
_entity_poly.type
_entity_poly.pdbx_seq_one_letter_code
_entity_poly.pdbx_strand_id
1 'polypeptide(L)'
;MRECISIHVGQAGVQIGNACWELYCLEHGIQPDGQMPSDKTIGGGDDSFNTFFSETGAGKHVPRAVFVDLEPTVIDEVRT
GTYRQLFHPEQLITGKEDAANNYARGHYTIGKEIIDLVLDRIRKLADQCTGLQGFLVFHSFGGGTGSGFTSLLMERLSVD
YGKKSKLEFSIYPAPQVSTAVVEPYNSILTTHTTLEHSDCAFMVDNEAIYDICRRNLDIERPTYTNLNRLISQIVSSITA
SLRFDGALNVDLTEFQTNLVPYPRIHFPLATYAPVISAEKAYHEQLSVAEITNACFEPANQMVKCDPRHGKYMACCLLYR
GDVVPKDVNAAIATIKTKRSIQFVDWCPTGFKVGINYQPPTVVPGGDLAKVQRAVCMLSNTTAIAEAWARLDHKFDLMYA
KRAFVHWYVGEGMEEGEFSEAREDMAALEKDYEEVGVDSV
;
A,C
2 'polypeptide(L)'
;MREIVHIQAGQCGNQIGAKFWEVISDEHGIDPTGSYHGDSDLQLERINVYYNEATGNKYVPRAILVDLEPGTMDSVRSGP
FGQIFRPDNFVFGQSGAGNNWAKGHYTEGAELVDSVLDVVRKESESCDCLQGFQLTHSLGGGTGSGMGTLLISKIREEYP
DRIMNTFSVMPSPKVSDTVVEPYNATLSVHQLVENTDETYCIDNEALYDICFRTLKLTTPTYGDLNHLVSATMSGVTTCL
RFPGQLNADLRKLAVNMVPFPRLHFFMPGFAPLTSRTSQQYRGLTVPELTQQMFDSKNMMAACDPRHGRYLTVAAIFRGR
MSMKEVDEQMLNVQNKNSSYFVEWIPNNVKTAVCDIPPRGLKMSATFIGNSTAIQELFKRISEQFTAMFRRKAFLHWYTG
EGMDEMEFTEAESNMNDLVSEYQQYQDATA
;
B,D
3 'polypeptide(L)'
;MEVIELNKCTSGQSFEVILKPPSFDGVPEFNASLPRRRDPSLEEIQKKLEAAEERRKYQEAELLKHLAEKREHEREVIQK
AIEENNNFIKMAKEKLAQKMESNKENREAHLAAMLERLQEKDKHAEEVRKNKELKKDK
;
E
4 'polypeptide(L)'
;MYTFVVRDENSSVYAEVSRLLLATGQWKRLRKDNPRFNLMLGERNRLPFGRLGHEPGLVQLVNYYRGADKLCRKASLVKL
IKTSPELSESCTWFPESYVIYPTNLKTPVAPAQNGIRHLINNTRTDEREVFLAAYNRRREGREGNVWIAKSSAGAKGEGI
LISSEASELLDFIDEQGQVHVIQKYLEKPLLLEPGHRKFDIRSWVLVDHLYNIYLYREGVLRTSSEPYNSANFQDKTCHL
TNHCIQKEPYNNYGRYEEGNEMFFEEFNQYLMDALNTTLENSILLQIKHIIRSCLMCIEPAISTKHLHYQSFQLFGFDFM
VDEELKVWLIEVNGAPACAQKLYAELCQGIVDVAISSVFPLADTGQKTSQPTSIFIKLLE
;
F
#
loop_
_chem_comp.id
_chem_comp.type
_chem_comp.name
_chem_comp.formula
A1ECQ non-polymer (5~{S},5~{a}~{S},8~{a}~{R},9~{R})-5-(1~{H}-indazol-5-ylamino)-9-(3,4,5-trimethoxyphenyl)-5~{a},6,8~{a},9-tetrahydro-5~{H}-[2]benzofuro[6,5-f][1,3]benzodioxol-8-one 'C29 H27 N3 O7'
ACP non-polymer 'PHOSPHOMETHYLPHOSPHONIC ACID ADENYLATE ESTER' 'C11 H18 N5 O12 P3'
CA non-polymer 'CALCIUM ION' 'Ca 2'
EDO non-polymer 1,2-ETHANEDIOL 'C2 H6 O2'
GDP RNA linking GUANOSINE-5'-DIPHOSPHATE 'C10 H15 N5 O11 P2'
GTP non-polymer GUANOSINE-5'-TRIPHOSPHATE 'C10 H16 N5 O14 P3'
IMD non-polymer IMIDAZOLE 'C3 H5 N2 1'
MES non-polymer '2-(N-MORPHOLINO)-ETHANESULFONIC ACID' 'C6 H13 N O4 S'
MG non-polymer 'MAGNESIUM ION' 'Mg 2'
NA non-polymer 'SODIUM ION' 'Na 1'
#
# COMPACT_ATOMS: atom_id res chain seq x y z
N ARG A 2 46.14 20.59 -51.11
CA ARG A 2 44.76 20.64 -50.61
C ARG A 2 44.31 19.31 -49.95
N GLU A 3 43.70 19.45 -48.76
CA GLU A 3 43.35 18.33 -47.86
C GLU A 3 41.95 18.51 -47.30
N CYS A 4 41.26 17.37 -47.13
CA CYS A 4 39.90 17.27 -46.59
C CYS A 4 39.97 16.62 -45.21
N ILE A 5 39.67 17.44 -44.19
CA ILE A 5 39.48 16.98 -42.82
C ILE A 5 38.03 16.51 -42.72
N SER A 6 37.89 15.19 -42.51
CA SER A 6 36.65 14.50 -42.18
C SER A 6 36.47 14.46 -40.67
N ILE A 7 35.21 14.63 -40.23
CA ILE A 7 34.82 14.66 -38.83
C ILE A 7 33.67 13.68 -38.66
N HIS A 8 33.75 12.84 -37.63
CA HIS A 8 32.76 11.79 -37.39
C HIS A 8 32.18 11.95 -36.00
N VAL A 9 30.89 12.19 -35.96
CA VAL A 9 30.18 12.58 -34.76
C VAL A 9 29.12 11.51 -34.54
N GLY A 10 28.98 11.07 -33.32
CA GLY A 10 27.97 10.08 -33.02
C GLY A 10 28.42 8.68 -33.34
N GLN A 11 27.61 7.69 -32.99
CA GLN A 11 27.97 6.33 -33.29
C GLN A 11 28.10 6.22 -34.76
N ALA A 12 27.00 6.39 -35.47
CA ALA A 12 27.01 6.28 -36.91
C ALA A 12 28.27 6.81 -37.50
N GLY A 13 28.42 8.12 -37.47
CA GLY A 13 29.59 8.73 -38.04
C GLY A 13 30.79 7.88 -37.79
N VAL A 14 31.11 7.67 -36.53
CA VAL A 14 32.29 6.92 -36.22
C VAL A 14 32.23 5.61 -36.95
N GLN A 15 31.23 4.82 -36.66
CA GLN A 15 31.09 3.54 -37.28
C GLN A 15 31.36 3.64 -38.77
N ILE A 16 30.43 4.25 -39.49
CA ILE A 16 30.59 4.39 -40.92
C ILE A 16 31.99 4.84 -41.22
N GLY A 17 32.49 5.78 -40.43
CA GLY A 17 33.81 6.28 -40.66
C GLY A 17 34.80 5.16 -40.71
N ASN A 18 34.89 4.41 -39.63
CA ASN A 18 35.84 3.34 -39.58
C ASN A 18 35.76 2.58 -40.87
N ALA A 19 34.55 2.40 -41.34
CA ALA A 19 34.38 1.66 -42.57
C ALA A 19 34.95 2.42 -43.76
N CYS A 20 34.47 3.63 -44.00
CA CYS A 20 35.06 4.41 -45.09
C CYS A 20 36.58 4.37 -45.06
N TRP A 21 37.19 4.60 -43.89
CA TRP A 21 38.66 4.69 -43.83
C TRP A 21 39.30 3.36 -44.13
N GLU A 22 38.68 2.27 -43.71
CA GLU A 22 39.17 0.95 -44.08
C GLU A 22 39.17 0.76 -45.59
N LEU A 23 38.03 1.03 -46.22
CA LEU A 23 37.98 0.93 -47.67
C LEU A 23 39.02 1.83 -48.30
N TYR A 24 39.13 3.07 -47.82
CA TYR A 24 40.20 3.95 -48.29
C TYR A 24 41.58 3.31 -48.14
N CYS A 25 41.88 2.71 -46.99
CA CYS A 25 43.20 2.08 -46.87
C CYS A 25 43.37 0.90 -47.83
N LEU A 26 42.29 0.19 -48.17
CA LEU A 26 42.42 -0.91 -49.13
C LEU A 26 42.60 -0.39 -50.54
N GLU A 27 41.80 0.60 -50.91
CA GLU A 27 41.94 1.18 -52.25
C GLU A 27 43.33 1.75 -52.46
N HIS A 28 43.82 2.52 -51.52
CA HIS A 28 45.10 3.18 -51.65
C HIS A 28 46.24 2.28 -51.24
N GLY A 29 46.01 0.98 -51.11
CA GLY A 29 47.08 0.05 -50.81
C GLY A 29 47.97 0.49 -49.66
N ILE A 30 47.38 1.10 -48.64
CA ILE A 30 48.08 1.42 -47.39
C ILE A 30 47.79 0.31 -46.38
N GLN A 31 48.85 -0.31 -45.84
CA GLN A 31 48.77 -1.35 -44.84
C GLN A 31 48.10 -0.84 -43.56
N PRO A 32 47.61 -1.76 -42.71
CA PRO A 32 47.03 -1.39 -41.39
C PRO A 32 47.99 -0.69 -40.43
N ASP A 33 49.28 -1.01 -40.46
CA ASP A 33 50.34 -0.23 -39.82
C ASP A 33 50.45 1.22 -40.33
N GLY A 34 49.71 1.62 -41.38
CA GLY A 34 49.90 2.90 -42.03
C GLY A 34 51.02 2.96 -43.07
N GLN A 35 51.81 1.91 -43.18
CA GLN A 35 52.92 1.88 -44.13
C GLN A 35 52.37 1.56 -45.50
N MET A 36 52.52 2.48 -46.45
CA MET A 36 52.01 2.28 -47.79
C MET A 36 53.19 1.84 -48.66
N PRO A 37 53.28 0.57 -49.08
CA PRO A 37 54.40 0.16 -49.95
C PRO A 37 54.47 0.95 -51.24
N SER A 38 53.34 1.17 -51.89
CA SER A 38 53.26 1.95 -53.13
C SER A 38 53.88 3.33 -52.98
N ASP A 39 53.71 3.96 -51.82
CA ASP A 39 54.17 5.33 -51.61
C ASP A 39 55.70 5.35 -51.64
N LYS A 40 56.26 6.14 -52.55
CA LYS A 40 57.70 6.37 -52.58
C LYS A 40 58.10 7.68 -51.91
N THR A 41 57.16 8.62 -51.71
CA THR A 41 57.43 9.85 -50.97
C THR A 41 57.21 9.57 -49.50
N ILE A 42 58.27 9.04 -48.88
CA ILE A 42 58.22 8.68 -47.47
C ILE A 42 58.13 9.95 -46.64
N GLY A 43 57.04 10.11 -45.91
CA GLY A 43 56.82 11.33 -45.15
C GLY A 43 56.80 12.57 -46.00
N GLY A 44 56.31 12.46 -47.23
CA GLY A 44 56.22 13.63 -48.08
C GLY A 44 55.44 13.27 -49.33
N GLY A 45 55.61 14.11 -50.35
CA GLY A 45 54.80 14.03 -51.56
C GLY A 45 53.53 14.86 -51.44
N ASP A 46 52.98 15.24 -52.60
CA ASP A 46 51.68 15.91 -52.75
C ASP A 46 50.72 15.10 -53.63
N ASP A 47 50.78 13.78 -53.53
CA ASP A 47 49.94 12.92 -54.35
C ASP A 47 48.46 13.17 -54.04
N SER A 48 47.58 12.60 -54.86
CA SER A 48 46.13 12.79 -54.65
C SER A 48 45.69 12.21 -53.31
N PHE A 49 46.15 11.00 -52.98
CA PHE A 49 45.71 10.36 -51.75
C PHE A 49 46.12 11.14 -50.50
N ASN A 50 47.09 12.05 -50.61
CA ASN A 50 47.55 12.86 -49.48
C ASN A 50 46.47 13.86 -49.05
N THR A 51 45.42 14.02 -49.85
CA THR A 51 44.34 14.89 -49.42
CA THR A 51 44.32 14.89 -49.43
C THR A 51 43.65 14.34 -48.16
N PHE A 52 43.44 13.01 -48.09
CA PHE A 52 42.81 12.35 -46.95
C PHE A 52 43.80 11.66 -46.03
N PHE A 53 45.09 11.62 -46.37
CA PHE A 53 46.11 10.99 -45.53
C PHE A 53 47.32 11.92 -45.40
N SER A 54 48.15 11.65 -44.39
CA SER A 54 49.39 12.38 -44.18
C SER A 54 50.49 11.36 -43.94
N GLU A 55 51.64 11.62 -44.55
CA GLU A 55 52.76 10.73 -44.52
C GLU A 55 53.64 11.17 -43.35
N THR A 56 53.91 10.24 -42.42
CA THR A 56 54.81 10.49 -41.29
C THR A 56 56.24 10.16 -41.68
N GLY A 57 57.17 10.70 -40.90
CA GLY A 57 58.58 10.38 -41.09
C GLY A 57 58.87 8.89 -41.09
N ALA A 58 58.08 8.11 -40.35
CA ALA A 58 58.18 6.65 -40.42
C ALA A 58 57.58 6.08 -41.70
N GLY A 59 56.91 6.88 -42.52
CA GLY A 59 56.24 6.41 -43.70
C GLY A 59 54.80 5.95 -43.51
N LYS A 60 54.31 5.89 -42.28
CA LYS A 60 52.90 5.61 -42.04
C LYS A 60 52.05 6.79 -42.49
N HIS A 61 50.80 6.49 -42.85
CA HIS A 61 49.85 7.47 -43.35
C HIS A 61 48.67 7.52 -42.40
N VAL A 62 48.30 8.72 -41.98
CA VAL A 62 47.22 8.89 -41.01
C VAL A 62 46.01 9.65 -41.56
N PRO A 63 44.81 9.12 -41.43
CA PRO A 63 43.66 9.86 -41.95
C PRO A 63 43.53 11.24 -41.32
N ARG A 64 43.06 12.20 -42.15
CA ARG A 64 42.88 13.59 -41.74
C ARG A 64 41.45 13.78 -41.29
N ALA A 65 41.18 13.08 -40.22
CA ALA A 65 39.85 13.09 -39.67
C ALA A 65 39.94 12.86 -38.17
N VAL A 66 38.81 13.18 -37.52
CA VAL A 66 38.65 13.10 -36.09
CA VAL A 66 38.64 13.12 -36.09
C VAL A 66 37.35 12.36 -35.83
N PHE A 67 37.45 11.29 -35.05
CA PHE A 67 36.34 10.51 -34.55
C PHE A 67 36.07 11.05 -33.15
N VAL A 68 34.81 11.47 -32.92
CA VAL A 68 34.38 12.03 -31.65
CA VAL A 68 34.39 12.03 -31.64
C VAL A 68 32.97 11.59 -31.35
N ASP A 69 32.72 11.16 -30.12
CA ASP A 69 31.41 10.76 -29.62
C ASP A 69 31.36 11.07 -28.14
N LEU A 70 30.17 11.50 -27.68
CA LEU A 70 29.86 11.69 -26.27
C LEU A 70 29.98 10.40 -25.46
N GLU A 71 29.90 9.22 -26.08
CA GLU A 71 30.30 8.07 -25.24
C GLU A 71 31.60 7.51 -25.77
N PRO A 72 32.25 6.65 -25.02
CA PRO A 72 33.56 6.19 -25.44
C PRO A 72 33.54 4.83 -26.10
N THR A 73 32.63 3.96 -25.67
CA THR A 73 32.67 2.56 -26.12
C THR A 73 32.88 2.42 -27.64
N VAL A 74 32.25 3.29 -28.47
CA VAL A 74 32.45 3.19 -29.91
C VAL A 74 33.88 3.57 -30.28
N ILE A 75 34.28 4.79 -29.94
CA ILE A 75 35.62 5.20 -30.35
C ILE A 75 36.68 4.32 -29.71
N ASP A 76 36.42 3.75 -28.53
CA ASP A 76 37.33 2.76 -27.95
C ASP A 76 37.57 1.58 -28.91
N GLU A 77 36.54 1.17 -29.66
CA GLU A 77 36.70 0.11 -30.66
C GLU A 77 37.70 0.49 -31.75
N VAL A 78 37.59 1.71 -32.29
CA VAL A 78 38.61 2.22 -33.19
C VAL A 78 39.99 2.12 -32.55
N ARG A 79 40.13 2.60 -31.30
CA ARG A 79 41.41 2.54 -30.56
C ARG A 79 41.96 1.13 -30.44
N THR A 80 41.09 0.13 -30.46
CA THR A 80 41.45 -1.27 -30.32
CA THR A 80 41.42 -1.28 -30.32
C THR A 80 41.24 -2.04 -31.61
N GLY A 81 41.02 -1.34 -32.72
CA GLY A 81 40.79 -1.99 -33.97
C GLY A 81 42.04 -2.18 -34.76
N THR A 82 41.88 -2.84 -35.90
CA THR A 82 43.01 -3.06 -36.79
C THR A 82 43.60 -1.76 -37.23
N TYR A 83 42.74 -0.82 -37.60
CA TYR A 83 43.19 0.49 -38.03
C TYR A 83 43.55 1.35 -36.85
N ARG A 84 43.62 0.77 -35.65
CA ARG A 84 43.97 1.54 -34.46
C ARG A 84 45.25 2.32 -34.66
N GLN A 85 46.29 1.65 -35.15
CA GLN A 85 47.54 2.34 -35.48
C GLN A 85 47.30 3.44 -36.49
N LEU A 86 46.47 3.17 -37.49
CA LEU A 86 46.27 4.15 -38.54
C LEU A 86 45.92 5.52 -37.94
N PHE A 87 44.97 5.56 -36.98
CA PHE A 87 44.46 6.80 -36.38
C PHE A 87 45.28 7.25 -35.16
N HIS A 88 45.51 8.56 -35.08
CA HIS A 88 46.26 9.15 -33.97
C HIS A 88 45.34 9.30 -32.76
N PRO A 89 45.83 9.03 -31.54
CA PRO A 89 44.93 9.09 -30.38
C PRO A 89 44.16 10.39 -30.30
N GLU A 90 44.82 11.53 -30.50
CA GLU A 90 44.13 12.82 -30.44
C GLU A 90 42.95 12.88 -31.40
N GLN A 91 43.09 12.23 -32.55
CA GLN A 91 42.00 12.17 -33.49
C GLN A 91 40.74 11.54 -32.88
N LEU A 92 40.89 10.79 -31.77
CA LEU A 92 39.81 10.06 -31.11
C LEU A 92 39.41 10.75 -29.80
N ILE A 93 38.23 11.41 -29.78
CA ILE A 93 37.71 12.24 -28.68
C ILE A 93 36.41 11.67 -28.15
N THR A 94 36.46 11.09 -26.94
CA THR A 94 35.32 10.43 -26.30
C THR A 94 34.94 11.19 -25.02
N GLY A 95 33.69 11.01 -24.59
CA GLY A 95 33.18 11.64 -23.39
C GLY A 95 32.61 10.59 -22.45
N LYS A 96 32.04 11.08 -21.34
CA LYS A 96 31.68 10.19 -20.23
C LYS A 96 30.25 9.69 -20.36
N GLU A 97 29.34 10.55 -20.82
CA GLU A 97 27.93 10.26 -21.00
C GLU A 97 27.45 10.79 -22.34
N ASP A 98 26.49 10.09 -22.93
CA ASP A 98 26.02 10.47 -24.25
C ASP A 98 24.88 11.48 -24.09
N ALA A 99 24.26 11.85 -25.20
CA ALA A 99 23.12 12.74 -25.10
C ALA A 99 21.84 11.99 -24.79
N ALA A 100 21.89 10.68 -24.58
CA ALA A 100 20.69 9.90 -24.33
C ALA A 100 19.53 10.31 -25.26
N ASN A 101 19.82 10.33 -26.57
CA ASN A 101 18.86 10.46 -27.67
C ASN A 101 18.15 11.81 -27.68
N ASN A 102 18.87 12.87 -27.35
CA ASN A 102 18.24 14.15 -27.13
C ASN A 102 19.08 15.20 -27.85
N TYR A 103 18.46 15.95 -28.76
CA TYR A 103 19.17 17.01 -29.48
C TYR A 103 19.69 18.05 -28.51
N ALA A 104 18.76 18.58 -27.70
CA ALA A 104 19.05 19.58 -26.70
C ALA A 104 20.15 19.14 -25.75
N ARG A 105 20.17 17.85 -25.41
CA ARG A 105 21.18 17.42 -24.46
C ARG A 105 22.57 17.44 -25.06
N GLY A 106 22.71 17.03 -26.32
CA GLY A 106 24.02 17.06 -26.95
C GLY A 106 24.41 18.46 -27.42
N HIS A 107 23.43 19.25 -27.85
CA HIS A 107 23.78 20.54 -28.43
C HIS A 107 24.15 21.52 -27.34
N TYR A 108 23.30 21.71 -26.32
CA TYR A 108 23.55 22.69 -25.26
C TYR A 108 24.27 22.08 -24.06
N THR A 109 23.60 21.17 -23.35
CA THR A 109 24.08 20.69 -22.07
C THR A 109 25.48 20.09 -22.19
N ILE A 110 25.64 19.12 -23.08
CA ILE A 110 26.90 18.42 -23.25
C ILE A 110 27.72 19.03 -24.38
N GLY A 111 27.08 19.73 -25.31
CA GLY A 111 27.83 20.32 -26.41
C GLY A 111 28.87 21.29 -25.90
N LYS A 112 28.48 22.19 -25.01
CA LYS A 112 29.38 23.24 -24.56
C LYS A 112 30.62 22.66 -23.90
N GLU A 113 30.45 21.58 -23.15
CA GLU A 113 31.57 21.02 -22.40
C GLU A 113 32.69 20.56 -23.31
N ILE A 114 32.35 19.94 -24.46
CA ILE A 114 33.35 19.28 -25.30
C ILE A 114 33.55 20.00 -26.63
N ILE A 115 32.82 21.08 -26.90
CA ILE A 115 32.91 21.72 -28.22
C ILE A 115 34.33 22.24 -28.45
N ASP A 116 34.93 22.82 -27.41
CA ASP A 116 36.20 23.49 -27.66
C ASP A 116 37.30 22.49 -27.90
N LEU A 117 37.29 21.37 -27.16
CA LEU A 117 38.32 20.36 -27.33
C LEU A 117 38.34 19.82 -28.76
N VAL A 118 37.15 19.50 -29.32
CA VAL A 118 37.05 19.02 -30.69
C VAL A 118 37.54 20.09 -31.67
N LEU A 119 37.10 21.33 -31.49
CA LEU A 119 37.61 22.41 -32.35
C LEU A 119 39.13 22.52 -32.29
N ASP A 120 39.74 22.31 -31.12
CA ASP A 120 41.20 22.33 -31.04
C ASP A 120 41.81 21.26 -31.94
N ARG A 121 41.38 20.01 -31.75
CA ARG A 121 41.85 18.90 -32.59
C ARG A 121 41.68 19.15 -34.08
N ILE A 122 40.46 19.44 -34.54
CA ILE A 122 40.28 19.90 -35.91
C ILE A 122 41.36 20.93 -36.24
N ARG A 123 41.61 21.91 -35.33
CA ARG A 123 42.53 23.00 -35.65
C ARG A 123 43.96 22.46 -35.79
N LYS A 124 44.37 21.57 -34.90
CA LYS A 124 45.65 20.90 -35.09
C LYS A 124 45.74 20.23 -36.48
N LEU A 125 44.67 19.55 -36.93
CA LEU A 125 44.69 18.98 -38.29
C LEU A 125 44.83 20.07 -39.35
N ALA A 126 43.95 21.08 -39.29
CA ALA A 126 44.01 22.20 -40.22
C ALA A 126 45.42 22.80 -40.32
N ASP A 127 46.09 23.06 -39.17
CA ASP A 127 47.48 23.55 -39.19
C ASP A 127 48.44 22.64 -39.94
N GLN A 128 48.36 21.33 -39.72
CA GLN A 128 49.15 20.39 -40.51
C GLN A 128 48.80 20.46 -42.01
N CYS A 129 47.52 20.66 -42.35
CA CYS A 129 47.14 20.87 -43.75
C CYS A 129 47.69 22.19 -44.30
N THR A 130 48.38 22.09 -45.45
CA THR A 130 48.90 23.24 -46.20
C THR A 130 47.78 24.04 -46.89
N GLY A 131 46.79 23.36 -47.46
CA GLY A 131 45.60 24.10 -47.82
C GLY A 131 44.30 23.35 -47.65
N LEU A 132 43.62 23.50 -46.51
CA LEU A 132 42.46 22.66 -46.24
C LEU A 132 41.36 22.99 -47.25
N GLN A 133 40.85 21.95 -47.91
CA GLN A 133 39.80 22.18 -48.90
C GLN A 133 38.48 22.38 -48.19
N GLY A 134 38.25 21.59 -47.15
CA GLY A 134 37.02 21.63 -46.40
C GLY A 134 36.99 20.48 -45.42
N PHE A 135 35.77 20.23 -44.90
CA PHE A 135 35.51 19.23 -43.88
C PHE A 135 34.35 18.35 -44.32
N LEU A 136 34.50 17.08 -44.12
CA LEU A 136 33.50 16.08 -44.43
CA LEU A 136 33.49 16.08 -44.44
C LEU A 136 32.95 15.59 -43.09
N VAL A 137 31.70 15.94 -42.82
CA VAL A 137 31.05 15.59 -41.57
C VAL A 137 30.08 14.45 -41.87
N PHE A 138 30.16 13.38 -41.07
CA PHE A 138 29.32 12.19 -41.18
C PHE A 138 28.60 12.00 -39.85
N HIS A 139 27.30 11.87 -39.90
CA HIS A 139 26.54 11.89 -38.66
C HIS A 139 25.16 11.32 -38.95
N SER A 140 24.33 11.23 -37.92
CA SER A 140 22.98 10.70 -38.02
C SER A 140 22.01 11.72 -37.47
N PHE A 141 20.87 11.90 -38.15
CA PHE A 141 19.86 12.84 -37.67
C PHE A 141 19.25 12.43 -36.32
N GLY A 142 19.04 11.13 -36.09
CA GLY A 142 18.25 10.70 -34.93
C GLY A 142 18.99 10.84 -33.60
N GLY A 143 20.22 10.33 -33.52
CA GLY A 143 20.97 10.39 -32.27
C GLY A 143 21.22 11.82 -31.82
N GLY A 144 21.35 12.00 -30.48
CA GLY A 144 21.40 13.35 -29.93
C GLY A 144 22.80 13.93 -29.93
N THR A 145 23.82 13.06 -30.09
CA THR A 145 25.15 13.55 -30.41
C THR A 145 25.26 13.89 -31.88
N GLY A 146 24.89 12.94 -32.74
CA GLY A 146 24.78 13.19 -34.17
C GLY A 146 24.08 14.48 -34.54
N SER A 147 22.90 14.74 -33.98
CA SER A 147 22.20 15.98 -34.30
C SER A 147 22.68 17.18 -33.47
N GLY A 148 22.46 17.14 -32.16
CA GLY A 148 22.75 18.30 -31.34
C GLY A 148 24.20 18.74 -31.45
N PHE A 149 25.13 17.86 -31.08
CA PHE A 149 26.53 18.25 -31.09
C PHE A 149 27.06 18.53 -32.49
N THR A 150 26.55 17.84 -33.49
CA THR A 150 26.98 18.15 -34.86
C THR A 150 26.59 19.56 -35.27
N SER A 151 25.33 19.92 -35.10
CA SER A 151 24.89 21.25 -35.50
C SER A 151 25.68 22.34 -34.77
N LEU A 152 26.03 22.13 -33.50
CA LEU A 152 26.87 23.08 -32.79
C LEU A 152 28.26 23.18 -33.41
N LEU A 153 28.85 22.04 -33.79
CA LEU A 153 30.14 22.02 -34.47
C LEU A 153 30.07 22.65 -35.86
N MET A 154 28.95 22.49 -36.56
CA MET A 154 28.72 23.21 -37.82
C MET A 154 28.80 24.72 -37.65
N GLU A 155 28.02 25.29 -36.73
CA GLU A 155 28.12 26.72 -36.48
C GLU A 155 29.56 27.13 -36.15
N ARG A 156 30.25 26.37 -35.29
CA ARG A 156 31.62 26.73 -34.91
C ARG A 156 32.57 26.65 -36.10
N LEU A 157 32.48 25.59 -36.90
CA LEU A 157 33.36 25.47 -38.06
C LEU A 157 33.06 26.55 -39.10
N SER A 158 31.79 26.92 -39.25
CA SER A 158 31.41 28.06 -40.10
C SER A 158 32.06 29.35 -39.63
N VAL A 159 32.27 29.49 -38.32
CA VAL A 159 32.90 30.68 -37.79
C VAL A 159 34.42 30.58 -37.86
N ASP A 160 34.99 29.52 -37.31
CA ASP A 160 36.44 29.45 -37.25
C ASP A 160 37.04 29.23 -38.64
N TYR A 161 36.45 28.37 -39.46
CA TYR A 161 37.03 28.11 -40.78
C TYR A 161 36.26 28.80 -41.92
N GLY A 162 35.24 29.61 -41.62
CA GLY A 162 34.55 30.40 -42.59
C GLY A 162 34.48 29.90 -44.03
N LYS A 163 35.48 30.29 -44.82
CA LYS A 163 35.55 29.99 -46.25
C LYS A 163 35.54 28.49 -46.54
N LYS A 164 36.36 27.72 -45.83
CA LYS A 164 36.44 26.28 -46.09
C LYS A 164 35.05 25.67 -46.20
N SER A 165 34.91 24.71 -47.12
CA SER A 165 33.65 24.05 -47.49
C SER A 165 33.48 22.78 -46.69
N LYS A 166 32.21 22.40 -46.51
CA LYS A 166 31.86 21.27 -45.65
C LYS A 166 30.74 20.47 -46.27
N LEU A 167 31.00 19.20 -46.52
CA LEU A 167 30.03 18.28 -47.09
C LEU A 167 29.46 17.42 -45.99
N GLU A 168 28.14 17.24 -45.98
CA GLU A 168 27.48 16.43 -44.97
C GLU A 168 27.25 15.02 -45.49
N PHE A 169 27.07 14.11 -44.56
CA PHE A 169 26.73 12.76 -44.88
C PHE A 169 25.84 12.30 -43.74
N SER A 170 24.59 12.74 -43.79
CA SER A 170 23.63 12.46 -42.77
C SER A 170 22.85 11.20 -43.14
N ILE A 171 22.36 10.55 -42.07
CA ILE A 171 21.68 9.26 -42.08
C ILE A 171 20.23 9.50 -41.64
N TYR A 172 19.34 9.60 -42.62
CA TYR A 172 17.91 9.76 -42.39
C TYR A 172 17.38 8.60 -41.54
N PRO A 173 16.46 8.87 -40.61
CA PRO A 173 16.08 7.86 -39.62
C PRO A 173 15.16 6.83 -40.24
N ALA A 174 15.40 5.57 -39.87
CA ALA A 174 14.69 4.41 -40.43
C ALA A 174 14.05 3.64 -39.29
N PRO A 175 12.73 3.54 -39.24
CA PRO A 175 12.06 2.72 -38.20
C PRO A 175 12.45 1.26 -38.17
N GLN A 176 12.67 0.62 -39.33
CA GLN A 176 13.12 -0.76 -39.39
C GLN A 176 14.41 -0.97 -38.60
N VAL A 177 15.44 -0.21 -38.94
CA VAL A 177 16.63 -0.07 -38.14
C VAL A 177 16.28 0.47 -36.76
N SER A 178 17.11 0.11 -35.77
CA SER A 178 16.93 0.64 -34.43
C SER A 178 16.74 2.14 -34.48
N THR A 179 15.75 2.65 -33.75
CA THR A 179 15.52 4.08 -33.71
C THR A 179 14.75 4.42 -32.43
N ALA A 180 15.14 5.54 -31.81
CA ALA A 180 14.46 6.14 -30.68
C ALA A 180 13.18 6.83 -31.13
N VAL A 181 12.21 6.97 -30.21
CA VAL A 181 10.93 7.54 -30.63
C VAL A 181 11.07 9.03 -30.92
N VAL A 182 11.98 9.69 -30.24
CA VAL A 182 12.11 11.12 -30.35
C VAL A 182 13.00 11.49 -31.54
N GLU A 183 13.38 10.50 -32.35
CA GLU A 183 14.33 10.79 -33.44
C GLU A 183 13.79 11.78 -34.48
N PRO A 184 12.48 11.87 -34.75
CA PRO A 184 12.04 12.89 -35.72
C PRO A 184 12.31 14.32 -35.28
N TYR A 185 12.04 14.63 -34.00
CA TYR A 185 12.42 15.89 -33.37
C TYR A 185 13.88 16.25 -33.63
N ASN A 186 14.77 15.31 -33.29
CA ASN A 186 16.21 15.52 -33.40
C ASN A 186 16.61 15.83 -34.82
N SER A 187 15.96 15.14 -35.76
CA SER A 187 16.20 15.27 -37.19
C SER A 187 15.86 16.66 -37.70
N ILE A 188 14.63 17.13 -37.40
CA ILE A 188 14.21 18.49 -37.74
C ILE A 188 15.10 19.53 -37.09
N LEU A 189 15.31 19.40 -35.79
CA LEU A 189 16.15 20.37 -35.11
C LEU A 189 17.49 20.47 -35.79
N THR A 190 18.15 19.34 -36.04
CA THR A 190 19.51 19.44 -36.52
C THR A 190 19.52 19.93 -37.95
N THR A 191 18.49 19.54 -38.72
CA THR A 191 18.34 20.06 -40.07
C THR A 191 18.26 21.57 -40.02
N HIS A 192 17.26 22.08 -39.33
CA HIS A 192 17.11 23.52 -39.26
C HIS A 192 18.41 24.24 -38.89
N THR A 193 19.12 23.78 -37.87
CA THR A 193 20.33 24.46 -37.41
C THR A 193 21.44 24.41 -38.44
N THR A 194 21.62 23.28 -39.13
CA THR A 194 22.77 23.20 -40.01
C THR A 194 22.40 23.61 -41.43
N LEU A 195 21.16 24.04 -41.66
CA LEU A 195 20.70 24.20 -43.03
C LEU A 195 21.57 25.20 -43.76
N GLU A 196 22.05 26.20 -43.04
CA GLU A 196 22.92 27.21 -43.62
C GLU A 196 24.40 26.90 -43.42
N HIS A 197 24.75 25.98 -42.55
CA HIS A 197 26.14 25.64 -42.34
C HIS A 197 26.65 24.56 -43.26
N SER A 198 25.73 23.95 -43.99
CA SER A 198 26.01 22.82 -44.85
C SER A 198 25.98 23.29 -46.30
N ASP A 199 27.07 23.00 -46.99
CA ASP A 199 27.21 23.31 -48.42
C ASP A 199 26.49 22.28 -49.29
N CYS A 200 26.67 20.98 -49.01
CA CYS A 200 25.92 19.94 -49.70
C CYS A 200 25.81 18.73 -48.77
N ALA A 201 24.56 18.25 -48.66
CA ALA A 201 24.13 17.23 -47.72
C ALA A 201 23.66 16.02 -48.52
N PHE A 202 24.35 14.89 -48.34
CA PHE A 202 23.95 13.62 -48.89
C PHE A 202 23.24 12.84 -47.80
N MET A 203 21.94 12.57 -47.97
CA MET A 203 21.23 11.75 -47.02
C MET A 203 21.22 10.28 -47.46
N VAL A 204 21.27 9.39 -46.47
CA VAL A 204 21.20 7.94 -46.64
C VAL A 204 20.15 7.40 -45.70
N ASP A 205 19.00 7.00 -46.25
CA ASP A 205 17.94 6.37 -45.45
C ASP A 205 18.27 4.91 -45.15
N ASN A 206 18.49 4.59 -43.85
CA ASN A 206 18.66 3.20 -43.42
C ASN A 206 17.53 2.29 -43.87
N GLU A 207 16.34 2.84 -44.05
CA GLU A 207 15.27 2.06 -44.63
C GLU A 207 15.62 1.60 -46.03
N ALA A 208 16.16 2.51 -46.85
CA ALA A 208 16.53 2.09 -48.19
C ALA A 208 17.73 1.13 -48.13
N ILE A 209 18.79 1.47 -47.40
CA ILE A 209 19.99 0.64 -47.36
CA ILE A 209 19.99 0.63 -47.41
C ILE A 209 19.66 -0.73 -46.84
N TYR A 210 18.72 -0.79 -45.88
CA TYR A 210 18.40 -2.07 -45.26
C TYR A 210 17.79 -3.02 -46.28
N ASP A 211 16.78 -2.54 -47.02
CA ASP A 211 16.11 -3.34 -48.02
C ASP A 211 17.05 -3.71 -49.17
N ILE A 212 17.92 -2.79 -49.55
CA ILE A 212 18.95 -3.06 -50.55
C ILE A 212 19.82 -4.25 -50.13
N CYS A 213 20.15 -4.34 -48.84
CA CYS A 213 20.95 -5.48 -48.37
C CYS A 213 20.13 -6.76 -48.34
N ARG A 214 18.87 -6.69 -47.90
CA ARG A 214 18.04 -7.89 -48.02
C ARG A 214 17.90 -8.34 -49.46
N ARG A 215 17.83 -7.41 -50.40
CA ARG A 215 17.43 -7.71 -51.77
C ARG A 215 18.58 -8.20 -52.62
N ASN A 216 19.62 -7.36 -52.72
CA ASN A 216 20.71 -7.68 -53.61
C ASN A 216 21.66 -8.64 -52.92
N LEU A 217 21.93 -8.42 -51.65
CA LEU A 217 22.83 -9.29 -50.92
C LEU A 217 22.13 -10.48 -50.28
N ASP A 218 20.79 -10.55 -50.34
CA ASP A 218 20.03 -11.69 -49.80
C ASP A 218 20.27 -11.88 -48.31
N ILE A 219 20.36 -10.77 -47.59
CA ILE A 219 20.59 -10.80 -46.15
C ILE A 219 19.24 -10.65 -45.46
N GLU A 220 18.91 -11.56 -44.57
CA GLU A 220 17.60 -11.50 -43.94
C GLU A 220 17.49 -10.31 -42.98
N ARG A 221 18.49 -10.17 -42.11
CA ARG A 221 18.51 -9.11 -41.12
C ARG A 221 19.84 -8.37 -41.25
N PRO A 222 19.99 -7.53 -42.27
CA PRO A 222 21.19 -6.70 -42.37
C PRO A 222 21.57 -6.14 -41.01
N THR A 223 22.84 -6.27 -40.67
CA THR A 223 23.35 -5.62 -39.49
C THR A 223 23.87 -4.25 -39.89
N TYR A 224 24.20 -3.46 -38.87
CA TYR A 224 24.77 -2.13 -39.13
C TYR A 224 25.99 -2.30 -40.03
N THR A 225 26.71 -3.43 -39.85
CA THR A 225 27.95 -3.69 -40.58
C THR A 225 27.68 -3.79 -42.06
N ASN A 226 26.71 -4.60 -42.42
CA ASN A 226 26.30 -4.61 -43.80
C ASN A 226 26.00 -3.18 -44.24
N LEU A 227 25.11 -2.51 -43.53
CA LEU A 227 24.65 -1.21 -43.98
C LEU A 227 25.80 -0.24 -44.19
N ASN A 228 26.71 -0.17 -43.20
CA ASN A 228 27.89 0.70 -43.26
C ASN A 228 28.82 0.35 -44.41
N ARG A 229 28.97 -0.94 -44.72
CA ARG A 229 29.82 -1.32 -45.85
C ARG A 229 29.25 -0.78 -47.15
N LEU A 230 27.98 -1.07 -47.41
CA LEU A 230 27.35 -0.51 -48.58
C LEU A 230 27.51 1.03 -48.61
N ILE A 231 27.22 1.71 -47.49
CA ILE A 231 27.40 3.17 -47.42
C ILE A 231 28.85 3.58 -47.72
N SER A 232 29.82 2.81 -47.21
CA SER A 232 31.21 3.15 -47.48
C SER A 232 31.52 3.08 -48.97
N GLN A 233 31.02 2.03 -49.65
CA GLN A 233 31.15 1.97 -51.11
C GLN A 233 30.64 3.24 -51.76
N ILE A 234 29.49 3.74 -51.29
CA ILE A 234 28.89 4.95 -51.84
C ILE A 234 29.70 6.17 -51.51
N VAL A 235 30.18 6.26 -50.27
CA VAL A 235 31.00 7.38 -49.92
C VAL A 235 32.26 7.36 -50.76
N SER A 236 32.91 6.18 -50.84
CA SER A 236 34.11 6.03 -51.67
C SER A 236 33.89 6.50 -53.10
N SER A 237 32.75 6.15 -53.70
CA SER A 237 32.47 6.67 -55.02
C SER A 237 32.46 8.19 -55.02
N ILE A 238 31.95 8.80 -53.96
CA ILE A 238 31.85 10.25 -54.03
C ILE A 238 33.18 10.86 -53.68
N THR A 239 33.82 10.34 -52.65
CA THR A 239 35.11 10.84 -52.22
C THR A 239 36.21 10.50 -53.21
N ALA A 240 35.98 9.62 -54.18
CA ALA A 240 37.07 9.20 -55.06
C ALA A 240 37.55 10.35 -55.97
N SER A 241 36.69 11.29 -56.35
CA SER A 241 37.17 12.47 -57.08
C SER A 241 38.14 13.32 -56.24
N LEU A 242 37.97 13.36 -54.92
CA LEU A 242 38.91 14.04 -54.04
C LEU A 242 40.17 13.22 -53.74
N ARG A 243 40.09 11.90 -53.74
CA ARG A 243 41.20 11.04 -53.34
C ARG A 243 42.06 10.56 -54.49
N PHE A 244 41.67 10.82 -55.72
CA PHE A 244 42.35 10.32 -56.91
C PHE A 244 42.34 11.44 -57.94
N ASP A 245 43.18 11.31 -58.97
CA ASP A 245 43.31 12.38 -59.95
C ASP A 245 42.11 12.35 -60.89
N GLY A 246 41.46 13.48 -61.05
CA GLY A 246 40.27 13.53 -61.88
C GLY A 246 39.88 14.96 -62.13
N ALA A 247 39.05 15.14 -63.16
CA ALA A 247 38.57 16.45 -63.57
C ALA A 247 37.16 16.75 -63.06
N LEU A 248 36.48 15.77 -62.47
CA LEU A 248 35.12 15.97 -62.01
C LEU A 248 35.15 15.98 -60.49
N ASN A 249 34.64 17.03 -59.87
CA ASN A 249 34.54 17.05 -58.41
C ASN A 249 35.92 16.82 -57.80
N VAL A 250 36.92 17.60 -58.26
CA VAL A 250 38.30 17.38 -57.80
C VAL A 250 38.53 18.11 -56.48
N ASP A 251 37.74 19.16 -56.21
CA ASP A 251 37.72 19.82 -54.90
C ASP A 251 36.29 19.95 -54.36
N LEU A 252 36.14 20.10 -53.03
CA LEU A 252 34.80 20.13 -52.43
C LEU A 252 33.89 21.15 -53.12
N THR A 253 34.47 22.25 -53.58
CA THR A 253 33.63 23.22 -54.26
C THR A 253 32.99 22.65 -55.50
N GLU A 254 33.68 21.76 -56.21
CA GLU A 254 33.10 21.24 -57.44
C GLU A 254 31.76 20.53 -57.16
N PHE A 255 31.59 19.91 -55.97
CA PHE A 255 30.33 19.22 -55.64
C PHE A 255 29.14 20.20 -55.57
N GLN A 256 29.32 21.34 -54.88
CA GLN A 256 28.27 22.35 -54.78
C GLN A 256 28.01 23.00 -56.12
N THR A 257 29.08 23.35 -56.84
CA THR A 257 28.95 23.99 -58.15
C THR A 257 28.21 23.11 -59.13
N ASN A 258 28.49 21.81 -59.14
CA ASN A 258 27.92 20.91 -60.11
C ASN A 258 26.60 20.31 -59.71
N LEU A 259 26.22 20.42 -58.44
CA LEU A 259 25.09 19.67 -57.95
C LEU A 259 24.10 20.55 -57.19
N VAL A 260 24.58 21.66 -56.63
CA VAL A 260 23.66 22.43 -55.82
C VAL A 260 23.39 23.74 -56.55
N PRO A 261 22.23 23.87 -57.19
CA PRO A 261 21.88 25.18 -57.78
C PRO A 261 21.50 26.22 -56.73
N TYR A 262 20.72 25.84 -55.70
CA TYR A 262 20.25 26.73 -54.66
C TYR A 262 20.68 26.23 -53.29
N PRO A 263 21.13 27.13 -52.42
CA PRO A 263 21.74 26.69 -51.15
C PRO A 263 20.84 25.79 -50.32
N ARG A 264 19.56 26.15 -50.20
CA ARG A 264 18.59 25.36 -49.44
C ARG A 264 18.39 24.00 -50.08
N ILE A 265 18.37 23.95 -51.40
CA ILE A 265 18.25 22.66 -52.02
C ILE A 265 19.64 22.08 -52.20
N HIS A 266 20.35 21.84 -51.09
CA HIS A 266 21.66 21.19 -51.16
C HIS A 266 21.59 19.70 -50.88
N PHE A 267 20.42 19.07 -51.00
CA PHE A 267 20.31 17.65 -50.73
C PHE A 267 20.16 16.88 -52.05
N PRO A 268 21.27 16.34 -52.62
CA PRO A 268 21.16 15.51 -53.84
C PRO A 268 20.88 14.04 -53.59
N LEU A 269 19.88 13.49 -54.28
CA LEU A 269 19.62 12.06 -54.21
C LEU A 269 20.79 11.28 -54.80
N ALA A 270 21.20 10.20 -54.10
CA ALA A 270 22.22 9.27 -54.60
C ALA A 270 21.59 7.95 -55.04
N THR A 271 22.15 7.37 -56.12
CA THR A 271 21.76 6.07 -56.65
C THR A 271 23.02 5.36 -57.15
N TYR A 272 23.20 4.08 -56.77
CA TYR A 272 24.42 3.32 -56.99
C TYR A 272 24.07 2.00 -57.67
N ALA A 273 24.97 1.49 -58.51
CA ALA A 273 24.78 0.22 -59.24
C ALA A 273 26.16 -0.28 -59.63
N PRO A 274 26.37 -1.61 -59.61
CA PRO A 274 25.40 -2.65 -59.28
C PRO A 274 25.80 -3.24 -57.95
N VAL A 275 24.82 -3.61 -57.13
CA VAL A 275 25.04 -4.21 -55.82
C VAL A 275 24.86 -5.70 -56.01
N ILE A 276 25.95 -6.44 -55.93
CA ILE A 276 25.92 -7.87 -56.22
C ILE A 276 26.33 -8.60 -54.95
N SER A 277 25.70 -9.75 -54.72
CA SER A 277 25.99 -10.62 -53.60
C SER A 277 27.27 -11.41 -53.81
N ALA A 278 28.19 -11.30 -52.87
CA ALA A 278 29.44 -12.05 -52.99
C ALA A 278 29.21 -13.56 -52.86
N GLU A 279 28.16 -13.97 -52.15
CA GLU A 279 27.86 -15.39 -52.02
C GLU A 279 27.63 -16.05 -53.39
N LYS A 280 27.02 -15.34 -54.34
CA LYS A 280 26.84 -15.83 -55.70
C LYS A 280 28.20 -16.00 -56.40
N ALA A 281 28.51 -17.24 -56.83
CA ALA A 281 29.82 -17.55 -57.39
C ALA A 281 30.02 -16.88 -58.76
N TYR A 282 28.99 -16.93 -59.59
CA TYR A 282 28.98 -16.29 -60.89
C TYR A 282 27.86 -15.25 -60.95
N HIS A 283 28.21 -14.05 -61.40
CA HIS A 283 27.30 -12.91 -61.50
C HIS A 283 27.34 -12.37 -62.92
N GLU A 284 26.17 -12.09 -63.47
CA GLU A 284 26.13 -11.53 -64.81
C GLU A 284 26.78 -10.15 -64.77
N GLN A 285 27.68 -9.90 -65.72
CA GLN A 285 28.43 -8.65 -65.78
C GLN A 285 27.54 -7.58 -66.41
N LEU A 286 26.99 -6.67 -65.59
CA LEU A 286 26.07 -5.67 -66.15
C LEU A 286 26.80 -4.66 -67.00
N SER A 287 26.15 -4.17 -68.05
CA SER A 287 26.86 -3.30 -68.97
C SER A 287 26.84 -1.87 -68.47
N VAL A 288 27.59 -1.01 -69.19
CA VAL A 288 27.56 0.42 -68.90
C VAL A 288 26.13 0.95 -69.07
N ALA A 289 25.43 0.50 -70.10
CA ALA A 289 24.05 0.96 -70.24
C ALA A 289 23.20 0.46 -69.09
N GLU A 290 23.37 -0.81 -68.70
CA GLU A 290 22.59 -1.40 -67.60
C GLU A 290 22.78 -0.66 -66.28
N ILE A 291 24.02 -0.64 -65.75
CA ILE A 291 24.25 0.16 -64.56
C ILE A 291 23.68 1.56 -64.74
N THR A 292 23.94 2.19 -65.90
CA THR A 292 23.44 3.56 -66.08
C THR A 292 21.94 3.60 -65.92
N ASN A 293 21.24 2.63 -66.47
CA ASN A 293 19.80 2.64 -66.32
C ASN A 293 19.40 2.35 -64.88
N ALA A 294 20.07 1.39 -64.21
CA ALA A 294 19.71 1.10 -62.83
C ALA A 294 19.67 2.34 -61.95
N CYS A 295 20.60 3.29 -62.16
CA CYS A 295 20.55 4.60 -61.50
C CYS A 295 19.20 5.26 -61.50
N PHE A 296 18.35 4.99 -62.48
CA PHE A 296 17.05 5.65 -62.56
C PHE A 296 15.95 4.82 -61.94
N GLU A 297 16.30 3.76 -61.20
CA GLU A 297 15.38 2.90 -60.47
C GLU A 297 15.34 3.30 -59.01
N PRO A 298 14.16 3.47 -58.42
CA PRO A 298 14.11 3.88 -57.02
C PRO A 298 14.75 2.86 -56.08
N ALA A 299 14.69 1.56 -56.39
CA ALA A 299 15.29 0.54 -55.52
C ALA A 299 16.76 0.81 -55.26
N ASN A 300 17.43 1.45 -56.19
CA ASN A 300 18.85 1.64 -56.03
C ASN A 300 19.14 3.04 -55.52
N GLN A 301 18.14 3.70 -54.99
CA GLN A 301 18.34 5.01 -54.43
C GLN A 301 18.60 4.87 -52.97
N MET A 302 19.36 5.79 -52.41
CA MET A 302 19.68 5.74 -51.01
C MET A 302 18.56 6.35 -50.20
N VAL A 303 17.65 7.04 -50.88
CA VAL A 303 16.53 7.64 -50.21
C VAL A 303 15.30 7.43 -51.04
N LYS A 304 14.45 6.50 -50.65
CA LYS A 304 13.27 6.16 -51.44
C LYS A 304 12.46 7.38 -51.79
N CYS A 305 12.03 7.47 -53.04
CA CYS A 305 11.30 8.63 -53.53
C CYS A 305 11.15 8.43 -55.01
N ASP A 306 10.20 9.11 -55.60
CA ASP A 306 9.87 8.80 -56.98
C ASP A 306 10.37 9.95 -57.82
N PRO A 307 11.50 9.83 -58.50
CA PRO A 307 12.01 10.98 -59.27
C PRO A 307 11.12 11.30 -60.46
N ARG A 308 10.24 10.37 -60.88
CA ARG A 308 9.38 10.62 -62.03
C ARG A 308 8.48 11.82 -61.81
N HIS A 309 8.18 12.14 -60.55
CA HIS A 309 7.32 13.26 -60.22
C HIS A 309 8.09 14.45 -59.69
N GLY A 310 9.36 14.51 -60.00
CA GLY A 310 10.16 15.68 -59.70
C GLY A 310 11.06 16.03 -60.86
N LYS A 311 11.24 17.34 -61.04
CA LYS A 311 12.18 17.94 -61.95
C LYS A 311 13.60 17.71 -61.44
N TYR A 312 14.55 17.72 -62.35
CA TYR A 312 15.97 17.61 -62.06
C TYR A 312 16.64 18.97 -62.19
N MET A 313 17.51 19.27 -61.26
CA MET A 313 18.36 20.47 -61.32
C MET A 313 19.80 20.21 -61.70
N ALA A 314 20.29 19.00 -61.59
CA ALA A 314 21.62 18.68 -62.04
C ALA A 314 21.75 17.20 -61.81
N CYS A 315 22.60 16.60 -62.57
CA CYS A 315 22.82 15.17 -62.53
CA CYS A 315 22.83 15.18 -62.52
C CYS A 315 24.24 14.88 -62.99
N CYS A 316 24.89 14.01 -62.26
CA CYS A 316 26.27 13.61 -62.48
CA CYS A 316 26.28 13.60 -62.46
C CYS A 316 26.36 12.09 -62.34
N LEU A 317 27.05 11.45 -63.26
CA LEU A 317 27.23 10.00 -63.23
C LEU A 317 28.71 9.74 -62.99
N LEU A 318 29.04 8.88 -62.02
CA LEU A 318 30.41 8.59 -61.65
C LEU A 318 30.64 7.10 -61.80
N TYR A 319 31.35 6.69 -62.86
CA TYR A 319 31.58 5.28 -63.19
C TYR A 319 32.95 4.87 -62.66
N ARG A 320 33.03 3.64 -62.16
CA ARG A 320 34.28 3.10 -61.62
C ARG A 320 34.38 1.70 -62.20
N GLY A 321 35.39 1.46 -63.00
CA GLY A 321 35.62 0.15 -63.58
C GLY A 321 35.97 0.29 -65.04
N ASP A 322 35.58 -0.72 -65.80
CA ASP A 322 35.80 -0.71 -67.24
C ASP A 322 34.58 -0.03 -67.85
N VAL A 323 34.70 1.28 -68.11
CA VAL A 323 33.64 2.11 -68.65
C VAL A 323 34.28 3.08 -69.62
N VAL A 324 33.65 3.31 -70.75
CA VAL A 324 34.21 4.19 -71.77
C VAL A 324 33.21 5.32 -71.99
N PRO A 325 33.65 6.43 -72.54
CA PRO A 325 32.69 7.53 -72.80
C PRO A 325 31.56 7.11 -73.73
N LYS A 326 31.86 6.39 -74.82
CA LYS A 326 30.83 6.00 -75.79
C LYS A 326 29.73 5.19 -75.14
N ASP A 327 30.11 4.19 -74.34
CA ASP A 327 29.13 3.41 -73.59
C ASP A 327 28.20 4.32 -72.80
N VAL A 328 28.78 5.24 -72.05
CA VAL A 328 28.00 6.17 -71.26
C VAL A 328 27.02 6.95 -72.15
N ASN A 329 27.52 7.51 -73.26
CA ASN A 329 26.63 8.28 -74.15
C ASN A 329 25.49 7.41 -74.67
N ALA A 330 25.81 6.20 -75.15
CA ALA A 330 24.77 5.30 -75.64
C ALA A 330 23.72 5.04 -74.57
N ALA A 331 24.16 4.56 -73.40
CA ALA A 331 23.21 4.32 -72.31
C ALA A 331 22.38 5.55 -72.01
N ILE A 332 23.02 6.73 -71.91
CA ILE A 332 22.24 7.96 -71.68
C ILE A 332 21.13 8.07 -72.70
N ALA A 333 21.49 7.96 -73.98
CA ALA A 333 20.53 8.18 -75.04
C ALA A 333 19.35 7.22 -74.93
N THR A 334 19.66 5.92 -74.86
CA THR A 334 18.65 4.87 -74.69
C THR A 334 17.75 5.18 -73.51
N ILE A 335 18.34 5.36 -72.34
CA ILE A 335 17.57 5.66 -71.14
C ILE A 335 16.70 6.90 -71.36
N LYS A 336 17.27 7.98 -71.91
CA LYS A 336 16.49 9.21 -72.08
C LYS A 336 15.21 8.98 -72.88
N THR A 337 15.31 8.21 -73.96
CA THR A 337 14.13 7.92 -74.79
C THR A 337 13.09 7.14 -74.00
N LYS A 338 13.50 6.18 -73.16
CA LYS A 338 12.54 5.34 -72.46
C LYS A 338 12.41 5.71 -70.98
N ARG A 339 12.82 6.92 -70.61
CA ARG A 339 12.75 7.36 -69.22
C ARG A 339 12.03 8.70 -69.13
N SER A 340 11.35 8.89 -68.00
CA SER A 340 10.58 10.10 -67.72
C SER A 340 11.46 11.07 -66.92
N ILE A 341 12.49 11.56 -67.63
CA ILE A 341 13.50 12.47 -67.11
C ILE A 341 13.16 13.88 -67.58
N GLN A 342 12.98 14.80 -66.61
CA GLN A 342 12.61 16.19 -66.86
C GLN A 342 13.45 17.09 -65.96
N PHE A 343 14.16 18.04 -66.57
CA PHE A 343 14.97 19.04 -65.89
C PHE A 343 14.21 20.35 -65.81
N VAL A 344 14.49 21.13 -64.76
CA VAL A 344 13.91 22.46 -64.66
C VAL A 344 14.36 23.28 -65.88
N ASP A 345 13.54 24.24 -66.28
CA ASP A 345 13.88 25.08 -67.44
C ASP A 345 15.14 25.88 -67.20
N TRP A 346 15.29 26.47 -66.02
CA TRP A 346 16.49 27.24 -65.72
C TRP A 346 17.77 26.39 -65.73
N CYS A 347 17.67 25.05 -65.93
CA CYS A 347 18.80 24.13 -66.00
C CYS A 347 18.92 23.40 -67.33
N PRO A 348 20.13 23.23 -67.84
CA PRO A 348 20.32 22.48 -69.08
C PRO A 348 20.17 21.00 -68.80
N THR A 349 19.65 20.29 -69.79
CA THR A 349 19.51 18.85 -69.67
C THR A 349 20.84 18.24 -70.05
N GLY A 350 21.61 17.86 -69.05
CA GLY A 350 22.91 17.28 -69.31
C GLY A 350 23.31 16.45 -68.11
N PHE A 351 24.38 15.69 -68.32
CA PHE A 351 24.95 14.80 -67.30
C PHE A 351 26.46 14.91 -67.39
N LYS A 352 27.08 15.43 -66.32
CA LYS A 352 28.52 15.43 -66.21
C LYS A 352 28.92 14.02 -65.83
N VAL A 353 29.80 13.40 -66.61
CA VAL A 353 30.17 12.02 -66.40
C VAL A 353 31.66 12.05 -66.07
N GLY A 354 31.99 11.50 -64.92
CA GLY A 354 33.33 11.09 -64.59
C GLY A 354 33.38 9.57 -64.55
N ILE A 355 34.50 9.04 -65.00
CA ILE A 355 34.83 7.62 -65.05
C ILE A 355 36.24 7.44 -64.52
N ASN A 356 36.38 6.60 -63.49
CA ASN A 356 37.66 6.19 -62.95
CA ASN A 356 37.66 6.18 -62.94
C ASN A 356 38.01 4.81 -63.47
N TYR A 357 39.13 4.69 -64.19
CA TYR A 357 39.52 3.38 -64.70
C TYR A 357 39.67 2.34 -63.59
N GLN A 358 39.90 2.80 -62.36
CA GLN A 358 40.11 1.86 -61.26
C GLN A 358 38.79 1.20 -60.90
N PRO A 359 38.73 -0.12 -60.76
CA PRO A 359 37.45 -0.77 -60.57
C PRO A 359 36.97 -0.62 -59.13
N PRO A 360 35.69 -0.90 -58.89
CA PRO A 360 35.20 -0.90 -57.51
C PRO A 360 35.97 -1.89 -56.65
N THR A 361 36.17 -1.48 -55.39
CA THR A 361 36.92 -2.23 -54.37
C THR A 361 35.93 -2.70 -53.31
N VAL A 362 35.94 -4.00 -53.00
CA VAL A 362 35.04 -4.64 -52.06
C VAL A 362 35.90 -5.22 -50.92
N VAL A 363 35.43 -5.08 -49.68
CA VAL A 363 36.28 -5.51 -48.53
C VAL A 363 36.36 -7.04 -48.51
N PRO A 364 37.48 -7.64 -48.17
CA PRO A 364 37.57 -9.11 -48.18
C PRO A 364 36.62 -9.76 -47.17
N GLY A 365 36.02 -10.86 -47.62
CA GLY A 365 34.95 -11.52 -46.93
C GLY A 365 33.66 -10.74 -46.80
N GLY A 366 33.52 -9.60 -47.47
CA GLY A 366 32.28 -8.88 -47.40
C GLY A 366 31.16 -9.59 -48.17
N ASP A 367 29.92 -9.20 -47.91
CA ASP A 367 28.81 -9.77 -48.68
C ASP A 367 28.63 -9.10 -50.05
N LEU A 368 29.46 -8.09 -50.38
CA LEU A 368 29.44 -7.47 -51.70
C LEU A 368 30.46 -8.14 -52.61
N ALA A 369 29.98 -8.71 -53.71
CA ALA A 369 30.86 -9.29 -54.72
C ALA A 369 31.52 -8.20 -55.53
N LYS A 370 32.80 -8.41 -55.83
CA LYS A 370 33.57 -7.52 -56.67
C LYS A 370 32.96 -7.46 -58.07
N VAL A 371 32.86 -6.25 -58.63
CA VAL A 371 32.26 -6.04 -59.94
C VAL A 371 33.30 -5.38 -60.84
N GLN A 372 33.12 -5.47 -62.17
CA GLN A 372 34.13 -4.95 -63.09
C GLN A 372 33.82 -3.51 -63.49
N ARG A 373 32.61 -3.06 -63.18
CA ARG A 373 32.24 -1.68 -63.39
C ARG A 373 31.05 -1.35 -62.49
N ALA A 374 30.92 -0.06 -62.20
CA ALA A 374 29.86 0.44 -61.36
C ALA A 374 29.68 1.92 -61.66
N VAL A 375 28.55 2.47 -61.24
CA VAL A 375 28.19 3.87 -61.44
C VAL A 375 27.38 4.28 -60.22
N CYS A 376 27.53 5.54 -59.83
CA CYS A 376 26.82 6.12 -58.70
C CYS A 376 26.35 7.50 -59.13
N MET A 377 25.03 7.72 -59.20
CA MET A 377 24.49 8.95 -59.78
C MET A 377 24.02 9.91 -58.69
N LEU A 378 24.47 11.17 -58.77
CA LEU A 378 24.19 12.22 -57.80
C LEU A 378 23.30 13.22 -58.49
N SER A 379 22.02 13.19 -58.20
CA SER A 379 21.10 14.04 -58.92
C SER A 379 20.26 14.84 -57.94
N ASN A 380 20.02 16.10 -58.25
CA ASN A 380 19.27 16.98 -57.36
C ASN A 380 17.87 17.06 -57.95
N THR A 381 16.93 16.25 -57.44
CA THR A 381 15.52 16.18 -57.83
C THR A 381 14.67 16.74 -56.70
N THR A 382 13.54 17.36 -57.06
CA THR A 382 12.59 17.80 -56.05
C THR A 382 12.02 16.61 -55.28
N ALA A 383 12.02 15.43 -55.88
CA ALA A 383 11.44 14.26 -55.23
C ALA A 383 12.04 13.99 -53.86
N ILE A 384 13.25 14.47 -53.59
CA ILE A 384 13.84 14.23 -52.28
C ILE A 384 12.96 14.87 -51.21
N ALA A 385 12.22 15.93 -51.55
CA ALA A 385 11.39 16.58 -50.54
C ALA A 385 10.35 15.65 -49.94
N GLU A 386 10.04 14.53 -50.62
CA GLU A 386 9.15 13.53 -50.02
C GLU A 386 9.67 13.10 -48.65
N ALA A 387 10.95 12.72 -48.57
CA ALA A 387 11.50 12.29 -47.29
C ALA A 387 11.38 13.40 -46.25
N TRP A 388 11.41 14.65 -46.65
CA TRP A 388 11.22 15.68 -45.64
C TRP A 388 9.81 15.59 -45.10
N ALA A 389 8.84 15.48 -46.00
CA ALA A 389 7.46 15.39 -45.58
C ALA A 389 7.28 14.39 -44.49
N ARG A 390 7.60 13.15 -44.78
CA ARG A 390 7.43 12.10 -43.82
C ARG A 390 7.91 12.56 -42.48
N LEU A 391 9.20 12.85 -42.36
CA LEU A 391 9.72 13.19 -41.05
C LEU A 391 8.84 14.29 -40.49
N ASP A 392 8.59 15.30 -41.29
CA ASP A 392 7.80 16.41 -40.79
C ASP A 392 6.52 15.89 -40.19
N HIS A 393 5.76 15.13 -40.96
CA HIS A 393 4.49 14.63 -40.46
C HIS A 393 4.69 14.05 -39.09
N LYS A 394 5.63 13.13 -38.97
CA LYS A 394 5.84 12.50 -37.69
C LYS A 394 5.95 13.55 -36.63
N PHE A 395 6.93 14.41 -36.75
CA PHE A 395 7.10 15.49 -35.80
C PHE A 395 5.74 15.99 -35.37
N ASP A 396 5.03 16.58 -36.30
CA ASP A 396 3.73 17.13 -35.99
C ASP A 396 2.97 16.23 -35.07
N LEU A 397 2.71 15.01 -35.49
CA LEU A 397 1.87 14.13 -34.66
C LEU A 397 2.35 14.09 -33.21
N MET A 398 3.65 14.00 -33.00
CA MET A 398 4.12 14.11 -31.63
C MET A 398 4.02 15.54 -31.13
N TYR A 399 4.34 16.53 -31.95
CA TYR A 399 4.39 17.86 -31.35
C TYR A 399 3.01 18.39 -30.97
N ALA A 400 1.95 17.84 -31.57
CA ALA A 400 0.59 18.31 -31.24
C ALA A 400 0.22 18.01 -29.80
N LYS A 401 0.72 16.88 -29.27
CA LYS A 401 0.58 16.54 -27.87
C LYS A 401 1.74 17.05 -27.06
N ARG A 402 2.75 17.63 -27.69
CA ARG A 402 3.95 18.09 -27.03
C ARG A 402 4.64 16.92 -26.36
N ALA A 403 4.35 15.74 -26.84
CA ALA A 403 4.96 14.57 -26.29
C ALA A 403 6.45 14.68 -26.28
N PHE A 404 7.06 14.20 -25.21
CA PHE A 404 8.52 14.16 -25.13
C PHE A 404 9.24 15.49 -25.23
N VAL A 405 8.50 16.58 -25.31
CA VAL A 405 9.15 17.87 -25.35
C VAL A 405 9.87 18.15 -24.05
N HIS A 406 9.21 17.90 -22.94
CA HIS A 406 9.83 18.24 -21.66
C HIS A 406 11.30 17.92 -21.60
N TRP A 407 11.68 16.73 -22.01
CA TRP A 407 13.07 16.34 -21.89
C TRP A 407 13.94 17.40 -22.45
N TYR A 408 13.62 17.83 -23.65
CA TYR A 408 14.41 18.85 -24.31
C TYR A 408 14.34 20.11 -23.51
N VAL A 409 13.14 20.63 -23.32
CA VAL A 409 12.98 21.81 -22.47
C VAL A 409 13.84 21.76 -21.22
N GLY A 410 13.80 20.65 -20.50
CA GLY A 410 14.67 20.50 -19.36
C GLY A 410 16.13 20.75 -19.65
N GLU A 411 16.59 20.55 -20.89
CA GLU A 411 18.00 20.75 -21.15
C GLU A 411 18.35 22.22 -21.35
N GLY A 412 17.37 23.11 -21.12
CA GLY A 412 17.51 24.51 -21.34
C GLY A 412 16.91 24.99 -22.64
N MET A 413 16.67 24.08 -23.58
CA MET A 413 16.05 24.48 -24.83
C MET A 413 14.65 25.02 -24.57
N GLU A 414 14.06 25.66 -25.57
CA GLU A 414 12.75 26.27 -25.42
C GLU A 414 11.75 25.72 -26.40
N GLU A 415 10.49 25.67 -26.00
CA GLU A 415 9.54 25.02 -26.90
C GLU A 415 9.41 25.79 -28.21
N GLY A 416 9.75 27.07 -28.24
CA GLY A 416 9.66 27.82 -29.49
C GLY A 416 10.51 27.22 -30.58
N GLU A 417 11.73 26.77 -30.21
CA GLU A 417 12.63 26.24 -31.22
C GLU A 417 11.99 25.12 -32.03
N PHE A 418 11.18 24.25 -31.42
CA PHE A 418 10.42 23.28 -32.23
C PHE A 418 9.68 23.95 -33.36
N SER A 419 8.95 25.02 -33.06
CA SER A 419 8.17 25.69 -34.10
C SER A 419 9.09 26.31 -35.15
N GLU A 420 10.14 27.01 -34.70
CA GLU A 420 11.09 27.57 -35.64
C GLU A 420 11.59 26.51 -36.61
N ALA A 421 12.27 25.47 -36.09
CA ALA A 421 12.73 24.40 -36.96
C ALA A 421 11.59 23.85 -37.84
N ARG A 422 10.36 23.75 -37.33
CA ARG A 422 9.30 23.13 -38.14
C ARG A 422 8.86 24.04 -39.28
N GLU A 423 8.76 25.35 -39.02
CA GLU A 423 8.50 26.32 -40.08
C GLU A 423 9.53 26.26 -41.18
N ASP A 424 10.80 26.18 -40.78
CA ASP A 424 11.89 26.20 -41.73
C ASP A 424 11.80 24.98 -42.66
N MET A 425 11.67 23.77 -42.08
CA MET A 425 11.33 22.60 -42.89
C MET A 425 10.11 22.86 -43.78
N ALA A 426 9.09 23.54 -43.26
CA ALA A 426 7.92 23.76 -44.08
C ALA A 426 8.23 24.70 -45.26
N ALA A 427 9.01 25.77 -45.02
CA ALA A 427 9.53 26.56 -46.13
C ALA A 427 10.32 25.70 -47.10
N LEU A 428 11.32 24.96 -46.60
CA LEU A 428 12.13 24.12 -47.49
C LEU A 428 11.28 23.19 -48.32
N GLU A 429 10.16 22.71 -47.79
CA GLU A 429 9.27 21.85 -48.57
C GLU A 429 8.52 22.64 -49.65
N LYS A 430 8.27 23.93 -49.39
CA LYS A 430 7.62 24.77 -50.39
C LYS A 430 8.57 25.11 -51.52
N ASP A 431 9.82 25.41 -51.17
CA ASP A 431 10.86 25.66 -52.16
C ASP A 431 11.02 24.48 -53.11
N TYR A 432 11.07 23.26 -52.57
CA TYR A 432 11.19 22.10 -53.45
C TYR A 432 10.02 22.04 -54.41
N GLU A 433 8.82 22.32 -53.91
CA GLU A 433 7.63 22.24 -54.74
C GLU A 433 7.60 23.34 -55.79
N GLU A 434 8.16 24.50 -55.47
CA GLU A 434 8.24 25.58 -56.45
C GLU A 434 9.20 25.22 -57.56
N VAL A 435 10.40 24.78 -57.20
CA VAL A 435 11.39 24.47 -58.22
C VAL A 435 10.85 23.38 -59.17
N GLY A 436 10.25 22.34 -58.61
CA GLY A 436 9.84 21.22 -59.46
C GLY A 436 8.37 21.12 -59.83
N VAL A 437 7.51 20.96 -58.83
CA VAL A 437 6.07 20.95 -59.07
C VAL A 437 5.73 22.14 -59.95
N ASP A 438 4.96 21.90 -61.01
CA ASP A 438 4.53 22.99 -61.89
C ASP A 438 3.11 23.44 -61.52
N ARG B 2 28.79 3.66 -16.06
CA ARG B 2 27.37 3.85 -15.78
C ARG B 2 26.90 2.83 -14.75
N GLU B 3 27.45 2.96 -13.54
CA GLU B 3 27.04 2.13 -12.42
C GLU B 3 25.64 2.52 -11.96
N ILE B 4 24.92 1.54 -11.42
CA ILE B 4 23.59 1.76 -10.86
C ILE B 4 23.61 1.39 -9.39
N VAL B 5 23.26 2.35 -8.55
CA VAL B 5 23.23 2.15 -7.12
C VAL B 5 21.85 1.62 -6.79
N HIS B 6 21.84 0.33 -6.50
CA HIS B 6 20.67 -0.36 -6.02
C HIS B 6 20.47 -0.13 -4.54
N ILE B 7 19.20 -0.01 -4.16
CA ILE B 7 18.75 0.34 -2.81
C ILE B 7 17.44 -0.38 -2.55
N GLN B 8 17.42 -1.17 -1.50
CA GLN B 8 16.26 -1.97 -1.14
C GLN B 8 15.88 -1.63 0.29
N ALA B 9 14.60 -1.34 0.51
CA ALA B 9 14.11 -0.92 1.82
C ALA B 9 12.89 -1.71 2.23
N GLY B 10 12.86 -2.08 3.50
CA GLY B 10 11.69 -2.69 4.08
C GLY B 10 11.71 -4.18 3.85
N GLN B 11 10.71 -4.85 4.42
CA GLN B 11 10.68 -6.31 4.33
C GLN B 11 10.60 -6.70 2.86
N CYS B 12 9.44 -6.42 2.25
CA CYS B 12 9.20 -6.74 0.85
C CYS B 12 10.35 -6.29 -0.05
N GLY B 13 10.63 -4.97 -0.08
CA GLY B 13 11.81 -4.48 -0.78
C GLY B 13 13.07 -5.32 -0.56
N ASN B 14 13.37 -5.68 0.70
CA ASN B 14 14.60 -6.46 0.93
C ASN B 14 14.47 -7.89 0.43
N GLN B 15 13.30 -8.50 0.58
CA GLN B 15 13.14 -9.87 0.07
C GLN B 15 13.27 -9.91 -1.46
N ILE B 16 12.49 -9.12 -2.20
CA ILE B 16 12.53 -9.19 -3.65
CA ILE B 16 12.53 -9.13 -3.64
C ILE B 16 13.92 -8.79 -4.13
N GLY B 17 14.50 -7.70 -3.56
CA GLY B 17 15.82 -7.27 -4.00
C GLY B 17 16.87 -8.36 -3.86
N ALA B 18 16.70 -9.20 -2.85
CA ALA B 18 17.69 -10.23 -2.55
C ALA B 18 17.68 -11.31 -3.61
N LYS B 19 16.49 -11.73 -4.02
CA LYS B 19 16.37 -12.64 -5.13
C LYS B 19 16.89 -12.02 -6.41
N PHE B 20 16.51 -10.77 -6.67
CA PHE B 20 17.01 -10.11 -7.87
C PHE B 20 18.52 -10.22 -7.97
N TRP B 21 19.20 -9.98 -6.86
CA TRP B 21 20.65 -10.11 -6.86
C TRP B 21 21.06 -11.55 -7.16
N GLU B 22 20.39 -12.50 -6.52
CA GLU B 22 20.74 -13.89 -6.73
C GLU B 22 20.59 -14.25 -8.19
N VAL B 23 19.43 -13.93 -8.76
CA VAL B 23 19.19 -14.23 -10.16
C VAL B 23 20.28 -13.61 -11.05
N ILE B 24 20.52 -12.30 -10.92
CA ILE B 24 21.43 -11.67 -11.89
C ILE B 24 22.85 -12.13 -11.61
N SER B 25 23.17 -12.47 -10.35
CA SER B 25 24.46 -13.11 -10.07
C SER B 25 24.59 -14.43 -10.80
N ASP B 26 23.58 -15.26 -10.74
CA ASP B 26 23.68 -16.47 -11.54
C ASP B 26 23.95 -16.10 -12.99
N GLU B 27 23.06 -15.32 -13.60
CA GLU B 27 23.21 -15.06 -15.02
C GLU B 27 24.59 -14.52 -15.36
N HIS B 28 25.16 -13.68 -14.50
CA HIS B 28 26.46 -13.08 -14.67
C HIS B 28 27.57 -13.96 -14.08
N GLY B 29 27.27 -15.22 -13.78
CA GLY B 29 28.22 -16.15 -13.23
C GLY B 29 29.02 -15.59 -12.06
N ILE B 30 28.30 -15.20 -11.03
CA ILE B 30 28.88 -14.78 -9.75
C ILE B 30 28.23 -15.71 -8.72
N ASP B 31 29.04 -16.35 -7.91
CA ASP B 31 28.56 -17.22 -6.86
C ASP B 31 28.43 -16.45 -5.56
N PRO B 32 27.99 -17.08 -4.48
CA PRO B 32 27.76 -16.32 -3.24
C PRO B 32 28.99 -15.63 -2.72
N THR B 33 30.17 -16.23 -2.88
CA THR B 33 31.44 -15.64 -2.44
C THR B 33 31.88 -14.41 -3.26
N GLY B 34 31.17 -14.05 -4.35
CA GLY B 34 31.56 -12.97 -5.23
C GLY B 34 32.50 -13.32 -6.36
N SER B 35 33.10 -14.51 -6.35
CA SER B 35 33.97 -14.94 -7.43
C SER B 35 33.15 -15.26 -8.67
N TYR B 36 33.85 -15.23 -9.81
CA TYR B 36 33.23 -15.42 -11.11
C TYR B 36 33.68 -16.74 -11.73
N HIS B 37 32.73 -17.48 -12.31
CA HIS B 37 33.06 -18.70 -13.02
C HIS B 37 32.27 -18.86 -14.31
N GLY B 38 31.79 -17.77 -14.90
CA GLY B 38 31.05 -17.90 -16.14
C GLY B 38 31.91 -18.35 -17.29
N ASP B 39 31.29 -19.04 -18.24
CA ASP B 39 31.95 -19.52 -19.46
C ASP B 39 31.98 -18.51 -20.61
N SER B 40 31.32 -17.37 -20.46
CA SER B 40 31.30 -16.35 -21.50
C SER B 40 31.65 -15.01 -20.91
N ASP B 41 32.41 -14.22 -21.68
CA ASP B 41 32.82 -12.89 -21.27
C ASP B 41 31.67 -11.89 -21.28
N LEU B 42 30.61 -12.15 -22.04
CA LEU B 42 29.43 -11.30 -21.97
C LEU B 42 29.09 -10.98 -20.53
N GLN B 43 29.13 -12.02 -19.70
CA GLN B 43 28.77 -11.85 -18.30
C GLN B 43 29.61 -10.79 -17.62
N LEU B 44 30.91 -10.81 -17.87
CA LEU B 44 31.76 -9.81 -17.27
C LEU B 44 31.80 -8.50 -18.05
N GLU B 45 31.18 -8.43 -19.20
CA GLU B 45 31.35 -7.23 -20.01
C GLU B 45 30.64 -6.03 -19.40
N ARG B 46 29.45 -6.18 -18.84
CA ARG B 46 28.82 -5.02 -18.23
C ARG B 46 28.47 -5.27 -16.76
N ILE B 47 29.21 -6.20 -16.13
CA ILE B 47 28.91 -6.58 -14.76
C ILE B 47 28.97 -5.34 -13.86
N ASN B 48 29.79 -4.35 -14.24
CA ASN B 48 29.95 -3.15 -13.41
CA ASN B 48 29.96 -3.17 -13.39
C ASN B 48 28.69 -2.32 -13.32
N VAL B 49 27.66 -2.65 -14.12
CA VAL B 49 26.42 -1.87 -14.02
C VAL B 49 25.80 -2.06 -12.62
N TYR B 50 25.86 -3.30 -12.06
CA TYR B 50 25.33 -3.65 -10.74
C TYR B 50 26.32 -4.27 -9.74
N TYR B 51 27.61 -4.34 -10.06
CA TYR B 51 28.63 -4.97 -9.23
C TYR B 51 29.88 -4.10 -9.28
N ASN B 52 30.70 -4.20 -8.23
CA ASN B 52 31.99 -3.51 -8.12
C ASN B 52 32.99 -4.59 -7.72
N GLU B 53 34.15 -4.60 -8.38
CA GLU B 53 35.21 -5.57 -8.08
C GLU B 53 36.23 -5.04 -7.09
N GLY B 56 40.40 -8.88 -4.75
CA GLY B 56 40.57 -10.28 -5.08
C GLY B 56 39.75 -10.78 -6.25
N ASN B 57 39.53 -9.90 -7.24
CA ASN B 57 38.78 -10.25 -8.45
C ASN B 57 37.43 -10.86 -8.10
N LYS B 58 36.72 -10.19 -7.19
CA LYS B 58 35.38 -10.58 -6.80
C LYS B 58 34.46 -9.39 -6.99
N TYR B 59 33.27 -9.69 -7.47
CA TYR B 59 32.27 -8.69 -7.73
C TYR B 59 31.37 -8.63 -6.50
N VAL B 60 31.11 -7.41 -6.05
CA VAL B 60 30.24 -7.16 -4.91
C VAL B 60 29.04 -6.38 -5.44
N PRO B 61 27.82 -6.78 -5.11
CA PRO B 61 26.67 -5.99 -5.56
C PRO B 61 26.74 -4.57 -5.03
N ARG B 62 26.30 -3.66 -5.88
CA ARG B 62 26.26 -2.25 -5.54
C ARG B 62 24.88 -1.97 -4.96
N ALA B 63 24.65 -2.60 -3.80
CA ALA B 63 23.36 -2.56 -3.15
C ALA B 63 23.50 -2.15 -1.70
N ILE B 64 22.55 -1.34 -1.27
CA ILE B 64 22.48 -0.87 0.08
C ILE B 64 21.18 -1.42 0.60
N LEU B 65 21.23 -2.13 1.72
CA LEU B 65 20.03 -2.67 2.30
C LEU B 65 19.59 -1.72 3.41
N VAL B 66 18.30 -1.46 3.49
CA VAL B 66 17.75 -0.51 4.44
C VAL B 66 16.53 -1.16 5.09
N ASP B 67 16.46 -1.09 6.44
CA ASP B 67 15.27 -1.50 7.19
C ASP B 67 15.33 -0.88 8.58
N LEU B 68 14.13 -0.61 9.17
CA LEU B 68 13.93 -0.13 10.55
C LEU B 68 13.85 -1.25 11.58
N GLU B 69 14.11 -2.49 11.19
CA GLU B 69 14.11 -3.65 12.05
C GLU B 69 15.15 -4.60 11.50
N PRO B 70 15.90 -5.28 12.37
CA PRO B 70 17.00 -6.13 11.88
C PRO B 70 16.50 -7.40 11.20
N GLY B 71 15.38 -7.95 11.66
CA GLY B 71 14.93 -9.25 11.20
C GLY B 71 15.08 -9.51 9.72
N THR B 72 14.48 -8.64 8.90
CA THR B 72 14.49 -8.84 7.46
C THR B 72 15.92 -8.87 6.93
N MET B 73 16.71 -7.88 7.30
CA MET B 73 18.10 -7.85 6.87
C MET B 73 18.94 -9.00 7.40
N ASP B 74 18.63 -9.49 8.60
CA ASP B 74 19.35 -10.64 9.12
C ASP B 74 19.08 -11.91 8.30
N SER B 75 17.83 -12.12 7.90
CA SER B 75 17.50 -13.23 7.01
C SER B 75 18.31 -13.17 5.72
N VAL B 76 18.29 -12.02 5.05
CA VAL B 76 19.10 -11.87 3.85
C VAL B 76 20.55 -12.25 4.13
N ARG B 77 21.13 -11.76 5.22
CA ARG B 77 22.51 -12.10 5.51
C ARG B 77 22.69 -13.60 5.58
N SER B 78 21.72 -14.29 6.18
CA SER B 78 21.69 -15.75 6.25
C SER B 78 21.34 -16.41 4.93
N GLY B 79 20.91 -15.65 3.93
CA GLY B 79 20.55 -16.24 2.67
C GLY B 79 21.74 -16.75 1.88
N PRO B 80 21.47 -17.46 0.77
CA PRO B 80 22.58 -18.05 -0.01
C PRO B 80 23.65 -17.02 -0.38
N PHE B 81 23.25 -15.92 -1.00
CA PHE B 81 24.13 -14.82 -1.40
C PHE B 81 24.38 -13.80 -0.31
N GLY B 82 23.90 -14.05 0.91
CA GLY B 82 24.13 -13.14 2.00
C GLY B 82 25.57 -12.70 2.13
N GLN B 83 26.50 -13.61 1.84
CA GLN B 83 27.91 -13.24 1.81
C GLN B 83 28.22 -12.18 0.76
N ILE B 84 27.64 -12.29 -0.43
CA ILE B 84 28.04 -11.40 -1.50
C ILE B 84 27.73 -9.95 -1.13
N PHE B 85 26.62 -9.69 -0.44
CA PHE B 85 26.31 -8.31 -0.05
C PHE B 85 27.32 -7.74 0.92
N ARG B 86 27.83 -6.57 0.56
CA ARG B 86 28.82 -5.85 1.38
C ARG B 86 28.30 -5.59 2.78
N PRO B 87 29.04 -5.97 3.83
CA PRO B 87 28.53 -5.79 5.19
C PRO B 87 28.25 -4.35 5.56
N ASP B 88 29.10 -3.43 5.14
CA ASP B 88 28.87 -2.03 5.48
C ASP B 88 27.58 -1.49 4.87
N ASN B 89 27.19 -2.03 3.70
CA ASN B 89 25.96 -1.65 3.02
C ASN B 89 24.69 -2.02 3.78
N PHE B 90 24.78 -3.01 4.69
CA PHE B 90 23.69 -3.31 5.64
C PHE B 90 23.54 -2.15 6.61
N VAL B 91 22.32 -1.60 6.69
CA VAL B 91 21.97 -0.35 7.36
C VAL B 91 20.52 -0.46 7.82
N PHE B 92 20.34 -0.64 9.12
CA PHE B 92 19.02 -0.86 9.70
C PHE B 92 19.01 -0.34 11.13
N GLY B 93 17.80 -0.17 11.66
CA GLY B 93 17.53 0.20 13.05
C GLY B 93 16.74 -0.84 13.84
N GLN B 94 16.18 -0.46 14.99
CA GLN B 94 15.44 -1.40 15.83
C GLN B 94 14.01 -0.99 16.12
N SER B 95 13.66 0.29 15.93
CA SER B 95 12.30 0.76 16.21
C SER B 95 11.23 0.09 15.34
N GLY B 96 11.48 -0.11 14.04
CA GLY B 96 10.43 -0.64 13.18
C GLY B 96 9.42 0.44 12.82
N ALA B 97 8.67 0.25 11.77
CA ALA B 97 7.77 1.32 11.34
C ALA B 97 6.30 1.03 11.55
N GLY B 98 5.98 -0.02 12.26
CA GLY B 98 4.59 -0.31 12.58
C GLY B 98 3.62 -0.05 11.46
N ASN B 99 4.08 -0.20 10.23
CA ASN B 99 3.21 -0.02 9.09
C ASN B 99 2.59 1.37 9.07
N ASN B 100 3.39 2.40 9.30
CA ASN B 100 2.89 3.76 9.21
C ASN B 100 3.81 4.58 8.35
N TRP B 101 3.31 5.04 7.22
CA TRP B 101 4.10 5.88 6.37
C TRP B 101 4.72 6.90 7.23
N ALA B 102 3.93 7.47 8.12
CA ALA B 102 4.43 8.52 8.97
C ALA B 102 5.62 8.03 9.68
N LYS B 103 5.46 6.95 10.40
CA LYS B 103 6.55 6.44 11.20
C LYS B 103 7.81 6.31 10.40
N GLY B 104 7.70 6.21 9.09
CA GLY B 104 8.88 6.02 8.28
C GLY B 104 9.32 7.28 7.57
N HIS B 105 8.36 8.05 7.09
CA HIS B 105 8.69 9.24 6.34
C HIS B 105 8.89 10.41 7.26
N TYR B 106 8.53 10.27 8.52
CA TYR B 106 8.63 11.39 9.42
C TYR B 106 9.27 10.99 10.72
N THR B 107 8.51 10.31 11.56
CA THR B 107 9.00 9.96 12.87
C THR B 107 10.26 9.12 12.92
N GLU B 108 10.13 7.83 12.79
CA GLU B 108 11.30 6.95 12.99
C GLU B 108 12.17 6.64 11.80
N GLY B 109 12.15 7.46 10.78
CA GLY B 109 13.02 7.22 9.67
C GLY B 109 14.01 8.34 9.54
N ALA B 110 13.60 9.53 9.91
CA ALA B 110 14.47 10.67 9.76
C ALA B 110 15.81 10.42 10.38
N GLU B 111 15.86 9.44 11.26
CA GLU B 111 17.10 9.11 11.88
C GLU B 111 17.92 8.35 10.88
N LEU B 112 17.59 7.09 10.68
CA LEU B 112 18.37 6.25 9.80
C LEU B 112 18.57 6.84 8.41
N VAL B 113 17.66 7.70 7.95
CA VAL B 113 17.83 8.15 6.56
C VAL B 113 19.25 8.68 6.35
N ASP B 114 19.74 9.47 7.31
CA ASP B 114 21.06 10.06 7.13
C ASP B 114 22.11 8.96 6.97
N SER B 115 22.12 8.01 7.91
CA SER B 115 23.03 6.87 7.79
C SER B 115 23.02 6.28 6.40
N VAL B 116 21.82 6.05 5.86
CA VAL B 116 21.73 5.46 4.52
C VAL B 116 22.35 6.42 3.49
N LEU B 117 21.97 7.71 3.53
CA LEU B 117 22.54 8.63 2.54
C LEU B 117 24.06 8.58 2.52
N ASP B 118 24.67 8.27 3.67
CA ASP B 118 26.12 8.17 3.71
C ASP B 118 26.64 7.01 2.89
N VAL B 119 26.04 5.83 3.04
CA VAL B 119 26.49 4.69 2.24
C VAL B 119 26.31 5.02 0.75
N VAL B 120 25.12 5.51 0.40
CA VAL B 120 24.82 5.95 -0.96
C VAL B 120 25.90 6.89 -1.47
N ARG B 121 26.27 7.88 -0.65
CA ARG B 121 27.31 8.81 -1.05
C ARG B 121 28.60 8.07 -1.34
N LYS B 122 28.96 7.14 -0.46
CA LYS B 122 30.15 6.33 -0.69
C LYS B 122 30.08 5.54 -2.00
N GLU B 123 28.96 4.85 -2.26
CA GLU B 123 28.79 4.13 -3.52
C GLU B 123 28.84 5.07 -4.72
N SER B 124 28.19 6.24 -4.62
CA SER B 124 28.14 7.19 -5.73
C SER B 124 29.52 7.78 -6.05
N GLU B 125 30.36 7.97 -5.02
CA GLU B 125 31.74 8.43 -5.22
C GLU B 125 32.58 7.42 -6.02
N SER B 126 32.58 6.16 -5.60
CA SER B 126 33.34 5.13 -6.32
C SER B 126 32.87 5.00 -7.76
N CYS B 127 31.55 5.11 -8.00
CA CYS B 127 31.02 5.01 -9.36
C CYS B 127 31.69 6.02 -10.29
N ASP B 128 32.27 5.50 -11.36
CA ASP B 128 32.87 6.36 -12.38
C ASP B 128 31.86 7.28 -13.06
N CYS B 129 30.74 6.73 -13.54
CA CYS B 129 29.66 7.53 -14.09
C CYS B 129 28.37 7.02 -13.46
N LEU B 130 27.77 7.80 -12.56
CA LEU B 130 26.61 7.30 -11.81
C LEU B 130 25.41 7.35 -12.73
N GLN B 131 24.83 6.21 -13.03
CA GLN B 131 23.74 6.26 -13.99
C GLN B 131 22.50 6.80 -13.29
N GLY B 132 22.44 6.61 -11.99
CA GLY B 132 21.25 6.85 -11.21
C GLY B 132 21.07 5.73 -10.20
N PHE B 133 19.86 5.66 -9.65
CA PHE B 133 19.59 4.81 -8.50
C PHE B 133 18.39 3.92 -8.75
N GLN B 134 18.49 2.68 -8.31
CA GLN B 134 17.41 1.68 -8.38
C GLN B 134 16.88 1.33 -7.00
N LEU B 135 15.56 1.37 -6.85
CA LEU B 135 14.93 1.17 -5.55
C LEU B 135 13.79 0.15 -5.65
N THR B 136 13.67 -0.63 -4.56
CA THR B 136 12.71 -1.71 -4.40
CA THR B 136 12.72 -1.73 -4.40
C THR B 136 12.04 -1.55 -3.04
N HIS B 137 10.71 -1.61 -3.05
CA HIS B 137 9.93 -1.35 -1.87
C HIS B 137 8.46 -1.65 -2.10
N SER B 138 7.71 -1.76 -1.03
CA SER B 138 6.29 -2.02 -1.13
C SER B 138 5.54 -0.79 -0.77
N LEU B 139 4.89 -0.19 -1.75
CA LEU B 139 4.21 1.06 -1.51
C LEU B 139 3.22 1.02 -0.36
N GLY B 140 2.84 -0.17 0.08
CA GLY B 140 1.80 -0.26 1.10
C GLY B 140 2.22 -0.67 2.48
N GLY B 141 3.46 -0.44 2.83
CA GLY B 141 3.96 -0.82 4.13
C GLY B 141 4.39 0.37 4.93
N GLY B 142 5.48 0.24 5.66
CA GLY B 142 5.88 1.33 6.51
C GLY B 142 7.28 1.85 6.25
N THR B 143 8.28 0.96 6.25
CA THR B 143 9.64 1.40 5.97
C THR B 143 9.81 1.74 4.51
N GLY B 144 9.50 0.79 3.62
CA GLY B 144 9.73 1.05 2.21
C GLY B 144 8.67 1.98 1.61
N SER B 145 7.40 1.86 2.05
CA SER B 145 6.44 2.84 1.60
CA SER B 145 6.41 2.84 1.64
C SER B 145 6.88 4.24 2.02
N GLY B 146 6.95 4.52 3.34
CA GLY B 146 7.27 5.81 3.85
C GLY B 146 8.74 6.14 3.79
N MET B 147 9.58 5.40 4.50
CA MET B 147 11.00 5.76 4.48
C MET B 147 11.57 5.71 3.07
N GLY B 148 11.16 4.73 2.26
CA GLY B 148 11.61 4.67 0.88
C GLY B 148 11.41 5.97 0.12
N THR B 149 10.19 6.50 0.12
CA THR B 149 9.92 7.77 -0.56
C THR B 149 10.75 8.90 0.07
N LEU B 150 11.07 8.80 1.36
CA LEU B 150 11.87 9.84 2.00
C LEU B 150 13.30 9.84 1.46
N LEU B 151 13.91 8.66 1.37
CA LEU B 151 15.24 8.49 0.77
C LEU B 151 15.29 8.96 -0.67
N ILE B 152 14.27 8.60 -1.45
CA ILE B 152 14.16 9.15 -2.79
C ILE B 152 14.25 10.67 -2.78
N SER B 153 13.51 11.34 -1.90
CA SER B 153 13.56 12.79 -1.90
CA SER B 153 13.57 12.79 -1.89
C SER B 153 14.97 13.27 -1.52
N LYS B 154 15.48 12.83 -0.37
CA LYS B 154 16.88 13.10 -0.03
C LYS B 154 17.84 12.83 -1.20
N ILE B 155 17.76 11.62 -1.80
CA ILE B 155 18.62 11.30 -2.93
C ILE B 155 18.49 12.34 -4.03
N ARG B 156 17.26 12.75 -4.34
CA ARG B 156 17.06 13.66 -5.46
C ARG B 156 17.75 14.99 -5.22
N GLU B 157 17.73 15.46 -3.98
CA GLU B 157 18.41 16.70 -3.65
C GLU B 157 19.92 16.59 -3.81
N GLU B 158 20.52 15.49 -3.34
CA GLU B 158 21.96 15.33 -3.49
C GLU B 158 22.34 15.03 -4.93
N TYR B 159 21.56 14.21 -5.63
CA TYR B 159 21.89 13.79 -6.99
C TYR B 159 20.75 14.15 -7.91
N PRO B 160 20.50 15.45 -8.13
CA PRO B 160 19.37 15.87 -8.97
C PRO B 160 19.57 15.59 -10.48
N ASP B 161 20.79 15.20 -10.92
CA ASP B 161 21.21 14.84 -12.29
C ASP B 161 21.18 13.33 -12.57
N ARG B 162 20.67 12.54 -11.65
CA ARG B 162 20.65 11.11 -11.81
C ARG B 162 19.22 10.64 -12.01
N ILE B 163 19.09 9.55 -12.76
CA ILE B 163 17.81 8.88 -12.98
C ILE B 163 17.36 8.17 -11.73
N MET B 164 16.06 8.27 -11.45
CA MET B 164 15.51 7.63 -10.27
C MET B 164 14.45 6.67 -10.76
N ASN B 165 14.66 5.37 -10.48
CA ASN B 165 13.80 4.26 -10.83
C ASN B 165 13.43 3.43 -9.61
N THR B 166 12.14 3.05 -9.52
CA THR B 166 11.58 2.30 -8.39
C THR B 166 10.73 1.16 -8.95
N PHE B 167 10.97 -0.05 -8.40
CA PHE B 167 10.13 -1.25 -8.53
C PHE B 167 9.18 -1.23 -7.34
N SER B 168 8.04 -0.59 -7.53
CA SER B 168 7.11 -0.36 -6.45
C SER B 168 6.03 -1.45 -6.46
N VAL B 169 5.82 -2.11 -5.31
CA VAL B 169 4.93 -3.27 -5.18
C VAL B 169 3.57 -2.78 -4.65
N MET B 170 2.62 -2.56 -5.59
CA MET B 170 1.31 -2.00 -5.27
C MET B 170 0.56 -2.99 -4.38
N PRO B 171 0.04 -2.56 -3.23
CA PRO B 171 -0.62 -3.50 -2.33
C PRO B 171 -2.00 -3.81 -2.89
N SER B 172 -2.49 -4.96 -2.45
CA SER B 172 -3.74 -5.55 -2.89
C SER B 172 -4.50 -6.17 -1.74
N PRO B 173 -5.83 -6.09 -1.80
CA PRO B 173 -6.64 -6.77 -0.80
C PRO B 173 -6.39 -8.27 -0.79
N LYS B 174 -6.18 -8.90 -1.95
CA LYS B 174 -5.90 -10.34 -1.97
C LYS B 174 -4.69 -10.69 -1.12
N VAL B 175 -3.73 -9.80 -1.04
CA VAL B 175 -2.52 -10.10 -0.29
C VAL B 175 -2.24 -8.96 0.66
N SER B 176 -3.13 -8.76 1.62
CA SER B 176 -2.98 -7.59 2.46
C SER B 176 -2.47 -7.98 3.84
N ASP B 177 -1.78 -7.04 4.48
CA ASP B 177 -1.32 -7.12 5.86
C ASP B 177 -2.07 -6.25 6.85
N THR B 178 -2.56 -5.10 6.43
CA THR B 178 -3.23 -4.24 7.38
C THR B 178 -4.27 -3.43 6.66
N VAL B 179 -5.30 -3.01 7.39
CA VAL B 179 -6.35 -2.24 6.76
C VAL B 179 -5.85 -0.91 6.24
N VAL B 180 -4.68 -0.46 6.70
CA VAL B 180 -4.26 0.91 6.48
C VAL B 180 -3.30 0.96 5.30
N GLU B 181 -3.18 -0.18 4.62
CA GLU B 181 -2.32 -0.26 3.43
C GLU B 181 -2.75 0.69 2.33
N PRO B 182 -4.04 0.88 2.01
CA PRO B 182 -4.35 1.92 1.01
C PRO B 182 -3.77 3.26 1.38
N TYR B 183 -3.85 3.67 2.66
CA TYR B 183 -3.38 4.99 3.02
C TYR B 183 -1.90 5.10 2.68
N ASN B 184 -1.14 4.06 3.01
CA ASN B 184 0.29 4.17 2.83
C ASN B 184 0.61 4.23 1.35
N ALA B 185 -0.15 3.47 0.54
CA ALA B 185 0.07 3.44 -0.90
C ALA B 185 -0.17 4.80 -1.53
N THR B 186 -1.33 5.42 -1.24
CA THR B 186 -1.66 6.74 -1.79
C THR B 186 -0.59 7.78 -1.47
N LEU B 187 -0.07 7.79 -0.25
CA LEU B 187 0.99 8.72 0.06
C LEU B 187 2.22 8.39 -0.76
N SER B 188 2.54 7.09 -0.86
CA SER B 188 3.73 6.72 -1.62
C SER B 188 3.55 7.07 -3.08
N VAL B 189 2.34 6.88 -3.60
CA VAL B 189 2.13 7.11 -5.01
C VAL B 189 2.50 8.52 -5.38
N HIS B 190 2.04 9.47 -4.59
CA HIS B 190 2.30 10.88 -4.83
C HIS B 190 3.78 11.22 -4.68
N GLN B 191 4.44 10.70 -3.65
CA GLN B 191 5.90 10.81 -3.62
C GLN B 191 6.51 10.38 -4.94
N LEU B 192 6.11 9.21 -5.45
CA LEU B 192 6.79 8.68 -6.61
C LEU B 192 6.50 9.52 -7.84
N VAL B 193 5.22 9.84 -8.08
CA VAL B 193 4.81 10.77 -9.15
C VAL B 193 5.80 11.92 -9.28
N GLU B 194 6.37 12.39 -8.18
CA GLU B 194 7.19 13.58 -8.26
C GLU B 194 8.69 13.31 -8.21
N ASN B 195 9.14 12.18 -7.67
CA ASN B 195 10.56 12.08 -7.40
C ASN B 195 11.16 10.84 -8.04
N THR B 196 10.39 10.20 -8.94
CA THR B 196 10.88 9.03 -9.67
C THR B 196 10.62 9.31 -11.15
N ASP B 197 11.64 8.96 -11.96
CA ASP B 197 11.57 9.09 -13.41
C ASP B 197 10.91 7.84 -14.03
N GLU B 198 10.96 6.71 -13.33
CA GLU B 198 10.54 5.42 -13.85
C GLU B 198 10.03 4.61 -12.66
N THR B 199 8.85 4.02 -12.78
CA THR B 199 8.34 3.20 -11.70
C THR B 199 7.65 1.98 -12.26
N TYR B 200 8.17 0.81 -11.92
CA TYR B 200 7.58 -0.42 -12.39
C TYR B 200 6.55 -0.90 -11.41
N CYS B 201 5.29 -0.79 -11.76
CA CYS B 201 4.23 -1.18 -10.86
C CYS B 201 4.00 -2.67 -10.80
N ILE B 202 4.42 -3.31 -9.72
CA ILE B 202 4.19 -4.74 -9.57
C ILE B 202 3.08 -5.01 -8.59
N ASP B 203 1.86 -5.20 -9.08
CA ASP B 203 0.71 -5.42 -8.21
C ASP B 203 0.75 -6.74 -7.52
N ASN B 204 0.69 -6.73 -6.19
CA ASN B 204 0.78 -7.96 -5.45
C ASN B 204 -0.49 -8.74 -5.68
N GLU B 205 -1.44 -8.11 -6.35
CA GLU B 205 -2.66 -8.81 -6.65
C GLU B 205 -2.42 -9.73 -7.79
N ALA B 206 -2.13 -9.16 -8.94
CA ALA B 206 -1.92 -9.95 -10.12
C ALA B 206 -1.08 -11.12 -9.80
N LEU B 207 0.11 -10.87 -9.31
CA LEU B 207 1.03 -11.94 -9.06
C LEU B 207 0.26 -13.11 -8.48
N TYR B 208 -0.53 -12.85 -7.46
CA TYR B 208 -1.33 -13.90 -6.88
C TYR B 208 -2.13 -14.56 -7.96
N ASP B 209 -2.99 -13.80 -8.59
CA ASP B 209 -3.85 -14.37 -9.60
C ASP B 209 -3.07 -15.30 -10.48
N ILE B 210 -2.07 -14.76 -11.15
CA ILE B 210 -1.27 -15.58 -12.03
C ILE B 210 -1.00 -16.88 -11.34
N CYS B 211 -0.43 -16.80 -10.15
CA CYS B 211 -0.06 -17.99 -9.45
C CYS B 211 -1.26 -18.89 -9.24
N PHE B 212 -2.30 -18.36 -8.63
CA PHE B 212 -3.48 -19.16 -8.36
C PHE B 212 -4.05 -19.77 -9.61
N ARG B 213 -4.52 -18.93 -10.51
CA ARG B 213 -5.10 -19.41 -11.75
C ARG B 213 -4.07 -20.09 -12.62
N THR B 214 -3.52 -19.36 -13.58
CA THR B 214 -2.53 -19.92 -14.48
C THR B 214 -1.64 -20.96 -13.85
N LEU B 215 -0.68 -20.55 -13.03
CA LEU B 215 0.29 -21.49 -12.48
C LEU B 215 -0.36 -22.51 -11.58
N LYS B 216 -1.66 -22.38 -11.36
CA LYS B 216 -2.37 -23.36 -10.55
C LYS B 216 -1.75 -23.54 -9.20
N LEU B 217 -1.84 -22.52 -8.35
CA LEU B 217 -1.32 -22.63 -7.00
C LEU B 217 -2.43 -22.17 -6.10
N THR B 218 -3.00 -23.08 -5.33
CA THR B 218 -4.13 -22.73 -4.49
C THR B 218 -3.81 -21.72 -3.43
N THR B 219 -2.69 -21.89 -2.77
CA THR B 219 -2.32 -21.00 -1.67
C THR B 219 -0.96 -20.42 -1.94
N PRO B 220 -0.88 -19.48 -2.88
CA PRO B 220 0.42 -18.91 -3.20
C PRO B 220 0.96 -18.30 -1.92
N THR B 221 2.25 -18.50 -1.69
CA THR B 221 2.97 -17.80 -0.65
C THR B 221 3.67 -16.59 -1.26
N TYR B 222 4.21 -15.75 -0.37
CA TYR B 222 4.94 -14.55 -0.81
C TYR B 222 6.15 -14.91 -1.66
N GLY B 223 6.82 -16.01 -1.36
CA GLY B 223 7.82 -16.52 -2.26
C GLY B 223 7.34 -16.71 -3.68
N ASP B 224 6.16 -17.30 -3.85
CA ASP B 224 5.63 -17.46 -5.21
C ASP B 224 5.64 -16.15 -5.96
N LEU B 225 4.98 -15.14 -5.39
CA LEU B 225 4.89 -13.83 -6.00
C LEU B 225 6.29 -13.28 -6.24
N ASN B 226 7.18 -13.48 -5.27
CA ASN B 226 8.51 -12.94 -5.39
C ASN B 226 9.22 -13.55 -6.58
N HIS B 227 8.93 -14.83 -6.85
CA HIS B 227 9.55 -15.53 -7.98
C HIS B 227 9.18 -14.88 -9.31
N LEU B 228 7.90 -14.59 -9.53
CA LEU B 228 7.55 -13.80 -10.71
C LEU B 228 8.26 -12.45 -10.72
N VAL B 229 8.42 -11.86 -9.53
CA VAL B 229 9.02 -10.53 -9.41
C VAL B 229 10.48 -10.56 -9.84
N SER B 230 11.29 -11.40 -9.19
CA SER B 230 12.68 -11.58 -9.62
C SER B 230 12.80 -11.80 -11.13
N ALA B 231 11.97 -12.68 -11.70
CA ALA B 231 12.02 -12.89 -13.15
C ALA B 231 11.75 -11.59 -13.88
N THR B 232 10.64 -10.93 -13.55
CA THR B 232 10.37 -9.67 -14.21
C THR B 232 11.56 -8.74 -14.03
N MET B 233 12.05 -8.61 -12.83
CA MET B 233 13.20 -7.77 -12.61
C MET B 233 14.30 -8.09 -13.60
N SER B 234 14.77 -9.33 -13.63
CA SER B 234 15.87 -9.67 -14.51
C SER B 234 15.55 -9.23 -15.90
N GLY B 235 14.29 -9.33 -16.26
CA GLY B 235 13.91 -8.99 -17.62
C GLY B 235 14.21 -7.55 -17.90
N VAL B 236 13.48 -6.67 -17.25
CA VAL B 236 13.65 -5.27 -17.51
C VAL B 236 15.13 -4.90 -17.43
N THR B 237 15.84 -5.44 -16.46
CA THR B 237 17.23 -5.07 -16.27
C THR B 237 18.18 -5.74 -17.24
N THR B 238 17.67 -6.57 -18.13
CA THR B 238 18.57 -7.30 -19.00
C THR B 238 19.38 -6.36 -19.83
N CYS B 239 18.70 -5.58 -20.64
CA CYS B 239 19.41 -4.70 -21.53
C CYS B 239 20.45 -3.86 -20.80
N LEU B 240 20.22 -3.58 -19.53
CA LEU B 240 21.24 -2.86 -18.79
C LEU B 240 22.38 -3.79 -18.41
N ARG B 241 22.07 -5.04 -18.09
CA ARG B 241 23.12 -5.89 -17.54
C ARG B 241 24.00 -6.43 -18.65
N PHE B 242 23.39 -6.92 -19.67
CA PHE B 242 24.11 -7.55 -20.71
C PHE B 242 24.28 -6.61 -21.88
N PRO B 243 25.44 -6.72 -22.50
CA PRO B 243 25.81 -5.89 -23.64
C PRO B 243 25.00 -6.37 -24.82
N GLY B 244 24.83 -5.46 -25.75
CA GLY B 244 24.20 -5.88 -26.97
C GLY B 244 24.00 -4.70 -27.87
N GLN B 245 23.15 -4.93 -28.84
CA GLN B 245 22.80 -3.91 -29.80
C GLN B 245 22.21 -2.68 -29.12
N LEU B 246 21.27 -2.89 -28.18
CA LEU B 246 20.61 -1.83 -27.40
C LEU B 246 21.13 -1.92 -25.98
N ASN B 247 22.12 -1.08 -25.67
CA ASN B 247 22.68 -0.98 -24.32
C ASN B 247 21.83 -0.01 -23.49
N ALA B 248 20.58 -0.38 -23.31
CA ALA B 248 19.68 0.57 -22.69
C ALA B 248 20.40 1.15 -21.45
N ASP B 249 19.94 2.34 -21.04
CA ASP B 249 20.39 3.04 -19.85
C ASP B 249 19.17 3.73 -19.27
N LEU B 250 19.26 4.15 -18.02
CA LEU B 250 18.06 4.65 -17.35
C LEU B 250 17.54 5.89 -18.06
N ARG B 251 18.47 6.77 -18.44
CA ARG B 251 18.04 8.02 -19.05
C ARG B 251 17.38 7.75 -20.40
N LYS B 252 18.07 7.05 -21.29
CA LYS B 252 17.44 6.74 -22.57
C LYS B 252 16.13 6.01 -22.36
N LEU B 253 16.05 5.16 -21.33
CA LEU B 253 14.82 4.42 -21.12
C LEU B 253 13.69 5.38 -20.83
N ALA B 254 13.97 6.41 -20.01
CA ALA B 254 12.98 7.43 -19.72
C ALA B 254 12.69 8.28 -20.95
N VAL B 255 13.73 8.55 -21.76
CA VAL B 255 13.52 9.44 -22.90
C VAL B 255 12.55 8.84 -23.92
N ASN B 256 12.53 7.51 -24.06
CA ASN B 256 11.76 6.83 -25.07
C ASN B 256 10.43 6.33 -24.59
N MET B 257 10.28 6.09 -23.29
CA MET B 257 9.00 5.60 -22.84
C MET B 257 8.21 6.63 -22.08
N VAL B 258 8.72 7.84 -21.87
CA VAL B 258 7.91 8.72 -21.05
C VAL B 258 7.45 9.92 -21.86
N PRO B 259 6.26 9.90 -22.48
CA PRO B 259 5.80 11.10 -23.18
C PRO B 259 5.54 12.32 -22.30
N PHE B 260 5.27 12.16 -21.01
CA PHE B 260 4.88 13.25 -20.13
C PHE B 260 5.36 12.75 -18.79
N PRO B 261 5.88 13.66 -17.94
CA PRO B 261 6.51 13.17 -16.70
C PRO B 261 5.65 12.36 -15.76
N ARG B 262 4.53 12.91 -15.33
CA ARG B 262 3.71 12.22 -14.38
C ARG B 262 3.45 10.80 -14.84
N LEU B 263 3.45 10.58 -16.13
CA LEU B 263 3.14 9.27 -16.63
C LEU B 263 4.37 8.41 -16.72
N HIS B 264 4.91 8.01 -15.58
CA HIS B 264 6.11 7.18 -15.56
C HIS B 264 5.85 5.87 -14.89
N PHE B 265 4.65 5.36 -15.04
CA PHE B 265 4.31 4.13 -14.38
C PHE B 265 4.09 3.04 -15.41
N PHE B 266 4.85 1.96 -15.33
CA PHE B 266 4.78 0.93 -16.36
C PHE B 266 4.24 -0.42 -15.95
N MET B 267 3.56 -1.11 -16.86
CA MET B 267 3.00 -2.44 -16.63
C MET B 267 4.02 -3.45 -17.09
N PRO B 268 4.70 -4.16 -16.21
CA PRO B 268 5.60 -5.22 -16.67
C PRO B 268 4.81 -6.44 -17.18
N GLY B 269 5.44 -7.18 -18.07
CA GLY B 269 4.89 -8.44 -18.57
C GLY B 269 5.99 -9.43 -18.89
N PHE B 270 5.73 -10.71 -18.55
CA PHE B 270 6.73 -11.77 -18.72
C PHE B 270 6.00 -13.00 -19.25
N ALA B 271 6.75 -13.83 -20.01
CA ALA B 271 6.39 -15.12 -20.61
C ALA B 271 7.71 -15.73 -21.04
N PRO B 272 7.90 -17.05 -20.85
CA PRO B 272 7.02 -18.04 -20.21
C PRO B 272 6.72 -17.84 -18.71
N LEU B 273 5.45 -17.70 -18.30
CA LEU B 273 5.09 -17.67 -16.88
C LEU B 273 5.29 -19.08 -16.34
N THR B 274 6.47 -19.33 -15.79
CA THR B 274 6.73 -20.57 -15.09
C THR B 274 6.49 -20.42 -13.59
N GLN B 280 9.39 -27.37 -17.21
CA GLN B 280 9.26 -26.74 -18.52
C GLN B 280 10.47 -27.04 -19.38
N TYR B 281 10.26 -27.82 -20.43
CA TYR B 281 11.35 -28.15 -21.31
C TYR B 281 11.00 -27.74 -22.73
N ARG B 282 9.72 -27.55 -22.99
CA ARG B 282 9.29 -27.16 -24.33
C ARG B 282 9.42 -25.68 -24.55
N GLY B 283 10.51 -25.28 -25.18
CA GLY B 283 10.73 -23.87 -25.42
C GLY B 283 9.59 -23.33 -26.25
N LEU B 284 9.09 -22.17 -25.88
CA LEU B 284 7.95 -21.64 -26.61
C LEU B 284 8.44 -21.19 -27.97
N THR B 285 7.52 -21.12 -28.92
CA THR B 285 7.85 -20.56 -30.22
C THR B 285 7.87 -19.03 -30.15
N VAL B 286 8.70 -18.42 -31.01
CA VAL B 286 8.66 -16.96 -31.11
C VAL B 286 7.27 -16.44 -31.24
N PRO B 287 6.32 -17.06 -31.96
CA PRO B 287 4.92 -16.60 -31.89
C PRO B 287 4.32 -16.76 -30.51
N GLU B 288 4.51 -17.92 -29.88
CA GLU B 288 4.02 -18.15 -28.53
C GLU B 288 4.52 -17.09 -27.55
N LEU B 289 5.84 -16.94 -27.42
CA LEU B 289 6.35 -15.89 -26.54
C LEU B 289 5.69 -14.55 -26.81
N THR B 290 5.52 -14.19 -28.09
CA THR B 290 4.99 -12.87 -28.43
C THR B 290 3.52 -12.74 -28.08
N GLN B 291 2.74 -13.81 -28.20
CA GLN B 291 1.33 -13.70 -27.82
C GLN B 291 1.17 -13.72 -26.30
N GLN B 292 2.05 -14.42 -25.59
CA GLN B 292 1.96 -14.41 -24.13
C GLN B 292 2.49 -13.10 -23.57
N MET B 293 3.60 -12.60 -24.10
CA MET B 293 4.16 -11.35 -23.62
C MET B 293 3.11 -10.25 -23.50
N PHE B 294 2.29 -10.07 -24.53
CA PHE B 294 1.21 -9.09 -24.55
C PHE B 294 -0.06 -9.61 -23.92
N ASP B 295 -0.06 -10.85 -23.52
CA ASP B 295 -1.21 -11.41 -22.82
C ASP B 295 -1.43 -10.76 -21.46
N SER B 296 -2.67 -10.33 -21.19
CA SER B 296 -2.96 -9.73 -19.88
C SER B 296 -2.50 -10.63 -18.74
N LYS B 297 -2.82 -11.92 -18.85
CA LYS B 297 -2.53 -12.90 -17.81
C LYS B 297 -1.02 -13.08 -17.61
N ASN B 298 -0.20 -12.45 -18.46
CA ASN B 298 1.24 -12.46 -18.30
C ASN B 298 1.81 -11.14 -17.85
N MET B 299 0.97 -10.13 -17.62
CA MET B 299 1.42 -8.88 -17.03
C MET B 299 1.33 -8.84 -15.51
N MET B 300 2.39 -8.32 -14.89
CA MET B 300 2.48 -8.27 -13.44
C MET B 300 1.64 -7.13 -12.83
N ALA B 301 1.12 -6.22 -13.66
CA ALA B 301 0.12 -5.26 -13.21
C ALA B 301 -1.27 -5.76 -13.55
N ALA B 302 -2.20 -5.53 -12.62
CA ALA B 302 -3.55 -6.07 -12.71
C ALA B 302 -4.50 -5.08 -13.41
N CYS B 303 -4.15 -4.79 -14.66
CA CYS B 303 -4.85 -3.86 -15.53
C CYS B 303 -4.99 -4.50 -16.89
N ASP B 304 -6.08 -4.21 -17.56
CA ASP B 304 -6.30 -4.78 -18.88
C ASP B 304 -5.82 -3.81 -19.96
N PRO B 305 -4.82 -4.17 -20.77
CA PRO B 305 -4.32 -3.21 -21.79
C PRO B 305 -5.40 -2.80 -22.76
N ARG B 306 -6.35 -3.71 -23.02
CA ARG B 306 -7.47 -3.45 -23.93
C ARG B 306 -8.37 -2.35 -23.41
N HIS B 307 -8.40 -2.17 -22.09
CA HIS B 307 -9.21 -1.11 -21.50
C HIS B 307 -8.57 0.27 -21.67
N GLY B 308 -7.26 0.33 -21.97
CA GLY B 308 -6.56 1.56 -22.32
C GLY B 308 -5.78 1.47 -23.63
N ARG B 309 -4.74 2.31 -23.79
CA ARG B 309 -3.98 2.43 -25.04
C ARG B 309 -2.50 2.61 -24.74
N TYR B 310 -1.66 1.89 -25.47
CA TYR B 310 -0.24 1.88 -25.20
C TYR B 310 0.41 3.17 -25.67
N LEU B 311 0.81 4.05 -24.75
CA LEU B 311 1.64 5.17 -25.19
C LEU B 311 2.92 4.69 -25.86
N THR B 312 3.69 3.87 -25.15
CA THR B 312 5.00 3.39 -25.57
C THR B 312 5.08 1.96 -25.06
N VAL B 313 5.95 1.16 -25.68
CA VAL B 313 6.09 -0.28 -25.39
C VAL B 313 7.53 -0.65 -25.69
N ALA B 314 8.11 -1.53 -24.89
CA ALA B 314 9.46 -2.02 -25.18
C ALA B 314 9.55 -3.49 -24.83
N ALA B 315 10.09 -4.27 -25.76
CA ALA B 315 10.19 -5.70 -25.61
C ALA B 315 11.64 -6.14 -25.74
N ILE B 316 11.89 -7.27 -25.11
CA ILE B 316 13.18 -7.93 -25.09
C ILE B 316 12.88 -9.42 -25.15
N PHE B 317 13.67 -10.15 -25.91
CA PHE B 317 13.57 -11.59 -26.09
C PHE B 317 14.98 -12.11 -25.78
N ARG B 318 15.11 -12.87 -24.70
CA ARG B 318 16.36 -13.52 -24.32
C ARG B 318 16.31 -14.95 -24.83
N GLY B 319 17.48 -15.48 -25.17
CA GLY B 319 17.56 -16.82 -25.69
C GLY B 319 17.78 -16.83 -27.20
N ARG B 320 18.31 -17.95 -27.68
CA ARG B 320 18.51 -18.15 -29.11
C ARG B 320 17.17 -18.29 -29.80
N MET B 321 16.94 -17.46 -30.81
CA MET B 321 15.67 -17.46 -31.53
C MET B 321 15.87 -16.67 -32.81
N SER B 322 14.92 -16.81 -33.72
CA SER B 322 14.97 -16.16 -35.03
C SER B 322 14.70 -14.68 -34.86
N MET B 323 15.71 -13.85 -35.10
CA MET B 323 15.44 -12.44 -34.98
C MET B 323 14.35 -11.99 -35.96
N LYS B 324 14.41 -12.48 -37.19
CA LYS B 324 13.39 -12.15 -38.19
C LYS B 324 12.00 -12.53 -37.73
N GLU B 325 11.84 -13.79 -37.30
CA GLU B 325 10.55 -14.23 -36.81
C GLU B 325 10.09 -13.34 -35.65
N VAL B 326 11.01 -12.96 -34.75
CA VAL B 326 10.66 -12.06 -33.66
C VAL B 326 10.04 -10.78 -34.25
N ASP B 327 10.79 -10.09 -35.11
CA ASP B 327 10.30 -8.86 -35.75
C ASP B 327 8.94 -9.05 -36.43
N GLU B 328 8.77 -10.15 -37.16
CA GLU B 328 7.47 -10.47 -37.75
C GLU B 328 6.35 -10.54 -36.72
N GLN B 329 6.58 -11.26 -35.62
CA GLN B 329 5.54 -11.34 -34.60
C GLN B 329 5.16 -9.97 -34.09
N MET B 330 6.16 -9.19 -33.65
CA MET B 330 5.89 -7.84 -33.15
C MET B 330 5.09 -7.03 -34.15
N LEU B 331 5.52 -7.03 -35.40
CA LEU B 331 4.77 -6.34 -36.44
C LEU B 331 3.32 -6.82 -36.47
N ASN B 332 3.11 -8.14 -36.44
CA ASN B 332 1.74 -8.63 -36.50
C ASN B 332 0.91 -8.09 -35.36
N VAL B 333 1.41 -8.25 -34.14
CA VAL B 333 0.69 -7.73 -32.98
C VAL B 333 0.31 -6.28 -33.22
N GLN B 334 1.28 -5.43 -33.56
CA GLN B 334 0.95 -4.01 -33.68
C GLN B 334 -0.15 -3.80 -34.72
N ASN B 335 -0.04 -4.47 -35.88
CA ASN B 335 -0.98 -4.33 -36.97
C ASN B 335 -2.36 -4.86 -36.61
N LYS B 336 -2.41 -6.01 -35.94
CA LYS B 336 -3.71 -6.53 -35.50
C LYS B 336 -4.29 -5.70 -34.37
N ASN B 337 -3.46 -5.07 -33.56
CA ASN B 337 -3.96 -4.38 -32.40
C ASN B 337 -3.79 -2.86 -32.48
N SER B 338 -3.87 -2.32 -33.70
CA SER B 338 -3.53 -0.91 -33.96
C SER B 338 -4.31 0.05 -33.08
N SER B 339 -5.53 -0.33 -32.71
CA SER B 339 -6.36 0.53 -31.87
C SER B 339 -5.75 0.73 -30.48
N TYR B 340 -4.98 -0.22 -29.98
CA TYR B 340 -4.42 -0.12 -28.65
C TYR B 340 -3.11 0.64 -28.61
N PHE B 341 -2.73 1.25 -29.72
CA PHE B 341 -1.51 2.02 -29.84
C PHE B 341 -1.85 3.46 -30.20
N VAL B 342 -1.38 4.37 -29.37
CA VAL B 342 -1.53 5.79 -29.59
C VAL B 342 -0.98 6.12 -30.97
N GLU B 343 -1.76 6.86 -31.76
CA GLU B 343 -1.34 7.31 -33.08
C GLU B 343 -0.38 8.50 -32.97
N TRP B 344 -0.59 9.36 -31.98
CA TRP B 344 0.24 10.55 -31.87
C TRP B 344 1.71 10.23 -31.61
N ILE B 345 2.02 9.04 -31.11
CA ILE B 345 3.42 8.65 -30.90
C ILE B 345 3.76 7.62 -31.99
N PRO B 346 4.33 8.06 -33.12
CA PRO B 346 4.76 7.15 -34.18
C PRO B 346 5.82 6.20 -33.69
N ASN B 347 5.70 4.95 -34.10
CA ASN B 347 6.67 3.92 -33.74
C ASN B 347 6.75 3.77 -32.22
N ASN B 348 5.58 3.71 -31.58
CA ASN B 348 5.67 3.72 -30.14
C ASN B 348 6.13 2.38 -29.54
N VAL B 349 6.39 1.33 -30.35
CA VAL B 349 6.82 0.00 -29.90
C VAL B 349 8.17 -0.33 -30.52
N LYS B 350 9.05 -0.97 -29.72
CA LYS B 350 10.39 -1.33 -30.11
C LYS B 350 10.75 -2.63 -29.40
N THR B 351 11.58 -3.45 -30.03
CA THR B 351 11.99 -4.75 -29.52
C THR B 351 13.49 -4.89 -29.65
N ALA B 352 14.02 -5.81 -28.83
CA ALA B 352 15.43 -6.06 -28.68
C ALA B 352 15.56 -7.53 -28.30
N VAL B 353 16.68 -8.13 -28.68
CA VAL B 353 16.92 -9.55 -28.50
C VAL B 353 18.26 -9.72 -27.80
N CYS B 354 18.28 -10.49 -26.70
CA CYS B 354 19.53 -10.87 -26.02
C CYS B 354 19.78 -12.36 -26.18
N ASP B 355 21.05 -12.72 -26.46
CA ASP B 355 21.43 -14.11 -26.73
C ASP B 355 21.37 -14.99 -25.50
N ILE B 356 21.73 -14.46 -24.33
CA ILE B 356 21.75 -15.17 -23.04
C ILE B 356 20.34 -15.31 -22.50
N PRO B 357 19.79 -16.51 -22.35
CA PRO B 357 18.39 -16.62 -21.98
C PRO B 357 18.26 -16.58 -20.47
N PRO B 358 17.07 -16.34 -19.93
CA PRO B 358 16.93 -16.33 -18.48
C PRO B 358 17.36 -17.69 -17.94
N ARG B 359 17.61 -17.73 -16.64
CA ARG B 359 18.05 -18.97 -16.00
C ARG B 359 16.95 -20.03 -16.04
N GLY B 360 17.28 -21.20 -16.57
CA GLY B 360 16.36 -22.31 -16.69
C GLY B 360 15.27 -22.18 -17.74
N LEU B 361 15.41 -21.27 -18.70
CA LEU B 361 14.46 -21.11 -19.80
C LEU B 361 15.24 -21.00 -21.10
N LYS B 362 14.79 -21.74 -22.13
CA LYS B 362 15.48 -21.71 -23.41
C LYS B 362 15.32 -20.35 -24.08
N MET B 363 14.24 -19.65 -23.76
CA MET B 363 13.98 -18.33 -24.29
C MET B 363 12.78 -17.77 -23.56
N SER B 364 12.80 -16.45 -23.38
CA SER B 364 11.72 -15.73 -22.72
C SER B 364 11.54 -14.37 -23.40
N ALA B 365 10.52 -13.63 -22.94
CA ALA B 365 10.12 -12.31 -23.42
C ALA B 365 9.69 -11.48 -22.23
N THR B 366 10.16 -10.24 -22.15
CA THR B 366 9.75 -9.34 -21.10
C THR B 366 9.12 -8.12 -21.79
N PHE B 367 8.00 -7.66 -21.23
CA PHE B 367 7.22 -6.57 -21.78
C PHE B 367 7.22 -5.39 -20.78
N ILE B 368 7.52 -4.17 -21.27
CA ILE B 368 7.46 -2.92 -20.48
C ILE B 368 6.56 -1.94 -21.23
N GLY B 369 5.39 -1.61 -20.71
CA GLY B 369 4.45 -0.77 -21.44
C GLY B 369 3.87 0.38 -20.62
N ASN B 370 3.89 1.57 -21.21
CA ASN B 370 3.25 2.75 -20.61
C ASN B 370 1.89 2.86 -21.31
N SER B 371 0.93 2.08 -20.77
CA SER B 371 -0.47 2.00 -21.14
C SER B 371 -1.30 2.91 -20.26
N THR B 372 -2.22 3.63 -20.88
CA THR B 372 -3.22 4.37 -20.13
C THR B 372 -4.06 3.45 -19.25
N ALA B 373 -4.14 2.15 -19.54
CA ALA B 373 -4.88 1.30 -18.63
C ALA B 373 -4.30 1.33 -17.22
N ILE B 374 -3.03 1.68 -17.03
CA ILE B 374 -2.46 1.62 -15.68
C ILE B 374 -3.35 2.36 -14.69
N GLN B 375 -4.17 3.31 -15.14
CA GLN B 375 -5.07 4.05 -14.23
C GLN B 375 -5.95 3.15 -13.40
N GLU B 376 -6.39 2.02 -13.93
CA GLU B 376 -7.16 1.08 -13.12
C GLU B 376 -6.50 0.90 -11.76
N LEU B 377 -5.17 0.73 -11.74
CA LEU B 377 -4.51 0.39 -10.49
C LEU B 377 -4.67 1.49 -9.49
N PHE B 378 -4.50 2.74 -9.94
CA PHE B 378 -4.58 3.87 -9.05
C PHE B 378 -6.02 4.10 -8.61
N LYS B 379 -6.98 3.82 -9.51
CA LYS B 379 -8.39 3.92 -9.14
C LYS B 379 -8.73 2.96 -8.01
N ARG B 380 -8.25 1.72 -8.08
CA ARG B 380 -8.49 0.81 -6.99
C ARG B 380 -7.99 1.42 -5.69
N ILE B 381 -6.70 1.78 -5.64
CA ILE B 381 -6.17 2.38 -4.43
C ILE B 381 -6.97 3.59 -4.00
N SER B 382 -7.38 4.44 -4.95
CA SER B 382 -8.07 5.65 -4.57
C SER B 382 -9.42 5.35 -3.94
N GLU B 383 -10.15 4.36 -4.46
CA GLU B 383 -11.43 3.98 -3.87
C GLU B 383 -11.28 3.52 -2.44
N GLN B 384 -10.39 2.55 -2.20
CA GLN B 384 -10.07 2.17 -0.83
C GLN B 384 -9.82 3.41 0.04
N PHE B 385 -8.85 4.24 -0.33
CA PHE B 385 -8.54 5.40 0.49
C PHE B 385 -9.83 6.16 0.78
N THR B 386 -10.57 6.49 -0.27
CA THR B 386 -11.86 7.14 -0.10
C THR B 386 -12.76 6.43 0.88
N ALA B 387 -12.89 5.11 0.78
CA ALA B 387 -13.79 4.39 1.68
C ALA B 387 -13.44 4.67 3.13
N MET B 388 -12.21 4.35 3.53
CA MET B 388 -11.82 4.61 4.89
C MET B 388 -11.80 6.11 5.16
N PHE B 389 -11.18 6.92 4.27
CA PHE B 389 -10.94 8.33 4.61
C PHE B 389 -12.26 9.09 4.81
N ARG B 390 -13.34 8.69 4.12
CA ARG B 390 -14.63 9.33 4.32
C ARG B 390 -15.08 9.25 5.79
N ARG B 391 -14.67 8.21 6.51
CA ARG B 391 -15.04 8.10 7.92
C ARG B 391 -13.86 8.33 8.86
N LYS B 392 -12.68 8.67 8.32
CA LYS B 392 -11.46 8.97 9.08
C LYS B 392 -10.93 7.78 9.87
N ALA B 393 -11.31 6.60 9.40
CA ALA B 393 -10.98 5.35 10.05
C ALA B 393 -9.47 5.16 10.14
N PHE B 394 -9.01 4.69 11.29
CA PHE B 394 -7.60 4.43 11.49
C PHE B 394 -6.72 5.69 11.33
N LEU B 395 -7.29 6.86 11.02
CA LEU B 395 -6.40 8.00 10.84
C LEU B 395 -5.64 8.40 12.09
N HIS B 396 -6.07 7.94 13.27
CA HIS B 396 -5.39 8.44 14.45
C HIS B 396 -3.97 7.89 14.46
N TRP B 397 -3.73 6.77 13.77
CA TRP B 397 -2.38 6.22 13.81
C TRP B 397 -1.42 7.13 13.08
N TYR B 398 -1.93 7.94 12.15
CA TYR B 398 -1.07 8.89 11.45
C TYR B 398 -1.10 10.24 12.14
N THR B 399 -2.28 10.69 12.56
CA THR B 399 -2.33 11.98 13.25
C THR B 399 -1.45 11.95 14.48
N GLY B 400 -1.34 10.80 15.13
CA GLY B 400 -0.43 10.68 16.25
C GLY B 400 1.02 10.97 15.92
N GLU B 401 1.42 10.69 14.71
CA GLU B 401 2.77 11.05 14.29
C GLU B 401 2.95 12.52 13.93
N GLY B 402 1.92 13.36 14.01
CA GLY B 402 2.05 14.69 13.49
C GLY B 402 1.47 14.92 12.11
N MET B 403 0.98 13.90 11.43
CA MET B 403 0.30 14.25 10.20
C MET B 403 -1.07 14.85 10.39
N ASP B 404 -1.57 15.39 9.25
CA ASP B 404 -2.79 16.18 9.13
CA ASP B 404 -2.81 16.14 9.16
C ASP B 404 -3.68 15.64 8.01
N GLU B 405 -4.99 15.56 8.28
CA GLU B 405 -5.93 15.10 7.26
C GLU B 405 -5.70 15.80 5.94
N MET B 406 -5.40 17.09 5.98
CA MET B 406 -5.16 17.83 4.75
C MET B 406 -4.16 17.08 3.86
N GLU B 407 -3.03 16.66 4.44
CA GLU B 407 -2.04 15.91 3.67
C GLU B 407 -2.64 14.64 3.03
N PHE B 408 -3.43 13.85 3.78
CA PHE B 408 -4.20 12.75 3.16
C PHE B 408 -5.08 13.24 2.01
N THR B 409 -5.80 14.35 2.21
CA THR B 409 -6.62 14.92 1.14
C THR B 409 -5.78 15.22 -0.09
N GLU B 410 -4.69 15.97 0.08
CA GLU B 410 -3.83 16.26 -1.05
C GLU B 410 -3.39 15.01 -1.79
N ALA B 411 -2.75 14.07 -1.10
CA ALA B 411 -2.32 12.86 -1.79
C ALA B 411 -3.50 12.20 -2.49
N GLU B 412 -4.65 12.09 -1.81
CA GLU B 412 -5.80 11.49 -2.49
C GLU B 412 -6.05 12.21 -3.80
N SER B 413 -6.09 13.53 -3.76
CA SER B 413 -6.38 14.31 -4.96
CA SER B 413 -6.39 14.30 -4.97
C SER B 413 -5.37 13.99 -6.05
N ASN B 414 -4.08 14.17 -5.75
CA ASN B 414 -3.06 13.98 -6.77
C ASN B 414 -3.24 12.65 -7.47
N MET B 415 -3.57 11.61 -6.71
CA MET B 415 -3.62 10.33 -7.40
C MET B 415 -4.78 10.29 -8.37
N ASN B 416 -5.89 10.93 -8.01
CA ASN B 416 -7.01 11.17 -8.94
C ASN B 416 -6.61 11.97 -10.17
N ASP B 417 -5.87 13.06 -10.01
CA ASP B 417 -5.40 13.78 -11.19
C ASP B 417 -4.63 12.83 -12.10
N LEU B 418 -3.67 12.10 -11.53
CA LEU B 418 -2.87 11.21 -12.34
C LEU B 418 -3.75 10.24 -13.09
N VAL B 419 -4.79 9.75 -12.42
CA VAL B 419 -5.75 8.90 -13.12
C VAL B 419 -6.37 9.62 -14.30
N SER B 420 -6.86 10.84 -14.06
CA SER B 420 -7.41 11.69 -15.12
C SER B 420 -6.45 11.84 -16.31
N GLU B 421 -5.18 12.17 -16.04
CA GLU B 421 -4.20 12.37 -17.11
C GLU B 421 -4.11 11.14 -17.99
N TYR B 422 -3.94 9.96 -17.39
CA TYR B 422 -3.90 8.74 -18.18
C TYR B 422 -5.15 8.61 -19.03
N GLN B 423 -6.30 9.05 -18.54
CA GLN B 423 -7.48 8.90 -19.35
C GLN B 423 -7.48 9.90 -20.48
N GLN B 424 -7.10 11.13 -20.19
CA GLN B 424 -7.15 12.15 -21.22
C GLN B 424 -6.52 11.66 -22.48
N TYR B 425 -5.29 11.20 -22.37
CA TYR B 425 -4.58 10.75 -23.55
C TYR B 425 -5.21 9.49 -24.10
N GLN B 426 -5.79 8.69 -23.23
CA GLN B 426 -6.46 7.48 -23.69
C GLN B 426 -7.54 7.84 -24.68
N ASP B 427 -8.13 9.00 -24.50
CA ASP B 427 -9.18 9.43 -25.40
C ASP B 427 -8.87 10.79 -26.02
N MET C 1 14.49 -8.02 22.88
CA MET C 1 13.97 -6.74 22.44
C MET C 1 12.47 -6.83 22.47
N ARG C 2 11.85 -5.65 22.45
CA ARG C 2 10.41 -5.49 22.55
C ARG C 2 9.85 -6.13 23.81
N GLU C 3 10.55 -5.94 24.94
CA GLU C 3 10.07 -6.47 26.21
C GLU C 3 8.69 -5.92 26.53
N CYS C 4 7.92 -6.72 27.27
CA CYS C 4 6.62 -6.36 27.81
C CYS C 4 6.61 -6.60 29.31
N ILE C 5 6.24 -5.59 30.04
CA ILE C 5 6.15 -5.71 31.47
C ILE C 5 4.71 -5.96 31.83
N SER C 6 4.49 -7.01 32.63
CA SER C 6 3.16 -7.49 32.98
C SER C 6 2.82 -6.96 34.37
N ILE C 7 1.65 -6.35 34.52
CA ILE C 7 1.25 -5.77 35.80
C ILE C 7 -0.11 -6.37 36.16
N HIS C 8 -0.21 -6.92 37.39
CA HIS C 8 -1.35 -7.70 37.90
C HIS C 8 -1.88 -7.07 39.16
N VAL C 9 -2.94 -6.26 39.03
CA VAL C 9 -3.53 -5.51 40.14
C VAL C 9 -4.76 -6.25 40.67
N GLY C 10 -4.85 -6.35 41.99
CA GLY C 10 -6.00 -6.95 42.62
C GLY C 10 -5.87 -8.44 42.76
N GLN C 11 -6.83 -9.01 43.49
CA GLN C 11 -6.88 -10.45 43.60
C GLN C 11 -7.00 -11.11 42.22
N ALA C 12 -8.06 -10.78 41.48
CA ALA C 12 -8.25 -11.32 40.13
C ALA C 12 -7.00 -11.12 39.27
N GLY C 13 -6.50 -9.88 39.21
CA GLY C 13 -5.25 -9.65 38.51
C GLY C 13 -4.17 -10.64 38.91
N VAL C 14 -3.97 -10.82 40.22
CA VAL C 14 -2.87 -11.64 40.72
C VAL C 14 -3.05 -13.10 40.33
N GLN C 15 -4.18 -13.67 40.73
CA GLN C 15 -4.46 -15.07 40.41
C GLN C 15 -4.41 -15.32 38.92
N ILE C 16 -5.13 -14.52 38.13
CA ILE C 16 -5.08 -14.74 36.68
C ILE C 16 -3.64 -14.64 36.18
N GLY C 17 -2.83 -13.81 36.83
CA GLY C 17 -1.43 -13.72 36.44
C GLY C 17 -0.61 -14.92 36.85
N ASN C 18 -1.02 -15.64 37.90
CA ASN C 18 -0.36 -16.90 38.28
C ASN C 18 -0.73 -18.03 37.33
N ALA C 19 -1.98 -18.08 36.89
CA ALA C 19 -2.37 -18.99 35.80
C ALA C 19 -1.50 -18.75 34.59
N CYS C 20 -1.65 -17.57 33.98
CA CYS C 20 -0.85 -17.20 32.82
C CYS C 20 0.60 -17.59 32.96
N TRP C 21 1.27 -17.17 34.04
CA TRP C 21 2.72 -17.39 34.09
C TRP C 21 3.06 -18.86 34.11
N GLU C 22 2.25 -19.67 34.79
CA GLU C 22 2.48 -21.10 34.82
C GLU C 22 2.39 -21.65 33.43
N LEU C 23 1.26 -21.41 32.76
CA LEU C 23 1.10 -21.82 31.39
C LEU C 23 2.29 -21.38 30.55
N TYR C 24 2.75 -20.11 30.70
CA TYR C 24 3.87 -19.64 29.87
C TYR C 24 5.16 -20.40 30.17
N CYS C 25 5.47 -20.66 31.44
CA CYS C 25 6.55 -21.59 31.77
C CYS C 25 6.38 -22.94 31.10
N LEU C 26 5.19 -23.55 31.20
CA LEU C 26 5.01 -24.85 30.58
C LEU C 26 5.25 -24.80 29.08
N GLU C 27 4.74 -23.75 28.43
CA GLU C 27 4.90 -23.60 26.99
C GLU C 27 6.37 -23.40 26.59
N HIS C 28 7.12 -22.61 27.35
CA HIS C 28 8.49 -22.30 27.00
C HIS C 28 9.52 -23.27 27.56
N GLY C 29 9.12 -24.29 28.30
CA GLY C 29 10.11 -25.17 28.88
C GLY C 29 10.81 -24.61 30.09
N ILE C 30 10.28 -23.54 30.67
CA ILE C 30 10.82 -22.98 31.90
C ILE C 30 10.36 -23.85 33.06
N GLN C 31 11.29 -24.24 33.94
CA GLN C 31 10.97 -25.03 35.13
C GLN C 31 10.52 -24.11 36.26
N PRO C 32 10.02 -24.67 37.37
CA PRO C 32 9.60 -23.83 38.51
C PRO C 32 10.73 -23.07 39.20
N ASP C 33 11.94 -23.58 39.20
CA ASP C 33 13.13 -22.82 39.61
C ASP C 33 13.60 -21.79 38.57
N GLY C 34 12.91 -21.65 37.43
CA GLY C 34 13.28 -20.73 36.40
C GLY C 34 14.30 -21.25 35.40
N GLN C 35 14.99 -22.34 35.71
CA GLN C 35 16.00 -22.91 34.83
C GLN C 35 15.32 -23.44 33.57
N MET C 36 15.67 -22.93 32.40
CA MET C 36 15.14 -23.45 31.14
C MET C 36 16.21 -24.28 30.45
N PRO C 37 16.26 -25.58 30.66
CA PRO C 37 17.28 -26.39 29.96
C PRO C 37 17.38 -26.15 28.46
N SER C 38 16.27 -26.00 27.73
CA SER C 38 16.36 -25.70 26.30
C SER C 38 17.26 -24.50 26.00
N ASP C 39 17.24 -23.46 26.85
CA ASP C 39 17.94 -22.20 26.55
C ASP C 39 19.41 -22.38 26.85
N LYS C 40 20.22 -22.50 25.80
CA LYS C 40 21.67 -22.65 25.97
C LYS C 40 22.32 -21.34 26.41
N THR C 41 21.85 -20.21 25.87
CA THR C 41 22.30 -18.90 26.31
C THR C 41 21.93 -18.61 27.75
N ILE C 42 22.95 -18.28 28.53
CA ILE C 42 22.80 -18.08 29.96
C ILE C 42 23.07 -16.59 30.26
N GLY C 43 22.23 -15.99 31.10
CA GLY C 43 22.32 -14.59 31.50
C GLY C 43 21.73 -13.63 30.51
N GLY C 44 21.23 -14.12 29.38
CA GLY C 44 20.77 -13.23 28.34
C GLY C 44 20.41 -14.01 27.09
N GLY C 45 20.16 -13.26 26.05
CA GLY C 45 19.70 -13.84 24.79
C GLY C 45 18.74 -12.87 24.13
N ASP C 46 18.26 -13.26 22.95
CA ASP C 46 17.32 -12.49 22.15
C ASP C 46 16.09 -13.31 21.75
N ASP C 47 15.85 -14.43 22.43
CA ASP C 47 14.78 -15.35 22.09
C ASP C 47 13.42 -14.73 22.38
N SER C 48 12.43 -15.17 21.61
CA SER C 48 11.12 -14.55 21.78
C SER C 48 10.70 -14.63 23.23
N PHE C 49 11.04 -15.72 23.89
CA PHE C 49 10.58 -15.86 25.26
C PHE C 49 11.22 -14.83 26.20
N ASN C 50 12.25 -14.12 25.75
CA ASN C 50 12.96 -13.11 26.55
C ASN C 50 12.20 -11.80 26.64
N THR C 51 11.20 -11.61 25.77
CA THR C 51 10.35 -10.43 25.83
C THR C 51 9.44 -10.48 27.04
N PHE C 52 9.09 -11.69 27.50
CA PHE C 52 8.31 -11.90 28.71
C PHE C 52 9.09 -12.50 29.87
N PHE C 53 10.23 -13.16 29.62
CA PHE C 53 11.03 -13.75 30.69
C PHE C 53 12.45 -13.21 30.58
N SER C 54 12.92 -12.54 31.64
CA SER C 54 14.32 -12.14 31.80
C SER C 54 15.17 -13.32 32.31
N GLU C 55 16.49 -13.19 32.16
CA GLU C 55 17.43 -14.27 32.47
C GLU C 55 18.46 -13.72 33.46
N THR C 56 19.20 -14.65 34.09
CA THR C 56 20.19 -14.37 35.12
C THR C 56 21.43 -15.21 34.83
N GLY C 57 22.55 -14.84 35.46
CA GLY C 57 23.74 -15.65 35.37
C GLY C 57 23.52 -17.12 35.60
N ALA C 58 22.72 -17.47 36.61
CA ALA C 58 22.45 -18.87 36.96
C ALA C 58 21.62 -19.60 35.90
N GLY C 59 21.18 -18.92 34.83
CA GLY C 59 20.24 -19.47 33.89
C GLY C 59 18.78 -19.38 34.30
N LYS C 60 18.47 -18.87 35.48
CA LYS C 60 17.08 -18.75 35.92
C LYS C 60 16.35 -17.67 35.11
N HIS C 61 15.13 -17.95 34.65
CA HIS C 61 14.41 -17.07 33.72
C HIS C 61 13.26 -16.40 34.46
N VAL C 62 13.54 -15.23 35.03
CA VAL C 62 12.55 -14.61 35.92
C VAL C 62 11.43 -14.02 35.08
N PRO C 63 10.14 -14.16 35.44
CA PRO C 63 9.07 -13.44 34.72
C PRO C 63 9.22 -11.91 34.80
N ARG C 64 8.85 -11.21 33.72
CA ARG C 64 8.91 -9.75 33.75
C ARG C 64 7.54 -9.22 34.14
N ALA C 65 7.33 -9.18 35.44
CA ALA C 65 6.03 -8.70 35.89
C ALA C 65 6.12 -8.34 37.35
N VAL C 66 5.03 -7.72 37.80
CA VAL C 66 4.93 -7.19 39.13
C VAL C 66 3.49 -7.44 39.55
N PHE C 67 3.36 -8.08 40.70
CA PHE C 67 2.11 -8.41 41.33
C PHE C 67 1.94 -7.39 42.44
N VAL C 68 0.91 -6.56 42.34
CA VAL C 68 0.56 -5.57 43.36
CA VAL C 68 0.56 -5.58 43.35
C VAL C 68 -0.84 -5.91 43.84
N ASP C 69 -1.02 -5.99 45.16
CA ASP C 69 -2.36 -6.16 45.73
C ASP C 69 -2.30 -5.45 47.07
N LEU C 70 -3.34 -4.69 47.43
CA LEU C 70 -3.35 -3.94 48.70
C LEU C 70 -3.53 -4.83 49.93
N GLU C 71 -3.99 -6.07 49.78
CA GLU C 71 -3.98 -7.11 50.84
C GLU C 71 -2.96 -8.21 50.55
N PRO C 72 -2.24 -8.63 51.59
CA PRO C 72 -1.13 -9.58 51.38
C PRO C 72 -1.61 -10.97 50.99
N THR C 73 -2.61 -11.50 51.70
CA THR C 73 -3.31 -12.75 51.40
C THR C 73 -3.12 -13.31 49.98
N VAL C 74 -3.51 -12.58 48.93
CA VAL C 74 -3.45 -13.15 47.58
C VAL C 74 -2.00 -13.28 47.11
N ILE C 75 -1.22 -12.21 47.22
CA ILE C 75 0.15 -12.35 46.78
C ILE C 75 0.94 -13.30 47.68
N ASP C 76 0.52 -13.46 48.94
CA ASP C 76 1.18 -14.37 49.88
C ASP C 76 1.22 -15.81 49.40
N GLU C 77 0.11 -16.30 48.83
CA GLU C 77 0.12 -17.64 48.27
C GLU C 77 1.13 -17.74 47.11
N VAL C 78 1.21 -16.71 46.26
CA VAL C 78 2.32 -16.64 45.29
C VAL C 78 3.65 -16.77 46.00
N ARG C 79 3.89 -15.94 47.03
CA ARG C 79 5.14 -16.02 47.77
C ARG C 79 5.45 -17.44 48.20
N THR C 80 4.43 -18.18 48.60
CA THR C 80 4.64 -19.53 49.09
C THR C 80 4.25 -20.58 48.05
N GLY C 81 3.87 -20.16 46.85
CA GLY C 81 3.40 -21.10 45.86
C GLY C 81 4.52 -21.85 45.16
N THR C 82 4.10 -22.81 44.33
CA THR C 82 5.06 -23.61 43.58
C THR C 82 5.99 -22.73 42.77
N TYR C 83 5.44 -21.71 42.16
CA TYR C 83 6.29 -20.86 41.38
C TYR C 83 6.82 -19.69 42.21
N ARG C 84 6.96 -19.87 43.52
CA ARG C 84 7.51 -18.77 44.31
C ARG C 84 8.98 -18.53 43.98
N GLN C 85 9.69 -19.56 43.56
CA GLN C 85 11.09 -19.37 43.23
C GLN C 85 11.26 -18.61 41.94
N LEU C 86 10.32 -18.78 41.02
CA LEU C 86 10.41 -18.09 39.75
C LEU C 86 10.39 -16.58 39.94
N PHE C 87 9.42 -16.08 40.70
CA PHE C 87 9.28 -14.67 40.90
C PHE C 87 10.37 -14.15 41.84
N HIS C 88 10.54 -12.83 41.85
CA HIS C 88 11.47 -12.22 42.76
C HIS C 88 10.74 -11.41 43.83
N PRO C 89 11.23 -11.39 45.09
CA PRO C 89 10.49 -10.72 46.17
C PRO C 89 9.99 -9.31 45.86
N GLU C 90 10.85 -8.43 45.33
CA GLU C 90 10.43 -7.07 44.98
C GLU C 90 9.24 -7.08 44.04
N GLN C 91 9.12 -8.12 43.20
CA GLN C 91 8.07 -8.13 42.19
C GLN C 91 6.70 -8.25 42.83
N LEU C 92 6.64 -8.91 43.98
CA LEU C 92 5.44 -9.05 44.79
C LEU C 92 5.36 -7.88 45.76
N ILE C 93 4.26 -7.13 45.70
CA ILE C 93 4.04 -5.92 46.47
C ILE C 93 2.65 -6.02 47.05
N THR C 94 2.55 -5.97 48.37
CA THR C 94 1.29 -6.13 49.11
C THR C 94 1.30 -5.15 50.25
N GLY C 95 0.26 -4.32 50.34
CA GLY C 95 -0.02 -3.57 51.55
C GLY C 95 -0.69 -4.39 52.65
N LYS C 96 -1.40 -3.67 53.55
CA LYS C 96 -2.05 -4.22 54.73
C LYS C 96 -3.56 -4.07 54.72
N GLU C 97 -4.12 -3.17 53.94
CA GLU C 97 -5.56 -3.01 53.91
C GLU C 97 -6.05 -3.02 52.47
N ASP C 98 -7.25 -3.57 52.26
CA ASP C 98 -7.86 -3.61 50.95
C ASP C 98 -8.66 -2.31 50.74
N ALA C 99 -9.19 -2.12 49.55
CA ALA C 99 -10.03 -0.96 49.31
C ALA C 99 -11.49 -1.24 49.68
N ALA C 100 -11.77 -2.26 50.50
CA ALA C 100 -13.12 -2.70 50.85
C ALA C 100 -14.13 -2.44 49.71
N ASN C 101 -13.80 -2.94 48.50
CA ASN C 101 -14.62 -2.88 47.28
C ASN C 101 -14.95 -1.47 46.86
N ASN C 102 -14.14 -0.51 47.28
CA ASN C 102 -14.42 0.89 47.06
C ASN C 102 -13.36 1.41 46.09
N TYR C 103 -13.81 1.88 44.93
CA TYR C 103 -12.92 2.56 44.00
C TYR C 103 -12.22 3.70 44.72
N ALA C 104 -13.00 4.57 45.35
CA ALA C 104 -12.47 5.68 46.12
C ALA C 104 -11.36 5.23 47.05
N ARG C 105 -11.57 4.17 47.81
CA ARG C 105 -10.52 3.74 48.71
C ARG C 105 -9.28 3.32 47.94
N GLY C 106 -9.47 2.70 46.77
CA GLY C 106 -8.32 2.10 46.10
C GLY C 106 -7.54 3.07 45.24
N HIS C 107 -8.23 4.12 44.77
CA HIS C 107 -7.64 5.16 43.94
C HIS C 107 -6.94 6.20 44.81
N TYR C 108 -7.61 6.64 45.86
CA TYR C 108 -7.07 7.71 46.68
C TYR C 108 -6.56 7.17 48.01
N THR C 109 -7.49 6.77 48.90
CA THR C 109 -7.20 6.68 50.33
C THR C 109 -6.07 5.69 50.61
N ILE C 110 -6.09 4.53 49.96
CA ILE C 110 -5.06 3.51 50.11
C ILE C 110 -4.05 3.59 48.95
N GLY C 111 -4.53 3.50 47.71
CA GLY C 111 -3.65 3.45 46.55
C GLY C 111 -2.48 4.40 46.69
N LYS C 112 -2.74 5.61 47.17
CA LYS C 112 -1.72 6.63 47.12
C LYS C 112 -0.50 6.15 47.91
N GLU C 113 -0.73 5.42 48.98
CA GLU C 113 0.38 4.90 49.76
C GLU C 113 1.30 4.04 48.90
N ILE C 114 0.77 3.00 48.25
CA ILE C 114 1.63 2.06 47.55
C ILE C 114 1.96 2.50 46.10
N ILE C 115 1.23 3.48 45.53
CA ILE C 115 1.36 3.77 44.09
C ILE C 115 2.82 4.06 43.74
N ASP C 116 3.51 4.84 44.58
CA ASP C 116 4.89 5.24 44.31
C ASP C 116 5.84 4.05 44.34
N LEU C 117 5.62 3.10 45.26
CA LEU C 117 6.46 1.90 45.32
C LEU C 117 6.26 1.01 44.10
N VAL C 118 4.99 0.82 43.72
CA VAL C 118 4.64 0.10 42.50
C VAL C 118 5.37 0.66 41.28
N LEU C 119 5.11 1.93 40.96
CA LEU C 119 5.83 2.60 39.88
C LEU C 119 7.32 2.43 40.00
N ASP C 120 7.78 2.33 41.23
CA ASP C 120 9.20 2.16 41.44
C ASP C 120 9.66 0.79 40.91
N ARG C 121 8.96 -0.27 41.31
CA ARG C 121 9.33 -1.59 40.82
C ARG C 121 9.19 -1.68 39.31
N ILE C 122 8.11 -1.12 38.76
CA ILE C 122 7.97 -1.13 37.31
C ILE C 122 9.20 -0.51 36.68
N ARG C 123 9.63 0.64 37.22
CA ARG C 123 10.75 1.37 36.64
C ARG C 123 12.01 0.52 36.59
N LYS C 124 12.35 -0.14 37.71
CA LYS C 124 13.45 -1.09 37.70
C LYS C 124 13.30 -2.09 36.56
N LEU C 125 12.14 -2.72 36.43
CA LEU C 125 11.97 -3.67 35.33
C LEU C 125 12.19 -2.98 34.00
N ALA C 126 11.80 -1.72 33.91
CA ALA C 126 11.86 -1.01 32.64
C ALA C 126 13.31 -0.77 32.22
N ASP C 127 14.20 -0.58 33.18
CA ASP C 127 15.62 -0.41 32.91
C ASP C 127 16.28 -1.70 32.42
N GLN C 128 15.86 -2.84 32.94
CA GLN C 128 16.31 -4.10 32.36
C GLN C 128 16.01 -4.20 30.86
N CYS C 129 14.88 -3.65 30.40
CA CYS C 129 14.45 -3.86 29.02
C CYS C 129 15.30 -3.03 28.05
N THR C 130 15.80 -3.64 26.96
CA THR C 130 16.59 -2.87 25.99
C THR C 130 15.70 -1.98 25.13
N GLY C 131 14.56 -2.52 24.67
CA GLY C 131 13.49 -1.76 24.07
C GLY C 131 12.07 -2.11 24.53
N LEU C 132 11.70 -1.69 25.73
CA LEU C 132 10.36 -1.95 26.27
C LEU C 132 9.28 -1.60 25.27
N GLN C 133 8.29 -2.48 25.14
CA GLN C 133 7.23 -2.22 24.16
C GLN C 133 6.03 -1.55 24.79
N GLY C 134 5.59 -2.05 25.94
CA GLY C 134 4.42 -1.50 26.61
C GLY C 134 4.16 -2.29 27.87
N PHE C 135 2.97 -2.10 28.45
CA PHE C 135 2.56 -2.82 29.65
C PHE C 135 1.29 -3.64 29.38
N LEU C 136 1.20 -4.79 30.09
CA LEU C 136 0.02 -5.68 30.15
C LEU C 136 -0.53 -5.62 31.57
N VAL C 137 -1.69 -4.99 31.73
CA VAL C 137 -2.33 -4.81 33.02
C VAL C 137 -3.50 -5.78 33.11
N PHE C 138 -3.56 -6.53 34.20
CA PHE C 138 -4.62 -7.47 34.51
C PHE C 138 -5.34 -6.97 35.75
N HIS C 139 -6.66 -6.79 35.63
CA HIS C 139 -7.48 -6.34 36.74
C HIS C 139 -8.93 -6.74 36.48
N SER C 140 -9.72 -6.45 37.47
CA SER C 140 -11.13 -6.72 37.53
C SER C 140 -11.82 -5.37 37.78
N PHE C 141 -12.93 -5.09 37.09
CA PHE C 141 -13.60 -3.81 37.33
C PHE C 141 -14.22 -3.73 38.70
N GLY C 142 -14.64 -4.87 39.26
CA GLY C 142 -15.56 -4.83 40.38
C GLY C 142 -14.89 -4.47 41.68
N GLY C 143 -13.63 -4.87 41.84
CA GLY C 143 -12.93 -4.62 43.09
C GLY C 143 -12.31 -3.24 43.18
N GLY C 144 -12.12 -2.79 44.44
CA GLY C 144 -11.54 -1.49 44.69
C GLY C 144 -10.09 -1.41 44.24
N THR C 145 -9.31 -2.48 44.46
CA THR C 145 -7.96 -2.48 43.93
C THR C 145 -7.99 -2.58 42.40
N GLY C 146 -8.77 -3.53 41.85
CA GLY C 146 -8.92 -3.69 40.43
C GLY C 146 -9.50 -2.50 39.69
N SER C 147 -10.27 -1.64 40.38
CA SER C 147 -10.69 -0.40 39.74
C SER C 147 -9.84 0.80 40.16
N GLY C 148 -9.78 1.13 41.45
CA GLY C 148 -9.23 2.43 41.85
C GLY C 148 -7.72 2.49 41.73
N PHE C 149 -7.04 1.45 42.19
CA PHE C 149 -5.60 1.45 42.04
C PHE C 149 -5.24 1.21 40.58
N THR C 150 -6.03 0.42 39.85
CA THR C 150 -5.66 0.18 38.46
C THR C 150 -5.71 1.44 37.63
N SER C 151 -6.71 2.29 37.82
CA SER C 151 -6.73 3.52 37.06
CA SER C 151 -6.79 3.54 37.08
C SER C 151 -5.60 4.42 37.46
N LEU C 152 -5.41 4.59 38.77
CA LEU C 152 -4.27 5.33 39.23
C LEU C 152 -2.99 4.87 38.53
N LEU C 153 -2.76 3.55 38.45
CA LEU C 153 -1.49 3.11 37.88
C LEU C 153 -1.44 3.45 36.38
N MET C 154 -2.60 3.37 35.70
CA MET C 154 -2.74 3.78 34.30
C MET C 154 -2.34 5.24 34.04
N GLU C 155 -2.91 6.19 34.79
CA GLU C 155 -2.47 7.58 34.77
C GLU C 155 -0.96 7.72 35.00
N ARG C 156 -0.46 7.10 36.06
CA ARG C 156 0.97 7.20 36.33
C ARG C 156 1.79 6.68 35.16
N LEU C 157 1.44 5.50 34.63
CA LEU C 157 2.17 5.00 33.49
C LEU C 157 2.07 5.94 32.28
N SER C 158 0.91 6.57 32.04
CA SER C 158 0.79 7.58 30.98
C SER C 158 1.82 8.69 31.15
N VAL C 159 1.83 9.29 32.32
CA VAL C 159 2.78 10.34 32.61
C VAL C 159 4.22 9.81 32.50
N ASP C 160 4.56 8.76 33.24
CA ASP C 160 5.98 8.43 33.41
C ASP C 160 6.54 7.74 32.18
N TYR C 161 5.73 7.01 31.43
CA TYR C 161 6.16 6.35 30.21
C TYR C 161 5.57 7.00 28.96
N GLY C 162 4.81 8.08 29.13
CA GLY C 162 4.39 8.81 27.95
C GLY C 162 3.37 8.02 27.15
N LYS C 163 3.60 7.84 25.87
CA LYS C 163 2.60 7.14 25.09
C LYS C 163 3.01 5.72 24.78
N LYS C 164 3.72 5.06 25.70
CA LYS C 164 4.07 3.68 25.48
C LYS C 164 2.80 2.87 25.57
N SER C 165 2.82 1.67 25.02
CA SER C 165 1.62 0.87 24.98
C SER C 165 1.11 0.47 26.32
N LYS C 166 -0.20 0.28 26.40
CA LYS C 166 -0.81 -0.12 27.65
C LYS C 166 -2.05 -0.92 27.35
N LEU C 167 -1.92 -2.23 27.31
CA LEU C 167 -3.05 -3.09 27.01
C LEU C 167 -3.68 -3.55 28.29
N GLU C 168 -4.83 -4.20 28.20
CA GLU C 168 -5.53 -4.53 29.41
C GLU C 168 -6.35 -5.80 29.37
N PHE C 169 -6.49 -6.43 30.53
CA PHE C 169 -7.29 -7.63 30.64
C PHE C 169 -8.18 -7.41 31.85
N SER C 170 -9.35 -6.83 31.53
CA SER C 170 -10.40 -6.34 32.41
C SER C 170 -11.42 -7.46 32.61
N ILE C 171 -11.71 -7.79 33.88
CA ILE C 171 -12.66 -8.85 34.26
C ILE C 171 -14.06 -8.24 34.45
N TYR C 172 -14.92 -8.41 33.43
CA TYR C 172 -16.30 -7.90 33.47
C TYR C 172 -17.08 -8.58 34.59
N PRO C 173 -17.76 -7.81 35.44
CA PRO C 173 -18.40 -8.39 36.63
C PRO C 173 -19.57 -9.26 36.18
N ALA C 174 -19.71 -10.39 36.88
CA ALA C 174 -20.68 -11.43 36.62
C ALA C 174 -21.48 -11.68 37.90
N PRO C 175 -22.81 -11.53 37.89
CA PRO C 175 -23.59 -11.74 39.13
C PRO C 175 -23.32 -13.09 39.81
N GLN C 176 -23.12 -14.16 39.04
CA GLN C 176 -22.79 -15.47 39.60
C GLN C 176 -21.62 -15.39 40.59
N VAL C 177 -20.58 -14.64 40.26
CA VAL C 177 -19.43 -14.54 41.13
C VAL C 177 -19.33 -13.16 41.76
N SER C 178 -20.39 -12.36 41.66
CA SER C 178 -20.34 -11.01 42.22
C SER C 178 -19.98 -11.07 43.70
N THR C 179 -19.08 -10.18 44.09
CA THR C 179 -18.65 -10.03 45.47
C THR C 179 -19.17 -8.76 46.13
N ALA C 180 -19.65 -7.77 45.38
CA ALA C 180 -20.03 -6.47 45.93
C ALA C 180 -21.26 -5.91 45.23
N VAL C 181 -22.19 -5.30 45.95
CA VAL C 181 -23.33 -4.74 45.20
C VAL C 181 -22.94 -3.54 44.39
N VAL C 182 -21.80 -2.96 44.72
CA VAL C 182 -21.44 -1.64 44.27
C VAL C 182 -20.52 -1.83 43.07
N GLU C 183 -20.32 -3.10 42.64
CA GLU C 183 -19.40 -3.35 41.53
C GLU C 183 -19.76 -2.60 40.26
N PRO C 184 -21.03 -2.47 39.87
CA PRO C 184 -21.31 -1.56 38.73
C PRO C 184 -20.73 -0.16 38.88
N TYR C 185 -20.84 0.48 40.05
CA TYR C 185 -20.20 1.77 40.27
C TYR C 185 -18.72 1.72 39.91
N ASN C 186 -17.98 0.80 40.54
CA ASN C 186 -16.54 0.75 40.31
C ASN C 186 -16.24 0.54 38.84
N SER C 187 -17.05 -0.28 38.18
CA SER C 187 -16.89 -0.55 36.75
C SER C 187 -17.01 0.72 35.91
N ILE C 188 -18.15 1.39 35.98
CA ILE C 188 -18.27 2.68 35.30
C ILE C 188 -17.07 3.56 35.58
N LEU C 189 -16.73 3.76 36.86
CA LEU C 189 -15.71 4.75 37.21
C LEU C 189 -14.34 4.39 36.63
N THR C 190 -13.92 3.14 36.79
CA THR C 190 -12.65 2.74 36.23
C THR C 190 -12.67 2.80 34.71
N THR C 191 -13.76 2.36 34.07
CA THR C 191 -13.85 2.46 32.62
C THR C 191 -13.70 3.90 32.18
N HIS C 192 -14.40 4.79 32.86
CA HIS C 192 -14.22 6.21 32.55
C HIS C 192 -12.79 6.68 32.65
N THR C 193 -12.07 6.25 33.65
CA THR C 193 -10.78 6.86 33.96
C THR C 193 -9.68 6.38 33.03
N THR C 194 -9.64 5.06 32.79
CA THR C 194 -8.60 4.40 31.99
CA THR C 194 -8.56 4.48 31.99
C THR C 194 -8.92 4.47 30.52
N LEU C 195 -10.06 5.04 30.16
CA LEU C 195 -10.45 4.94 28.77
C LEU C 195 -9.47 5.74 27.94
N GLU C 196 -8.95 6.80 28.52
CA GLU C 196 -8.00 7.61 27.82
C GLU C 196 -6.57 7.10 27.95
N HIS C 197 -6.30 6.07 28.73
CA HIS C 197 -4.92 5.66 28.95
C HIS C 197 -4.64 4.27 28.46
N SER C 198 -5.66 3.61 27.94
CA SER C 198 -5.53 2.24 27.48
C SER C 198 -5.54 2.27 25.95
N ASP C 199 -4.52 1.63 25.38
CA ASP C 199 -4.39 1.50 23.92
C ASP C 199 -5.32 0.42 23.38
N CYS C 200 -5.58 -0.60 24.17
CA CYS C 200 -6.34 -1.76 23.73
C CYS C 200 -6.77 -2.53 24.98
N ALA C 201 -8.07 -2.75 25.11
CA ALA C 201 -8.69 -3.36 26.29
C ALA C 201 -9.44 -4.62 25.89
N PHE C 202 -9.04 -5.75 26.45
CA PHE C 202 -9.77 -7.00 26.27
C PHE C 202 -10.57 -7.26 27.54
N MET C 203 -11.91 -7.32 27.43
CA MET C 203 -12.83 -7.66 28.50
C MET C 203 -13.16 -9.15 28.47
N VAL C 204 -13.25 -9.77 29.66
CA VAL C 204 -13.67 -11.15 29.86
C VAL C 204 -14.82 -11.18 30.85
N ASP C 205 -15.97 -11.65 30.42
CA ASP C 205 -17.10 -11.70 31.32
C ASP C 205 -17.04 -12.98 32.17
N ASN C 206 -16.99 -12.86 33.51
CA ASN C 206 -17.04 -14.09 34.31
C ASN C 206 -18.25 -14.92 33.94
N GLU C 207 -19.38 -14.29 33.71
CA GLU C 207 -20.53 -15.12 33.38
C GLU C 207 -20.25 -15.96 32.16
N ALA C 208 -19.68 -15.38 31.11
CA ALA C 208 -19.48 -16.11 29.87
C ALA C 208 -18.51 -17.28 30.06
N ILE C 209 -17.41 -17.03 30.77
CA ILE C 209 -16.43 -18.07 31.12
C ILE C 209 -17.05 -19.10 32.06
N TYR C 210 -17.91 -18.65 32.97
CA TYR C 210 -18.55 -19.61 33.86
C TYR C 210 -19.39 -20.59 33.04
N ASP C 211 -20.21 -20.05 32.12
N ASP C 211 -20.18 -20.06 32.10
CA ASP C 211 -20.98 -20.89 31.20
CA ASP C 211 -20.98 -20.89 31.20
C ASP C 211 -20.10 -21.84 30.41
C ASP C 211 -20.12 -21.84 30.38
N ILE C 212 -19.08 -21.32 29.74
CA ILE C 212 -18.24 -22.17 28.92
C ILE C 212 -17.74 -23.36 29.71
N CYS C 213 -17.26 -23.15 30.94
CA CYS C 213 -16.78 -24.29 31.73
C CYS C 213 -17.89 -25.28 32.05
N ARG C 214 -19.01 -24.80 32.56
CA ARG C 214 -20.09 -25.75 32.81
C ARG C 214 -20.46 -26.53 31.57
N ARG C 215 -20.52 -25.86 30.42
CA ARG C 215 -21.02 -26.54 29.23
C ARG C 215 -19.93 -27.45 28.64
N ASN C 216 -18.80 -26.87 28.20
CA ASN C 216 -17.76 -27.57 27.45
C ASN C 216 -16.88 -28.43 28.34
N LEU C 217 -16.65 -28.00 29.58
CA LEU C 217 -15.90 -28.82 30.52
C LEU C 217 -16.78 -29.61 31.48
N ASP C 218 -18.11 -29.42 31.47
CA ASP C 218 -19.02 -30.20 32.30
C ASP C 218 -18.74 -30.02 33.80
N ILE C 219 -18.30 -28.82 34.18
CA ILE C 219 -18.07 -28.48 35.56
C ILE C 219 -19.40 -27.98 36.14
N GLU C 220 -19.80 -28.51 37.30
CA GLU C 220 -21.09 -28.15 37.89
C GLU C 220 -21.08 -26.70 38.40
N ARG C 221 -20.09 -26.35 39.25
CA ARG C 221 -19.91 -25.00 39.76
C ARG C 221 -18.49 -24.53 39.54
N PRO C 222 -18.14 -24.16 38.31
CA PRO C 222 -16.80 -23.64 38.01
C PRO C 222 -16.27 -22.70 39.08
N THR C 223 -15.03 -22.93 39.48
CA THR C 223 -14.36 -22.14 40.50
C THR C 223 -13.50 -21.09 39.80
N TYR C 224 -13.02 -20.12 40.60
CA TYR C 224 -12.13 -19.10 40.04
C TYR C 224 -10.91 -19.77 39.42
N THR C 225 -10.57 -20.97 39.88
CA THR C 225 -9.46 -21.69 39.29
C THR C 225 -9.79 -22.15 37.88
N ASN C 226 -10.97 -22.71 37.68
CA ASN C 226 -11.42 -23.04 36.32
C ASN C 226 -11.38 -21.83 35.41
N LEU C 227 -12.15 -20.80 35.75
CA LEU C 227 -12.09 -19.59 34.96
C LEU C 227 -10.65 -19.22 34.66
N ASN C 228 -9.82 -19.10 35.69
CA ASN C 228 -8.48 -18.59 35.44
C ASN C 228 -7.72 -19.41 34.44
N ARG C 229 -7.86 -20.73 34.52
CA ARG C 229 -7.15 -21.59 33.60
C ARG C 229 -7.64 -21.41 32.18
N LEU C 230 -8.95 -21.32 32.00
CA LEU C 230 -9.44 -20.98 30.69
C LEU C 230 -8.96 -19.59 30.27
N ILE C 231 -9.08 -18.59 31.16
CA ILE C 231 -8.56 -17.28 30.83
C ILE C 231 -7.11 -17.38 30.37
N SER C 232 -6.26 -18.05 31.13
CA SER C 232 -4.86 -18.06 30.72
C SER C 232 -4.70 -18.62 29.31
N GLN C 233 -5.51 -19.60 28.90
CA GLN C 233 -5.41 -20.11 27.53
C GLN C 233 -5.65 -19.00 26.52
N ILE C 234 -6.65 -18.16 26.77
CA ILE C 234 -6.95 -17.07 25.85
C ILE C 234 -5.76 -16.12 25.81
N VAL C 235 -5.37 -15.65 26.99
CA VAL C 235 -4.23 -14.75 27.09
C VAL C 235 -3.05 -15.33 26.32
N SER C 236 -2.71 -16.59 26.56
CA SER C 236 -1.55 -17.20 25.93
C SER C 236 -1.66 -17.16 24.41
N SER C 237 -2.86 -17.36 23.87
CA SER C 237 -3.01 -17.29 22.41
C SER C 237 -2.77 -15.89 21.92
N ILE C 238 -3.27 -14.90 22.65
CA ILE C 238 -3.01 -13.52 22.27
C ILE C 238 -1.54 -13.16 22.43
N THR C 239 -0.86 -13.63 23.45
CA THR C 239 0.51 -13.19 23.59
C THR C 239 1.48 -14.08 22.84
N ALA C 240 0.97 -15.08 22.12
CA ALA C 240 1.85 -16.12 21.59
C ALA C 240 2.72 -15.58 20.47
N SER C 241 2.26 -14.53 19.80
CA SER C 241 3.06 -13.84 18.80
C SER C 241 4.24 -13.14 19.42
N LEU C 242 4.18 -12.87 20.71
CA LEU C 242 5.26 -12.12 21.32
C LEU C 242 6.28 -13.07 21.91
N ARG C 243 5.78 -14.10 22.61
CA ARG C 243 6.65 -15.00 23.34
C ARG C 243 7.31 -16.00 22.39
N PHE C 244 6.62 -16.37 21.31
CA PHE C 244 7.10 -17.30 20.29
C PHE C 244 7.20 -16.60 18.93
N ASP C 245 8.03 -17.15 18.05
CA ASP C 245 8.15 -16.54 16.73
C ASP C 245 8.04 -17.54 15.58
N ALA C 247 7.08 -18.44 11.19
CA ALA C 247 6.99 -17.95 9.82
C ALA C 247 5.59 -17.42 9.53
N LEU C 248 4.57 -18.17 9.96
CA LEU C 248 3.20 -17.72 9.81
C LEU C 248 2.74 -16.85 10.98
N ASN C 249 3.47 -16.88 12.10
CA ASN C 249 3.11 -16.12 13.29
C ASN C 249 3.15 -14.62 12.98
N VAL C 250 2.11 -13.89 13.42
CA VAL C 250 1.97 -12.47 13.11
C VAL C 250 1.94 -11.69 14.41
N ASP C 251 2.77 -10.64 14.50
CA ASP C 251 2.83 -9.79 15.69
C ASP C 251 1.49 -9.16 16.02
N LEU C 252 1.14 -9.17 17.31
CA LEU C 252 -0.17 -8.65 17.71
C LEU C 252 -0.32 -7.15 17.43
N THR C 253 0.78 -6.44 17.24
CA THR C 253 0.73 -5.03 16.85
C THR C 253 -0.11 -4.85 15.59
N GLU C 254 0.21 -5.59 14.52
CA GLU C 254 -0.55 -5.56 13.27
C GLU C 254 -2.04 -5.81 13.50
N PHE C 255 -2.35 -6.77 14.36
CA PHE C 255 -3.75 -6.95 14.73
C PHE C 255 -4.26 -5.68 15.39
N GLN C 256 -3.42 -5.04 16.25
CA GLN C 256 -3.85 -3.87 17.00
C GLN C 256 -4.11 -2.70 16.09
N THR C 257 -3.31 -2.61 15.04
CA THR C 257 -3.45 -1.51 14.12
C THR C 257 -4.71 -1.71 13.35
N ASN C 258 -5.32 -2.87 13.50
CA ASN C 258 -6.50 -3.15 12.73
C ASN C 258 -7.73 -3.32 13.59
N LEU C 259 -7.53 -3.42 14.90
CA LEU C 259 -8.65 -3.61 15.80
C LEU C 259 -9.00 -2.34 16.53
N VAL C 260 -8.37 -1.23 16.16
CA VAL C 260 -8.68 0.06 16.78
C VAL C 260 -8.89 1.11 15.72
N PRO C 261 -10.06 1.14 15.10
CA PRO C 261 -10.37 2.08 14.02
C PRO C 261 -10.33 3.50 14.48
N TYR C 262 -10.67 3.70 15.72
CA TYR C 262 -10.73 5.01 16.32
C TYR C 262 -10.34 4.81 17.78
N PRO C 263 -9.66 5.80 18.38
CA PRO C 263 -9.09 5.60 19.72
C PRO C 263 -10.03 5.00 20.77
N ARG C 264 -11.26 5.50 20.87
CA ARG C 264 -12.22 5.02 21.88
C ARG C 264 -12.73 3.62 21.55
N ILE C 265 -12.68 3.22 20.29
CA ILE C 265 -13.14 1.87 20.00
C ILE C 265 -11.97 0.94 20.14
N HIS C 266 -11.55 0.63 21.38
CA HIS C 266 -10.37 -0.22 21.54
C HIS C 266 -10.68 -1.46 22.36
N PHE C 267 -11.95 -1.87 22.41
CA PHE C 267 -12.39 -3.08 23.07
C PHE C 267 -12.73 -4.16 22.03
N PRO C 268 -11.84 -5.14 21.78
CA PRO C 268 -12.17 -6.18 20.79
C PRO C 268 -12.79 -7.37 21.49
N LEU C 269 -13.69 -8.08 20.81
CA LEU C 269 -14.28 -9.30 21.37
C LEU C 269 -13.38 -10.50 21.14
N ALA C 270 -13.34 -11.42 22.11
CA ALA C 270 -12.50 -12.59 21.90
C ALA C 270 -13.28 -13.89 22.08
N THR C 271 -12.97 -14.83 21.21
CA THR C 271 -13.63 -16.12 21.14
C THR C 271 -12.51 -17.12 20.87
N TYR C 272 -12.46 -18.14 21.71
CA TYR C 272 -11.40 -19.15 21.68
C TYR C 272 -12.07 -20.49 21.38
N ALA C 273 -11.29 -21.44 20.85
CA ALA C 273 -11.73 -22.78 20.48
C ALA C 273 -10.49 -23.63 20.25
N PRO C 274 -10.52 -24.92 20.61
CA PRO C 274 -11.69 -25.65 21.09
C PRO C 274 -11.54 -25.88 22.56
N VAL C 275 -12.53 -25.54 23.38
CA VAL C 275 -12.56 -25.91 24.80
C VAL C 275 -13.29 -27.23 24.92
N ILE C 276 -12.54 -28.28 25.23
CA ILE C 276 -13.15 -29.59 25.29
C ILE C 276 -12.51 -30.31 26.47
N SER C 277 -13.31 -31.21 27.09
CA SER C 277 -12.88 -32.11 28.14
C SER C 277 -12.02 -33.23 27.58
N ALA C 278 -11.21 -33.83 28.46
CA ALA C 278 -10.20 -34.80 28.04
C ALA C 278 -10.81 -36.12 27.58
N GLU C 279 -12.00 -36.43 28.10
CA GLU C 279 -12.78 -37.56 27.58
C GLU C 279 -13.33 -37.23 26.21
N LYS C 280 -14.02 -36.10 26.10
CA LYS C 280 -14.56 -35.74 24.81
C LYS C 280 -13.44 -35.61 23.76
N ALA C 281 -12.28 -35.05 24.11
CA ALA C 281 -11.21 -34.88 23.12
C ALA C 281 -10.60 -36.21 22.67
N TYR C 282 -10.63 -37.21 23.53
CA TYR C 282 -10.18 -38.55 23.17
C TYR C 282 -11.04 -39.09 22.03
N HIS C 283 -10.40 -39.62 20.96
CA HIS C 283 -11.07 -40.23 19.80
C HIS C 283 -11.88 -39.23 18.95
N GLU C 284 -11.60 -37.93 19.08
CA GLU C 284 -12.17 -36.86 18.27
C GLU C 284 -11.05 -35.93 17.81
N GLN C 285 -10.99 -35.65 16.51
CA GLN C 285 -10.02 -34.75 15.92
C GLN C 285 -10.76 -33.51 15.42
N LEU C 286 -10.32 -32.35 15.85
CA LEU C 286 -10.98 -31.09 15.54
C LEU C 286 -10.22 -30.43 14.38
N SER C 287 -10.92 -30.22 13.29
CA SER C 287 -10.31 -29.64 12.12
C SER C 287 -10.13 -28.14 12.31
N VAL C 288 -9.27 -27.57 11.48
CA VAL C 288 -9.25 -26.14 11.33
C VAL C 288 -10.68 -25.61 11.09
N ALA C 289 -11.46 -26.29 10.25
CA ALA C 289 -12.82 -25.80 9.97
C ALA C 289 -13.70 -25.79 11.23
N GLU C 290 -13.63 -26.86 12.04
CA GLU C 290 -14.38 -26.93 13.30
C GLU C 290 -14.00 -25.81 14.26
N ILE C 291 -12.72 -25.70 14.61
CA ILE C 291 -12.31 -24.62 15.47
C ILE C 291 -12.72 -23.28 14.86
N THR C 292 -12.60 -23.13 13.53
CA THR C 292 -12.94 -21.84 12.95
C THR C 292 -14.42 -21.50 13.15
N ASN C 293 -15.31 -22.45 12.88
CA ASN C 293 -16.72 -22.25 13.21
C ASN C 293 -16.91 -21.84 14.66
N ALA C 294 -16.43 -22.68 15.56
CA ALA C 294 -16.36 -22.36 16.98
C ALA C 294 -16.07 -20.87 17.23
N CYS C 295 -14.95 -20.32 16.72
CA CYS C 295 -14.76 -18.87 16.83
C CYS C 295 -16.03 -18.08 16.51
N PHE C 296 -16.69 -18.39 15.40
CA PHE C 296 -17.87 -17.60 15.09
C PHE C 296 -19.11 -18.06 15.84
N GLU C 297 -19.00 -19.09 16.64
CA GLU C 297 -20.08 -19.44 17.54
C GLU C 297 -20.25 -18.44 18.68
N PRO C 298 -21.47 -17.87 18.91
CA PRO C 298 -21.63 -16.85 19.98
C PRO C 298 -21.48 -17.39 21.40
N ALA C 299 -21.85 -18.64 21.67
CA ALA C 299 -21.61 -19.16 23.01
C ALA C 299 -20.13 -19.32 23.33
N ASN C 300 -19.25 -19.29 22.34
CA ASN C 300 -17.82 -19.45 22.65
C ASN C 300 -17.08 -18.15 22.98
N GLN C 301 -17.75 -17.01 22.92
CA GLN C 301 -17.15 -15.71 23.16
C GLN C 301 -16.92 -15.40 24.63
N MET C 302 -15.87 -14.61 24.92
CA MET C 302 -15.54 -14.32 26.32
C MET C 302 -16.53 -13.33 26.92
N VAL C 303 -17.05 -12.42 26.10
CA VAL C 303 -18.06 -11.47 26.54
C VAL C 303 -19.41 -11.85 25.93
N LYS C 304 -20.49 -11.67 26.71
CA LYS C 304 -21.80 -12.13 26.28
C LYS C 304 -22.41 -10.96 25.53
N CYS C 305 -22.54 -11.11 24.22
CA CYS C 305 -23.11 -10.09 23.35
C CYS C 305 -23.43 -10.78 22.04
N ASP C 306 -24.28 -10.17 21.27
CA ASP C 306 -24.65 -10.78 20.01
C ASP C 306 -23.92 -10.05 18.88
N PRO C 307 -22.97 -10.67 18.16
CA PRO C 307 -22.33 -9.93 17.05
C PRO C 307 -23.27 -9.63 15.90
N ARG C 308 -24.30 -10.47 15.69
CA ARG C 308 -25.26 -10.27 14.61
C ARG C 308 -26.03 -8.96 14.78
N HIS C 309 -26.46 -8.69 16.01
CA HIS C 309 -27.09 -7.42 16.32
C HIS C 309 -26.24 -6.24 15.85
N GLY C 310 -24.91 -6.39 15.80
CA GLY C 310 -24.03 -5.34 15.36
C GLY C 310 -23.24 -5.69 14.11
N LYS C 311 -22.25 -4.83 13.79
CA LYS C 311 -21.41 -4.99 12.61
C LYS C 311 -19.96 -5.13 13.00
N TYR C 312 -19.22 -5.86 12.17
CA TYR C 312 -17.79 -6.10 12.35
C TYR C 312 -16.98 -4.96 11.73
N MET C 313 -16.03 -4.44 12.50
CA MET C 313 -15.07 -3.43 12.04
C MET C 313 -13.68 -3.93 11.84
N ALA C 314 -13.49 -5.22 12.06
CA ALA C 314 -12.25 -5.93 12.04
C ALA C 314 -12.55 -7.32 12.58
N CYS C 315 -11.87 -8.31 12.03
CA CYS C 315 -12.01 -9.70 12.50
CA CYS C 315 -12.01 -9.70 12.50
C CYS C 315 -10.71 -10.53 12.27
N CYS C 316 -9.99 -10.72 13.36
CA CYS C 316 -8.71 -11.42 13.21
C CYS C 316 -8.69 -12.80 13.81
N LEU C 317 -7.96 -13.71 13.18
CA LEU C 317 -7.92 -15.08 13.65
C LEU C 317 -6.51 -15.49 13.98
N LEU C 318 -6.25 -15.73 15.26
CA LEU C 318 -4.92 -16.07 15.69
C LEU C 318 -4.89 -17.54 16.01
N TYR C 319 -4.30 -18.34 15.14
CA TYR C 319 -4.28 -19.77 15.33
C TYR C 319 -3.01 -20.23 15.99
N ARG C 320 -3.01 -21.45 16.48
CA ARG C 320 -1.81 -22.01 17.08
C ARG C 320 -1.85 -23.51 17.02
N GLY C 321 -0.76 -24.11 16.60
CA GLY C 321 -0.70 -25.54 16.50
C GLY C 321 -0.50 -25.99 15.06
N ASP C 322 -0.87 -27.26 14.83
CA ASP C 322 -0.79 -27.89 13.54
C ASP C 322 -1.86 -27.23 12.70
N VAL C 323 -1.51 -26.15 12.01
CA VAL C 323 -2.43 -25.47 11.10
C VAL C 323 -1.65 -25.16 9.85
N VAL C 324 -2.33 -25.16 8.71
CA VAL C 324 -1.68 -24.78 7.47
C VAL C 324 -2.51 -23.71 6.79
N PRO C 325 -1.87 -22.75 6.13
CA PRO C 325 -2.64 -21.70 5.48
C PRO C 325 -3.80 -22.25 4.67
N LYS C 326 -3.57 -23.32 3.91
CA LYS C 326 -4.59 -23.85 2.99
C LYS C 326 -5.90 -24.18 3.72
N ASP C 327 -5.80 -24.96 4.79
CA ASP C 327 -6.98 -25.29 5.57
C ASP C 327 -7.65 -24.02 6.10
N VAL C 328 -6.85 -23.04 6.56
CA VAL C 328 -7.44 -21.83 7.12
C VAL C 328 -8.23 -21.08 6.05
N ASN C 329 -7.72 -21.07 4.82
CA ASN C 329 -8.42 -20.43 3.70
C ASN C 329 -9.74 -21.09 3.42
N ALA C 330 -9.75 -22.43 3.38
CA ALA C 330 -10.97 -23.17 3.14
C ALA C 330 -12.00 -22.88 4.23
N ALA C 331 -11.65 -23.16 5.48
CA ALA C 331 -12.56 -22.96 6.60
C ALA C 331 -13.15 -21.56 6.57
N ILE C 332 -12.33 -20.57 6.27
CA ILE C 332 -12.82 -19.21 6.25
C ILE C 332 -13.87 -19.05 5.19
N ALA C 333 -13.56 -19.51 3.99
CA ALA C 333 -14.52 -19.41 2.92
C ALA C 333 -15.80 -20.06 3.36
N THR C 334 -15.72 -21.32 3.78
CA THR C 334 -16.90 -22.01 4.26
C THR C 334 -17.68 -21.11 5.18
N ILE C 335 -17.06 -20.71 6.28
CA ILE C 335 -17.72 -19.85 7.22
C ILE C 335 -18.49 -18.84 6.46
N LYS C 336 -17.79 -18.08 5.63
CA LYS C 336 -18.45 -17.03 4.90
C LYS C 336 -19.74 -17.55 4.31
N THR C 337 -19.64 -18.57 3.49
CA THR C 337 -20.83 -19.10 2.84
C THR C 337 -21.96 -19.25 3.81
N LYS C 338 -21.66 -19.66 5.02
CA LYS C 338 -22.74 -19.94 5.97
C LYS C 338 -23.07 -18.80 6.90
N ARG C 339 -22.07 -18.06 7.37
CA ARG C 339 -22.36 -17.03 8.36
C ARG C 339 -22.65 -15.65 7.80
N SER C 340 -23.11 -14.75 8.66
CA SER C 340 -23.48 -13.40 8.24
C SER C 340 -22.48 -12.44 8.86
N ILE C 341 -21.25 -12.51 8.36
CA ILE C 341 -20.22 -11.68 8.94
C ILE C 341 -20.32 -10.32 8.27
N GLN C 342 -21.26 -9.51 8.74
CA GLN C 342 -21.44 -8.16 8.22
C GLN C 342 -20.32 -7.24 8.72
N PHE C 343 -19.76 -6.42 7.80
CA PHE C 343 -18.71 -5.43 8.07
C PHE C 343 -19.25 -4.02 7.81
N VAL C 344 -18.85 -3.05 8.66
CA VAL C 344 -19.02 -1.62 8.34
C VAL C 344 -18.54 -1.35 6.90
N ASP C 345 -19.18 -0.39 6.22
CA ASP C 345 -18.72 -0.07 4.87
C ASP C 345 -17.33 0.55 4.88
N TRP C 346 -16.99 1.30 5.90
CA TRP C 346 -15.65 1.80 5.83
C TRP C 346 -14.60 0.72 5.99
N CYS C 347 -14.95 -0.51 6.33
CA CYS C 347 -13.88 -1.45 6.66
C CYS C 347 -13.79 -2.58 5.64
N PRO C 348 -12.58 -2.99 5.25
CA PRO C 348 -12.42 -4.11 4.32
C PRO C 348 -12.84 -5.44 4.94
N THR C 349 -13.72 -6.20 4.23
CA THR C 349 -14.26 -7.47 4.77
C THR C 349 -13.28 -8.62 4.63
N GLY C 350 -12.14 -8.47 5.32
CA GLY C 350 -11.10 -9.49 5.31
C GLY C 350 -10.83 -10.00 6.71
N PHE C 351 -10.24 -11.17 6.75
CA PHE C 351 -9.87 -11.82 7.99
C PHE C 351 -8.34 -11.87 8.01
N LYS C 352 -7.73 -11.10 8.90
CA LYS C 352 -6.31 -11.23 9.11
C LYS C 352 -6.07 -12.49 9.94
N VAL C 353 -5.13 -13.33 9.48
CA VAL C 353 -4.84 -14.61 10.11
C VAL C 353 -3.34 -14.64 10.52
N GLY C 354 -3.04 -15.37 11.59
CA GLY C 354 -1.67 -15.79 11.87
C GLY C 354 -1.69 -17.20 12.44
N ILE C 355 -0.66 -17.99 12.05
CA ILE C 355 -0.47 -19.40 12.43
C ILE C 355 0.82 -19.47 13.21
N ASN C 356 0.70 -19.81 14.46
CA ASN C 356 1.86 -20.09 15.29
C ASN C 356 1.93 -21.58 15.48
N TYR C 357 2.89 -22.22 14.81
CA TYR C 357 2.95 -23.66 14.84
C TYR C 357 3.20 -24.23 16.24
N GLN C 358 3.66 -23.43 17.19
CA GLN C 358 3.83 -23.92 18.56
C GLN C 358 2.49 -24.45 19.08
N PRO C 359 2.38 -25.74 19.43
CA PRO C 359 1.07 -26.30 19.75
C PRO C 359 0.66 -25.90 21.16
N PRO C 360 -0.66 -25.97 21.50
CA PRO C 360 -1.12 -25.46 22.78
C PRO C 360 -0.83 -26.44 23.91
N THR C 361 -0.69 -25.87 25.10
CA THR C 361 -0.39 -26.66 26.29
C THR C 361 -1.43 -26.40 27.36
N VAL C 362 -1.65 -27.44 28.15
CA VAL C 362 -2.63 -27.45 29.22
C VAL C 362 -1.89 -27.79 30.49
N VAL C 363 -2.24 -27.07 31.55
CA VAL C 363 -1.68 -27.34 32.87
C VAL C 363 -2.11 -28.73 33.34
N PRO C 364 -1.21 -29.49 33.97
CA PRO C 364 -1.56 -30.82 34.49
C PRO C 364 -2.63 -30.78 35.58
N GLY C 365 -3.50 -31.79 35.55
CA GLY C 365 -4.74 -31.75 36.30
C GLY C 365 -5.72 -30.75 35.77
N GLY C 366 -5.45 -30.14 34.62
CA GLY C 366 -6.44 -29.28 34.01
C GLY C 366 -7.66 -30.06 33.55
N ASP C 367 -8.79 -29.36 33.44
CA ASP C 367 -9.97 -29.94 32.78
C ASP C 367 -9.95 -29.75 31.27
N LEU C 368 -9.01 -28.99 30.75
CA LEU C 368 -8.93 -28.81 29.31
C LEU C 368 -8.05 -29.90 28.75
N ALA C 369 -8.57 -30.58 27.72
CA ALA C 369 -7.83 -31.60 26.99
C ALA C 369 -6.80 -30.96 26.08
N LYS C 370 -5.60 -31.52 26.05
CA LYS C 370 -4.63 -31.05 25.07
C LYS C 370 -5.16 -31.32 23.67
N VAL C 371 -5.08 -30.29 22.83
CA VAL C 371 -5.48 -30.35 21.43
C VAL C 371 -4.24 -30.06 20.59
N GLN C 372 -4.26 -30.52 19.33
CA GLN C 372 -3.15 -30.27 18.40
C GLN C 372 -3.30 -28.93 17.68
N ARG C 373 -4.51 -28.35 17.72
CA ARG C 373 -4.78 -27.05 17.15
C ARG C 373 -5.84 -26.34 17.98
N ALA C 374 -5.63 -25.04 18.19
CA ALA C 374 -6.55 -24.09 18.81
C ALA C 374 -6.50 -22.78 18.05
N VAL C 375 -7.56 -21.97 18.18
CA VAL C 375 -7.69 -20.66 17.54
C VAL C 375 -8.46 -19.73 18.48
N CYS C 376 -8.10 -18.45 18.43
CA CYS C 376 -8.76 -17.43 19.22
C CYS C 376 -8.98 -16.24 18.35
N MET C 377 -10.21 -15.96 17.96
CA MET C 377 -10.48 -14.87 17.06
C MET C 377 -10.78 -13.62 17.82
N LEU C 378 -10.20 -12.52 17.40
CA LEU C 378 -10.51 -11.26 18.02
C LEU C 378 -11.28 -10.44 17.01
N SER C 379 -12.42 -9.89 17.40
CA SER C 379 -13.25 -9.14 16.49
C SER C 379 -13.67 -7.78 17.03
N ASN C 380 -13.63 -6.75 16.21
CA ASN C 380 -14.09 -5.42 16.65
C ASN C 380 -15.47 -5.18 16.14
N THR C 381 -16.44 -5.82 16.76
CA THR C 381 -17.85 -5.67 16.47
C THR C 381 -18.51 -4.72 17.44
N THR C 382 -19.44 -3.93 16.93
CA THR C 382 -20.21 -3.01 17.76
C THR C 382 -21.10 -3.71 18.76
N ALA C 383 -21.16 -5.02 18.74
CA ALA C 383 -21.97 -5.65 19.72
C ALA C 383 -21.45 -5.42 21.12
N ILE C 384 -20.16 -5.15 21.26
CA ILE C 384 -19.61 -5.04 22.59
C ILE C 384 -20.40 -4.06 23.42
N ALA C 385 -21.06 -3.12 22.78
CA ALA C 385 -21.75 -2.09 23.53
C ALA C 385 -22.75 -2.67 24.48
N GLU C 386 -23.43 -3.71 24.05
CA GLU C 386 -24.46 -4.30 24.88
C GLU C 386 -23.90 -4.43 26.27
N ALA C 387 -22.64 -4.80 26.36
CA ALA C 387 -22.02 -4.97 27.65
C ALA C 387 -22.18 -3.72 28.44
N TRP C 388 -21.57 -2.67 27.97
CA TRP C 388 -21.66 -1.42 28.66
C TRP C 388 -23.08 -1.22 29.09
N ALA C 389 -24.00 -1.30 28.16
CA ALA C 389 -25.39 -1.03 28.48
C ALA C 389 -25.81 -1.70 29.75
N ARG C 390 -25.81 -3.02 29.73
CA ARG C 390 -26.20 -3.75 30.90
C ARG C 390 -25.61 -3.08 32.11
N LEU C 391 -24.29 -3.00 32.15
CA LEU C 391 -23.65 -2.41 33.28
C LEU C 391 -24.25 -1.07 33.54
N ASP C 392 -24.02 -0.15 32.62
CA ASP C 392 -24.53 1.19 32.78
C ASP C 392 -25.90 1.13 33.40
N HIS C 393 -26.77 0.27 32.89
CA HIS C 393 -28.14 0.29 33.40
C HIS C 393 -28.22 0.01 34.90
N LYS C 394 -27.55 -1.04 35.37
CA LYS C 394 -27.35 -1.24 36.80
C LYS C 394 -26.86 0.04 37.48
N PHE C 395 -25.80 0.65 36.92
CA PHE C 395 -25.21 1.84 37.55
C PHE C 395 -26.28 2.90 37.76
N ASP C 396 -27.02 3.21 36.70
CA ASP C 396 -28.16 4.12 36.78
C ASP C 396 -29.20 3.72 37.82
N LEU C 397 -29.53 2.42 37.93
CA LEU C 397 -30.53 2.01 38.93
C LEU C 397 -30.13 2.41 40.33
N MET C 398 -28.97 1.95 40.79
CA MET C 398 -28.54 2.32 42.12
C MET C 398 -28.30 3.83 42.21
N TYR C 399 -27.79 4.48 41.16
CA TYR C 399 -27.34 5.87 41.32
C TYR C 399 -28.51 6.85 41.39
N ALA C 400 -29.66 6.45 40.86
CA ALA C 400 -30.84 7.28 41.00
C ALA C 400 -31.21 7.43 42.46
N LYS C 401 -31.03 6.37 43.22
CA LYS C 401 -31.34 6.43 44.63
C LYS C 401 -30.06 6.66 45.37
N ARG C 402 -29.05 7.11 44.65
CA ARG C 402 -27.77 7.40 45.25
C ARG C 402 -27.37 6.41 46.32
N ALA C 403 -27.44 5.14 45.99
CA ALA C 403 -27.13 4.11 46.97
C ALA C 403 -25.66 3.91 47.09
N PHE C 404 -25.22 3.49 48.26
CA PHE C 404 -23.81 3.31 48.50
C PHE C 404 -23.00 4.54 48.10
N VAL C 405 -23.63 5.58 47.55
CA VAL C 405 -22.85 6.74 47.12
C VAL C 405 -22.10 7.33 48.29
N HIS C 406 -22.65 7.23 49.50
CA HIS C 406 -21.97 7.83 50.64
C HIS C 406 -20.60 7.20 50.85
N TRP C 407 -20.45 5.92 50.54
CA TRP C 407 -19.15 5.32 50.76
C TRP C 407 -18.11 5.97 49.89
N TYR C 408 -18.45 6.27 48.64
CA TYR C 408 -17.51 7.03 47.82
C TYR C 408 -17.29 8.42 48.39
N VAL C 409 -18.36 9.12 48.80
CA VAL C 409 -18.17 10.52 49.15
C VAL C 409 -17.28 10.70 50.36
N GLY C 410 -17.39 9.79 51.33
CA GLY C 410 -16.56 9.85 52.53
C GLY C 410 -15.09 9.69 52.25
N GLU C 411 -14.75 8.94 51.21
CA GLU C 411 -13.33 8.85 50.86
C GLU C 411 -12.82 10.14 50.23
N GLY C 412 -13.74 11.03 49.82
CA GLY C 412 -13.43 12.28 49.15
C GLY C 412 -13.95 12.45 47.72
N MET C 413 -14.32 11.36 47.09
CA MET C 413 -15.00 11.51 45.81
C MET C 413 -16.24 12.40 45.91
N GLU C 414 -16.75 12.76 44.73
CA GLU C 414 -17.86 13.69 44.58
C GLU C 414 -18.80 13.16 43.53
N GLU C 415 -20.08 13.40 43.74
CA GLU C 415 -21.08 12.87 42.82
C GLU C 415 -20.78 13.30 41.38
N GLY C 416 -20.22 14.51 41.18
CA GLY C 416 -19.78 14.91 39.86
C GLY C 416 -19.01 13.85 39.13
N GLU C 417 -18.04 13.24 39.81
CA GLU C 417 -17.28 12.15 39.21
C GLU C 417 -18.23 11.04 38.69
N PHE C 418 -19.21 10.62 39.52
CA PHE C 418 -20.20 9.63 39.07
C PHE C 418 -20.92 10.05 37.80
N SER C 419 -21.52 11.23 37.82
CA SER C 419 -22.27 11.67 36.66
C SER C 419 -21.38 11.78 35.43
N GLU C 420 -20.24 12.48 35.56
CA GLU C 420 -19.25 12.53 34.49
C GLU C 420 -18.90 11.15 33.97
N ALA C 421 -18.47 10.24 34.84
CA ALA C 421 -18.22 8.89 34.36
C ALA C 421 -19.41 8.36 33.55
N ARG C 422 -20.63 8.49 34.06
CA ARG C 422 -21.76 7.90 33.34
C ARG C 422 -21.93 8.57 31.98
N GLU C 423 -21.84 9.90 31.93
CA GLU C 423 -21.95 10.57 30.65
C GLU C 423 -20.98 9.96 29.65
N ASP C 424 -19.75 9.72 30.08
CA ASP C 424 -18.75 9.23 29.15
C ASP C 424 -19.16 7.86 28.62
N MET C 425 -19.60 6.96 29.52
CA MET C 425 -20.17 5.72 29.04
C MET C 425 -21.30 5.93 28.06
N ALA C 426 -22.20 6.86 28.32
CA ALA C 426 -23.28 7.06 27.36
C ALA C 426 -22.69 7.51 26.02
N ALA C 427 -21.74 8.47 26.03
CA ALA C 427 -21.04 8.83 24.80
C ALA C 427 -20.41 7.62 24.12
N LEU C 428 -19.63 6.82 24.87
CA LEU C 428 -19.05 5.62 24.25
C LEU C 428 -20.14 4.80 23.55
N GLU C 429 -21.30 4.61 24.19
CA GLU C 429 -22.35 3.81 23.58
C GLU C 429 -22.86 4.47 22.32
N LYS C 430 -22.93 5.80 22.31
CA LYS C 430 -23.40 6.44 21.09
C LYS C 430 -22.33 6.35 20.04
N ASP C 431 -21.06 6.41 20.46
CA ASP C 431 -19.98 6.25 19.49
C ASP C 431 -20.08 4.90 18.79
N TYR C 432 -20.32 3.82 19.53
CA TYR C 432 -20.52 2.55 18.85
C TYR C 432 -21.61 2.64 17.81
N GLU C 433 -22.75 3.26 18.16
CA GLU C 433 -23.83 3.37 17.20
C GLU C 433 -23.44 4.19 15.97
N GLU C 434 -22.71 5.28 16.16
CA GLU C 434 -22.24 6.06 15.03
C GLU C 434 -21.37 5.21 14.10
N VAL C 435 -20.43 4.44 14.66
CA VAL C 435 -19.50 3.70 13.78
C VAL C 435 -20.23 2.67 12.94
N GLY C 436 -21.38 2.19 13.43
CA GLY C 436 -22.16 1.23 12.68
C GLY C 436 -23.00 1.86 11.58
N VAL C 437 -23.39 3.11 11.75
CA VAL C 437 -24.13 3.78 10.70
C VAL C 437 -23.40 3.66 9.37
N ASP C 438 -24.16 3.36 8.31
CA ASP C 438 -23.61 3.29 6.94
C ASP C 438 -23.23 4.67 6.42
N SER C 439 -22.09 4.73 5.73
CA SER C 439 -21.61 6.00 5.17
C SER C 439 -22.64 6.57 4.21
N VAL C 440 -22.83 7.88 4.29
CA VAL C 440 -23.75 8.58 3.40
C VAL C 440 -23.40 8.30 1.95
N MET D 1 -4.05 -9.62 59.62
CA MET D 1 -3.91 -8.87 60.86
C MET D 1 -5.05 -7.85 61.00
N ARG D 2 -6.27 -8.30 60.72
CA ARG D 2 -7.45 -7.42 60.77
C ARG D 2 -8.20 -7.65 62.08
N GLU D 3 -7.62 -7.10 63.15
CA GLU D 3 -8.13 -7.27 64.51
C GLU D 3 -9.41 -6.49 64.72
N ILE D 4 -10.27 -7.05 65.54
CA ILE D 4 -11.55 -6.47 65.86
C ILE D 4 -11.53 -6.42 67.38
N VAL D 5 -11.33 -5.22 67.95
CA VAL D 5 -11.48 -5.03 69.39
C VAL D 5 -12.91 -5.32 69.76
N HIS D 6 -13.09 -6.13 70.80
CA HIS D 6 -14.38 -6.48 71.34
C HIS D 6 -14.59 -5.77 72.68
N ILE D 7 -15.83 -5.39 72.95
CA ILE D 7 -16.25 -4.60 74.11
C ILE D 7 -17.65 -5.05 74.48
N GLN D 8 -17.78 -5.58 75.69
CA GLN D 8 -19.05 -6.04 76.24
C GLN D 8 -19.35 -5.18 77.46
N ALA D 9 -20.50 -4.51 77.44
CA ALA D 9 -20.91 -3.61 78.53
C ALA D 9 -22.36 -3.88 78.90
N GLY D 10 -22.64 -3.77 80.20
CA GLY D 10 -23.94 -4.00 80.76
C GLY D 10 -24.12 -5.45 81.15
N GLN D 11 -25.16 -5.71 81.96
CA GLN D 11 -25.46 -7.08 82.36
C GLN D 11 -25.66 -7.94 81.11
N CYS D 12 -26.70 -7.64 80.33
CA CYS D 12 -26.96 -8.38 79.10
C CYS D 12 -25.70 -8.48 78.23
N GLY D 13 -25.00 -7.34 78.04
CA GLY D 13 -23.82 -7.35 77.18
C GLY D 13 -22.72 -8.27 77.66
N ASN D 14 -22.48 -8.27 78.97
CA ASN D 14 -21.47 -9.18 79.54
C ASN D 14 -21.85 -10.64 79.36
N GLN D 15 -23.12 -10.98 79.56
CA GLN D 15 -23.55 -12.37 79.46
C GLN D 15 -23.41 -12.90 78.04
N ILE D 16 -24.02 -12.18 77.06
CA ILE D 16 -24.00 -12.58 75.65
C ILE D 16 -22.58 -12.64 75.12
N GLY D 17 -21.73 -11.72 75.59
CA GLY D 17 -20.35 -11.67 75.14
C GLY D 17 -19.52 -12.82 75.65
N ALA D 18 -19.73 -13.18 76.92
CA ALA D 18 -19.12 -14.39 77.47
C ALA D 18 -19.48 -15.62 76.65
N LYS D 19 -20.76 -15.77 76.32
CA LYS D 19 -21.20 -16.88 75.47
C LYS D 19 -20.51 -16.83 74.11
N PHE D 20 -20.52 -15.66 73.48
CA PHE D 20 -19.89 -15.55 72.16
C PHE D 20 -18.47 -16.08 72.25
N TRP D 21 -17.71 -15.60 73.23
CA TRP D 21 -16.29 -15.99 73.33
C TRP D 21 -16.12 -17.48 73.57
N GLU D 22 -16.95 -18.06 74.41
CA GLU D 22 -16.85 -19.49 74.61
C GLU D 22 -17.08 -20.20 73.30
N VAL D 23 -18.06 -19.74 72.53
CA VAL D 23 -18.49 -20.51 71.38
C VAL D 23 -17.44 -20.42 70.28
N ILE D 24 -16.91 -19.21 70.04
CA ILE D 24 -15.91 -19.07 68.99
C ILE D 24 -14.64 -19.77 69.44
N SER D 25 -14.38 -19.75 70.75
CA SER D 25 -13.23 -20.45 71.31
C SER D 25 -13.28 -21.96 71.05
N ASP D 26 -14.45 -22.57 71.27
CA ASP D 26 -14.67 -23.94 70.83
C ASP D 26 -14.46 -24.08 69.31
N GLU D 27 -15.07 -23.21 68.52
CA GLU D 27 -14.95 -23.34 67.07
C GLU D 27 -13.50 -23.25 66.60
N HIS D 28 -12.67 -22.45 67.27
CA HIS D 28 -11.25 -22.27 66.95
C HIS D 28 -10.30 -23.17 67.76
N GLY D 29 -10.83 -24.08 68.58
CA GLY D 29 -10.01 -25.03 69.34
C GLY D 29 -9.25 -24.48 70.53
N ILE D 30 -9.77 -23.42 71.16
CA ILE D 30 -9.16 -22.71 72.28
C ILE D 30 -10.00 -22.99 73.54
N ASP D 31 -9.35 -23.48 74.59
CA ASP D 31 -10.01 -23.80 75.86
C ASP D 31 -9.94 -22.58 76.79
N PRO D 32 -10.50 -22.68 77.99
CA PRO D 32 -10.44 -21.50 78.86
C PRO D 32 -9.04 -21.09 79.23
N THR D 33 -8.07 -22.01 79.21
CA THR D 33 -6.69 -21.63 79.48
C THR D 33 -5.99 -20.94 78.30
N GLY D 34 -6.71 -20.57 77.22
CA GLY D 34 -6.09 -20.01 76.04
C GLY D 34 -5.30 -21.00 75.21
N SER D 35 -5.09 -22.22 75.68
CA SER D 35 -4.36 -23.23 74.92
C SER D 35 -5.19 -23.72 73.73
N TYR D 36 -4.53 -23.94 72.59
CA TYR D 36 -5.20 -24.41 71.39
C TYR D 36 -5.02 -25.91 71.22
N HIS D 37 -6.10 -26.59 70.83
CA HIS D 37 -6.07 -28.03 70.63
C HIS D 37 -6.91 -28.45 69.45
N GLY D 38 -7.16 -27.52 68.53
CA GLY D 38 -7.96 -27.84 67.36
C GLY D 38 -7.24 -28.76 66.40
N ASP D 39 -8.07 -29.45 65.61
CA ASP D 39 -7.80 -30.44 64.56
C ASP D 39 -7.51 -29.80 63.20
N SER D 40 -7.87 -28.53 63.04
CA SER D 40 -7.86 -27.88 61.75
C SER D 40 -7.05 -26.60 61.84
N ASP D 41 -6.17 -26.43 60.88
CA ASP D 41 -5.45 -25.18 60.75
C ASP D 41 -6.39 -23.99 60.58
N LEU D 42 -7.60 -24.21 60.04
CA LEU D 42 -8.51 -23.11 59.77
C LEU D 42 -8.90 -22.34 61.02
N GLN D 43 -8.90 -23.01 62.17
CA GLN D 43 -9.28 -22.33 63.39
C GLN D 43 -8.27 -21.26 63.78
N LEU D 44 -6.97 -21.54 63.60
CA LEU D 44 -5.89 -20.62 63.90
C LEU D 44 -5.52 -19.66 62.78
N GLU D 45 -6.02 -19.88 61.57
CA GLU D 45 -5.68 -19.03 60.43
C GLU D 45 -6.15 -17.59 60.60
N ARG D 46 -7.35 -17.40 61.14
CA ARG D 46 -7.88 -16.06 61.35
C ARG D 46 -8.15 -15.80 62.83
N ILE D 47 -7.61 -16.64 63.71
CA ILE D 47 -7.91 -16.49 65.12
C ILE D 47 -7.54 -15.09 65.59
N ASN D 48 -6.57 -14.46 64.94
CA ASN D 48 -6.14 -13.10 65.29
C ASN D 48 -7.19 -12.02 65.07
N VAL D 49 -8.28 -12.30 64.35
CA VAL D 49 -9.31 -11.29 64.20
C VAL D 49 -9.89 -10.95 65.58
N TYR D 50 -10.11 -11.97 66.43
CA TYR D 50 -10.68 -11.81 67.78
C TYR D 50 -9.75 -12.19 68.94
N TYR D 51 -8.57 -12.75 68.67
CA TYR D 51 -7.69 -13.28 69.69
C TYR D 51 -6.29 -12.69 69.52
N ASN D 52 -5.58 -12.51 70.64
CA ASN D 52 -4.18 -12.07 70.68
C ASN D 52 -3.32 -13.24 71.13
N GLU D 53 -2.28 -13.59 70.37
CA GLU D 53 -1.47 -14.74 70.75
C GLU D 53 -0.52 -14.39 71.89
N ALA D 54 -0.07 -15.42 72.61
CA ALA D 54 0.81 -15.20 73.76
C ALA D 54 1.70 -16.41 74.04
N GLY D 56 2.42 -18.88 76.55
CA GLY D 56 2.52 -20.22 76.04
C GLY D 56 1.51 -20.45 74.95
N ASN D 57 1.67 -19.71 73.85
CA ASN D 57 0.78 -19.83 72.71
C ASN D 57 -0.68 -19.72 73.14
N LYS D 58 -0.96 -18.76 74.01
CA LYS D 58 -2.30 -18.57 74.55
C LYS D 58 -3.03 -17.53 73.72
N TYR D 59 -4.10 -17.93 73.07
CA TYR D 59 -4.95 -17.03 72.31
C TYR D 59 -5.90 -16.40 73.31
N VAL D 60 -5.66 -15.14 73.65
CA VAL D 60 -6.53 -14.46 74.60
C VAL D 60 -7.59 -13.62 73.89
N PRO D 61 -8.86 -13.73 74.27
CA PRO D 61 -9.88 -12.88 73.66
C PRO D 61 -9.53 -11.42 73.86
N ARG D 62 -9.53 -10.70 72.74
CA ARG D 62 -9.34 -9.25 72.72
C ARG D 62 -10.64 -8.58 73.13
N ALA D 63 -10.99 -8.79 74.40
CA ALA D 63 -12.22 -8.30 74.99
C ALA D 63 -11.94 -7.36 76.15
N ILE D 64 -12.83 -6.38 76.27
CA ILE D 64 -12.90 -5.41 77.33
C ILE D 64 -14.28 -5.58 77.94
N LEU D 65 -14.32 -5.99 79.19
CA LEU D 65 -15.56 -6.12 79.92
C LEU D 65 -15.79 -4.82 80.67
N VAL D 66 -17.05 -4.39 80.76
CA VAL D 66 -17.44 -3.10 81.32
C VAL D 66 -18.83 -3.27 81.91
N ASP D 67 -18.98 -2.92 83.19
CA ASP D 67 -20.26 -2.91 83.87
C ASP D 67 -20.14 -2.00 85.08
N LEU D 68 -21.14 -1.15 85.30
CA LEU D 68 -21.13 -0.30 86.49
C LEU D 68 -21.38 -1.07 87.78
N GLU D 69 -21.86 -2.31 87.72
CA GLU D 69 -21.97 -3.17 88.91
C GLU D 69 -20.99 -4.33 88.79
N PRO D 70 -20.13 -4.57 89.80
CA PRO D 70 -19.09 -5.60 89.64
C PRO D 70 -19.64 -7.01 89.63
N GLY D 71 -20.78 -7.23 90.29
CA GLY D 71 -21.34 -8.57 90.37
C GLY D 71 -21.40 -9.27 89.02
N THR D 72 -21.92 -8.58 88.01
CA THR D 72 -22.06 -9.17 86.68
C THR D 72 -20.71 -9.63 86.16
N MET D 73 -19.69 -8.76 86.20
CA MET D 73 -18.36 -9.14 85.74
C MET D 73 -17.74 -10.22 86.62
N ASP D 74 -17.95 -10.16 87.94
CA ASP D 74 -17.50 -11.22 88.85
C ASP D 74 -18.03 -12.59 88.48
N SER D 75 -19.32 -12.68 88.18
CA SER D 75 -19.95 -13.87 87.64
C SER D 75 -19.31 -14.33 86.32
N VAL D 76 -19.06 -13.37 85.41
CA VAL D 76 -18.34 -13.66 84.17
C VAL D 76 -16.99 -14.34 84.45
N ARG D 77 -16.17 -13.74 85.32
CA ARG D 77 -14.91 -14.36 85.71
C ARG D 77 -15.14 -15.74 86.30
N SER D 78 -16.19 -15.88 87.11
CA SER D 78 -16.51 -17.17 87.70
C SER D 78 -16.86 -18.19 86.62
N GLY D 79 -17.59 -17.75 85.58
CA GLY D 79 -17.94 -18.61 84.49
C GLY D 79 -16.75 -19.19 83.73
N PRO D 80 -17.01 -20.21 82.90
CA PRO D 80 -15.95 -20.80 82.08
C PRO D 80 -15.27 -19.70 81.27
N PHE D 81 -13.97 -19.85 81.06
CA PHE D 81 -13.23 -18.88 80.26
C PHE D 81 -13.06 -17.53 80.95
N GLY D 82 -13.58 -17.35 82.17
CA GLY D 82 -13.31 -16.13 82.91
C GLY D 82 -11.82 -15.90 83.14
N GLN D 83 -11.04 -17.00 83.13
CA GLN D 83 -9.59 -16.89 83.15
C GLN D 83 -9.09 -16.42 81.79
N ILE D 84 -9.57 -17.03 80.70
CA ILE D 84 -9.07 -16.64 79.39
C ILE D 84 -9.11 -15.13 79.23
N PHE D 85 -10.15 -14.46 79.72
CA PHE D 85 -10.20 -13.02 79.53
C PHE D 85 -9.04 -12.41 80.33
N ARG D 86 -8.31 -11.51 79.68
CA ARG D 86 -7.26 -10.73 80.34
C ARG D 86 -7.83 -10.00 81.54
N PRO D 87 -7.26 -10.20 82.74
CA PRO D 87 -7.81 -9.53 83.92
C PRO D 87 -7.82 -8.02 83.81
N ASP D 88 -6.79 -7.42 83.22
CA ASP D 88 -6.79 -5.98 83.07
C ASP D 88 -7.92 -5.51 82.17
N ASN D 89 -8.36 -6.35 81.24
CA ASN D 89 -9.51 -5.97 80.42
C ASN D 89 -10.78 -5.78 81.22
N PHE D 90 -10.89 -6.41 82.39
CA PHE D 90 -12.03 -6.19 83.27
C PHE D 90 -11.97 -4.76 83.84
N VAL D 91 -13.11 -4.04 83.73
CA VAL D 91 -13.29 -2.64 84.09
C VAL D 91 -14.73 -2.46 84.58
N PHE D 92 -14.90 -2.33 85.89
CA PHE D 92 -16.23 -2.24 86.48
C PHE D 92 -16.21 -1.19 87.59
N GLY D 93 -17.26 -0.39 87.67
CA GLY D 93 -17.42 0.58 88.74
C GLY D 93 -18.15 -0.03 89.91
N GLN D 94 -18.75 0.85 90.72
CA GLN D 94 -19.45 0.36 91.91
C GLN D 94 -20.84 0.94 92.03
N SER D 95 -21.02 2.16 91.51
CA SER D 95 -22.29 2.85 91.68
C SER D 95 -23.41 2.13 90.96
N GLY D 96 -23.12 1.56 89.79
CA GLY D 96 -24.16 1.02 88.94
C GLY D 96 -25.00 2.12 88.34
N ALA D 97 -25.78 1.74 87.31
CA ALA D 97 -26.60 2.68 86.56
C ALA D 97 -28.06 2.69 87.01
N GLY D 98 -28.50 1.66 87.72
CA GLY D 98 -29.89 1.61 88.15
C GLY D 98 -30.86 1.61 86.99
N ASN D 99 -30.49 0.94 85.91
CA ASN D 99 -31.32 0.85 84.72
C ASN D 99 -31.69 2.25 84.27
N ASN D 100 -30.68 3.12 84.18
CA ASN D 100 -30.83 4.50 83.73
C ASN D 100 -29.84 4.77 82.61
N TRP D 101 -30.38 5.12 81.43
CA TRP D 101 -29.53 5.51 80.32
C TRP D 101 -28.81 6.83 80.63
N ALA D 102 -29.48 7.76 81.31
CA ALA D 102 -28.82 9.02 81.64
C ALA D 102 -27.67 8.83 82.62
N LYS D 103 -27.79 7.84 83.52
CA LYS D 103 -26.74 7.56 84.50
C LYS D 103 -25.47 7.06 83.84
N GLY D 104 -25.62 6.18 82.84
CA GLY D 104 -24.44 5.66 82.16
C GLY D 104 -23.86 6.63 81.14
N HIS D 105 -24.73 7.38 80.43
CA HIS D 105 -24.27 8.29 79.38
C HIS D 105 -23.80 9.63 79.92
N TYR D 106 -24.12 10.00 81.16
CA TYR D 106 -23.75 11.31 81.64
C TYR D 106 -23.01 11.33 82.99
N THR D 107 -23.34 10.44 83.92
CA THR D 107 -22.86 10.53 85.29
C THR D 107 -21.96 9.33 85.55
N GLU D 108 -22.50 8.21 86.05
CA GLU D 108 -21.61 7.13 86.47
C GLU D 108 -20.81 6.60 85.29
N GLY D 109 -21.47 6.25 84.18
CA GLY D 109 -20.71 5.92 82.98
C GLY D 109 -19.59 6.91 82.72
N ALA D 110 -19.90 8.20 82.80
CA ALA D 110 -18.91 9.22 82.47
C ALA D 110 -17.70 9.11 83.37
N GLU D 111 -17.91 8.70 84.63
CA GLU D 111 -16.78 8.55 85.53
C GLU D 111 -15.89 7.38 85.11
N LEU D 112 -16.49 6.28 84.65
CA LEU D 112 -15.73 5.08 84.30
C LEU D 112 -15.30 5.08 82.85
N VAL D 113 -15.87 5.95 82.01
CA VAL D 113 -15.60 5.83 80.58
C VAL D 113 -14.11 5.91 80.33
N ASP D 114 -13.43 6.82 81.03
CA ASP D 114 -12.04 7.11 80.71
C ASP D 114 -11.15 5.86 80.91
N SER D 115 -11.35 5.12 82.01
CA SER D 115 -10.59 3.87 82.20
C SER D 115 -10.88 2.84 81.09
N VAL D 116 -12.12 2.74 80.65
CA VAL D 116 -12.45 1.86 79.52
C VAL D 116 -11.65 2.26 78.28
N LEU D 117 -11.73 3.54 77.90
CA LEU D 117 -11.00 4.03 76.73
C LEU D 117 -9.53 3.70 76.82
N ASP D 118 -8.97 3.75 78.03
CA ASP D 118 -7.57 3.37 78.23
C ASP D 118 -7.32 1.94 77.78
N VAL D 119 -8.22 1.01 78.13
CA VAL D 119 -8.00 -0.36 77.72
C VAL D 119 -8.19 -0.47 76.22
N VAL D 120 -9.25 0.16 75.73
CA VAL D 120 -9.46 0.24 74.29
C VAL D 120 -8.16 0.67 73.60
N ARG D 121 -7.54 1.76 74.09
CA ARG D 121 -6.33 2.30 73.43
C ARG D 121 -5.18 1.31 73.46
N LYS D 122 -5.00 0.60 74.57
CA LYS D 122 -4.01 -0.45 74.62
C LYS D 122 -4.31 -1.58 73.65
N GLU D 123 -5.58 -2.04 73.60
CA GLU D 123 -5.93 -3.09 72.64
C GLU D 123 -5.73 -2.62 71.21
N SER D 124 -6.23 -1.43 70.88
CA SER D 124 -6.07 -0.90 69.53
C SER D 124 -4.59 -0.77 69.15
N GLU D 125 -3.75 -0.28 70.07
CA GLU D 125 -2.30 -0.19 69.83
C GLU D 125 -1.67 -1.53 69.45
N SER D 126 -2.03 -2.60 70.16
CA SER D 126 -1.59 -3.94 69.78
C SER D 126 -2.11 -4.34 68.39
N CYS D 127 -3.36 -4.01 68.05
CA CYS D 127 -3.86 -4.36 66.72
C CYS D 127 -2.96 -3.80 65.63
N ASP D 128 -2.58 -4.70 64.74
CA ASP D 128 -1.79 -4.32 63.58
C ASP D 128 -2.64 -3.55 62.57
N CYS D 129 -3.79 -4.10 62.21
CA CYS D 129 -4.70 -3.45 61.31
C CYS D 129 -6.11 -3.48 61.90
N LEU D 130 -6.43 -2.58 62.82
CA LEU D 130 -7.71 -2.74 63.47
C LEU D 130 -8.86 -2.45 62.50
N GLN D 131 -9.75 -3.43 62.31
CA GLN D 131 -10.99 -3.20 61.55
C GLN D 131 -11.90 -2.22 62.26
N GLY D 132 -12.12 -2.44 63.54
CA GLY D 132 -13.09 -1.66 64.27
C GLY D 132 -13.40 -2.34 65.60
N PHE D 133 -14.53 -1.92 66.17
CA PHE D 133 -14.98 -2.37 67.47
C PHE D 133 -16.37 -2.98 67.30
N GLN D 134 -16.70 -3.98 68.12
CA GLN D 134 -18.03 -4.58 68.21
C GLN D 134 -18.44 -4.53 69.68
N LEU D 135 -19.67 -4.06 69.95
CA LEU D 135 -20.20 -3.86 71.30
C LEU D 135 -21.42 -4.76 71.47
N THR D 136 -21.40 -5.58 72.51
CA THR D 136 -22.52 -6.40 72.95
C THR D 136 -23.13 -5.67 74.14
N HIS D 137 -24.42 -5.38 74.07
CA HIS D 137 -25.05 -4.58 75.12
C HIS D 137 -26.56 -4.68 74.91
N SER D 138 -27.30 -4.33 75.94
CA SER D 138 -28.76 -4.26 75.88
C SER D 138 -29.17 -2.80 75.93
N LEU D 139 -30.24 -2.45 75.19
CA LEU D 139 -30.64 -1.04 75.09
C LEU D 139 -31.57 -0.65 76.22
N GLY D 140 -32.12 -1.65 76.93
CA GLY D 140 -33.05 -1.35 78.02
C GLY D 140 -32.37 -0.97 79.33
N GLY D 141 -31.28 -1.66 79.68
CA GLY D 141 -30.51 -1.34 80.86
C GLY D 141 -29.84 0.04 80.84
N GLY D 142 -28.97 0.26 81.85
CA GLY D 142 -28.29 1.54 82.06
C GLY D 142 -26.83 1.56 81.66
N THR D 143 -26.06 0.58 82.12
CA THR D 143 -24.66 0.51 81.72
C THR D 143 -24.53 0.14 80.25
N GLY D 144 -25.25 -0.89 79.82
CA GLY D 144 -25.18 -1.27 78.41
C GLY D 144 -25.58 -0.16 77.45
N SER D 145 -26.73 0.47 77.70
CA SER D 145 -27.22 1.47 76.77
C SER D 145 -26.48 2.78 76.95
N GLY D 146 -26.92 3.58 77.93
CA GLY D 146 -26.37 4.91 78.12
C GLY D 146 -24.87 4.93 78.09
N MET D 147 -24.23 4.19 79.00
CA MET D 147 -22.77 4.11 78.97
C MET D 147 -22.23 3.46 77.71
N GLY D 148 -22.97 2.50 77.14
CA GLY D 148 -22.58 1.95 75.86
C GLY D 148 -22.46 2.99 74.76
N THR D 149 -23.57 3.68 74.48
CA THR D 149 -23.58 4.73 73.48
C THR D 149 -22.55 5.81 73.77
N LEU D 150 -22.33 6.12 75.04
CA LEU D 150 -21.28 7.08 75.40
C LEU D 150 -19.92 6.57 74.94
N LEU D 151 -19.61 5.31 75.22
CA LEU D 151 -18.38 4.68 74.74
C LEU D 151 -18.27 4.71 73.23
N ILE D 152 -19.36 4.37 72.53
CA ILE D 152 -19.35 4.49 71.07
C ILE D 152 -18.86 5.87 70.65
N SER D 153 -19.42 6.94 71.24
CA SER D 153 -19.07 8.28 70.78
CA SER D 153 -19.08 8.27 70.77
C SER D 153 -17.62 8.62 71.10
N LYS D 154 -17.14 8.24 72.29
CA LYS D 154 -15.76 8.57 72.65
C LYS D 154 -14.78 7.75 71.82
N ILE D 155 -15.11 6.47 71.56
CA ILE D 155 -14.25 5.67 70.69
C ILE D 155 -14.23 6.25 69.26
N ARG D 156 -15.39 6.63 68.72
CA ARG D 156 -15.43 7.20 67.35
C ARG D 156 -14.48 8.37 67.19
N GLU D 157 -14.43 9.27 68.16
CA GLU D 157 -13.50 10.40 68.10
C GLU D 157 -12.05 9.93 68.01
N GLU D 158 -11.70 8.93 68.80
CA GLU D 158 -10.34 8.39 68.75
C GLU D 158 -10.10 7.61 67.46
N TYR D 159 -11.09 6.86 66.99
CA TYR D 159 -10.93 6.04 65.79
C TYR D 159 -12.05 6.36 64.82
N PRO D 160 -12.04 7.56 64.24
CA PRO D 160 -13.11 7.95 63.30
C PRO D 160 -13.09 7.19 61.97
N ASP D 161 -11.99 6.50 61.68
CA ASP D 161 -11.77 5.67 60.50
C ASP D 161 -11.93 4.17 60.72
N ARG D 162 -12.65 3.76 61.75
CA ARG D 162 -12.82 2.35 62.05
C ARG D 162 -14.29 1.99 62.03
N ILE D 163 -14.58 0.82 61.47
CA ILE D 163 -15.94 0.29 61.50
C ILE D 163 -16.39 0.12 62.96
N MET D 164 -17.66 0.43 63.22
CA MET D 164 -18.31 0.37 64.53
C MET D 164 -19.58 -0.48 64.48
N ASN D 165 -19.48 -1.72 64.98
CA ASN D 165 -20.56 -2.71 64.98
C ASN D 165 -21.09 -2.90 66.41
N THR D 166 -22.41 -2.85 66.59
CA THR D 166 -23.10 -3.00 67.87
C THR D 166 -24.18 -4.06 67.68
N PHE D 167 -24.14 -5.10 68.53
CA PHE D 167 -25.21 -6.10 68.70
C PHE D 167 -26.20 -5.62 69.78
N SER D 168 -26.92 -4.55 69.47
CA SER D 168 -27.88 -4.00 70.42
C SER D 168 -29.03 -4.98 70.63
N VAL D 169 -29.49 -5.09 71.88
CA VAL D 169 -30.59 -5.97 72.23
C VAL D 169 -31.84 -5.13 72.47
N MET D 170 -32.85 -5.41 71.67
CA MET D 170 -34.10 -4.67 71.72
C MET D 170 -34.86 -5.09 72.98
N PRO D 171 -35.28 -4.15 73.81
CA PRO D 171 -36.09 -4.48 74.98
C PRO D 171 -37.45 -5.04 74.55
N SER D 172 -38.02 -5.86 75.44
CA SER D 172 -39.30 -6.44 75.13
C SER D 172 -40.26 -6.30 76.31
N PRO D 173 -41.53 -5.98 76.05
CA PRO D 173 -42.53 -5.98 77.14
C PRO D 173 -42.73 -7.33 77.80
N LYS D 174 -42.86 -8.43 77.01
CA LYS D 174 -42.80 -9.81 77.52
C LYS D 174 -41.64 -10.04 78.49
N VAL D 175 -40.43 -9.66 78.10
CA VAL D 175 -39.32 -9.69 79.05
C VAL D 175 -39.52 -8.69 80.18
N SER D 176 -40.33 -7.64 79.94
CA SER D 176 -40.64 -6.62 80.94
C SER D 176 -39.39 -5.93 81.48
N ASP D 177 -39.02 -6.28 82.70
CA ASP D 177 -37.80 -5.74 83.39
C ASP D 177 -38.07 -4.26 83.68
N THR D 178 -37.13 -3.34 83.44
CA THR D 178 -37.37 -1.94 83.81
C THR D 178 -38.64 -1.38 83.15
N VAL D 179 -39.41 -0.58 83.89
CA VAL D 179 -40.60 0.04 83.29
C VAL D 179 -40.21 1.15 82.30
N VAL D 180 -39.19 1.95 82.65
CA VAL D 180 -38.76 3.04 81.80
C VAL D 180 -37.82 2.53 80.69
N GLU D 181 -37.67 1.22 80.59
CA GLU D 181 -36.87 0.65 79.50
C GLU D 181 -37.18 1.26 78.12
N PRO D 182 -38.43 1.58 77.73
CA PRO D 182 -38.61 2.27 76.43
C PRO D 182 -37.80 3.54 76.27
N TYR D 183 -37.76 4.40 77.29
CA TYR D 183 -36.93 5.60 77.23
C TYR D 183 -35.49 5.23 76.91
N ASN D 184 -34.94 4.26 77.66
CA ASN D 184 -33.54 3.91 77.50
C ASN D 184 -33.26 3.39 76.09
N ALA D 185 -34.13 2.50 75.60
CA ALA D 185 -33.97 2.00 74.25
C ALA D 185 -33.96 3.16 73.24
N THR D 186 -34.95 4.06 73.31
CA THR D 186 -34.97 5.18 72.38
C THR D 186 -33.71 6.04 72.50
N LEU D 187 -33.25 6.31 73.72
CA LEU D 187 -31.99 7.06 73.86
C LEU D 187 -30.84 6.34 73.15
N SER D 188 -30.75 5.01 73.34
CA SER D 188 -29.70 4.21 72.71
C SER D 188 -29.83 4.22 71.19
N VAL D 189 -31.05 3.99 70.70
CA VAL D 189 -31.28 4.01 69.26
C VAL D 189 -30.76 5.33 68.67
N HIS D 190 -31.14 6.47 69.26
CA HIS D 190 -30.69 7.78 68.76
C HIS D 190 -29.19 7.85 68.59
N GLN D 191 -28.44 7.47 69.63
CA GLN D 191 -26.99 7.43 69.54
C GLN D 191 -26.55 6.45 68.47
N LEU D 192 -27.12 5.26 68.47
CA LEU D 192 -26.76 4.30 67.43
C LEU D 192 -27.00 4.86 66.04
N VAL D 193 -28.17 5.48 65.81
CA VAL D 193 -28.48 5.96 64.45
C VAL D 193 -27.38 6.86 63.88
N GLU D 194 -26.60 7.52 64.75
CA GLU D 194 -25.59 8.47 64.33
C GLU D 194 -24.16 8.06 64.68
N ASN D 195 -23.95 6.92 65.34
CA ASN D 195 -22.64 6.53 65.82
C ASN D 195 -22.22 5.11 65.44
N THR D 196 -23.11 4.26 64.89
CA THR D 196 -22.75 2.86 64.60
C THR D 196 -22.85 2.63 63.10
N ASP D 197 -21.77 2.09 62.51
CA ASP D 197 -21.77 1.73 61.08
C ASP D 197 -22.80 0.65 60.76
N GLU D 198 -22.88 -0.39 61.58
CA GLU D 198 -23.79 -1.50 61.35
C GLU D 198 -24.29 -1.97 62.72
N THR D 199 -25.60 -2.27 62.81
CA THR D 199 -26.31 -2.64 64.05
C THR D 199 -27.19 -3.86 63.81
N TYR D 200 -27.11 -4.82 64.73
CA TYR D 200 -27.87 -6.06 64.67
C TYR D 200 -29.00 -5.95 65.70
N CYS D 201 -30.26 -5.96 65.24
CA CYS D 201 -31.39 -5.76 66.14
C CYS D 201 -31.80 -7.11 66.70
N ILE D 202 -31.28 -7.35 67.91
CA ILE D 202 -31.54 -8.57 68.67
C ILE D 202 -32.69 -8.21 69.60
N ASP D 203 -33.92 -8.42 69.12
CA ASP D 203 -35.11 -8.20 69.92
C ASP D 203 -35.37 -9.39 70.86
N ASN D 204 -35.34 -9.13 72.16
CA ASN D 204 -35.59 -10.18 73.12
C ASN D 204 -36.97 -10.76 72.90
N GLU D 205 -37.92 -9.92 72.51
CA GLU D 205 -39.27 -10.40 72.35
C GLU D 205 -39.26 -11.62 71.49
N ALA D 206 -38.71 -11.48 70.31
CA ALA D 206 -38.70 -12.58 69.38
C ALA D 206 -38.07 -13.77 70.02
N LEU D 207 -36.86 -13.58 70.54
CA LEU D 207 -36.17 -14.68 71.16
C LEU D 207 -37.17 -15.42 72.00
N TYR D 208 -37.85 -14.69 72.88
CA TYR D 208 -38.84 -15.32 73.72
C TYR D 208 -39.81 -16.07 72.87
N ASP D 209 -40.51 -15.35 72.01
CA ASP D 209 -41.52 -15.99 71.19
C ASP D 209 -41.02 -17.29 70.63
N ILE D 210 -39.86 -17.27 70.01
CA ILE D 210 -39.33 -18.47 69.41
C ILE D 210 -39.33 -19.57 70.43
N CYS D 211 -38.77 -19.30 71.60
CA CYS D 211 -38.68 -20.31 72.63
C CYS D 211 -40.04 -20.85 72.97
N PHE D 212 -40.89 -20.01 73.50
CA PHE D 212 -42.22 -20.45 73.89
C PHE D 212 -42.80 -21.32 72.81
N ARG D 213 -42.87 -20.80 71.60
CA ARG D 213 -43.48 -21.54 70.51
C ARG D 213 -42.58 -22.63 70.01
N THR D 214 -41.74 -22.30 69.03
CA THR D 214 -40.85 -23.28 68.46
C THR D 214 -40.20 -24.16 69.50
N LEU D 215 -39.37 -23.57 70.35
CA LEU D 215 -38.68 -24.35 71.36
C LEU D 215 -39.63 -24.91 72.39
N LYS D 216 -40.92 -24.67 72.21
CA LYS D 216 -41.93 -25.21 73.12
C LYS D 216 -41.55 -25.08 74.60
N LEU D 217 -41.01 -23.91 74.97
CA LEU D 217 -40.59 -23.58 76.31
C LEU D 217 -41.64 -22.68 76.95
N THR D 218 -42.40 -23.22 77.90
CA THR D 218 -43.43 -22.45 78.60
C THR D 218 -42.87 -21.26 79.35
N THR D 219 -41.61 -21.36 79.75
CA THR D 219 -40.94 -20.32 80.54
CA THR D 219 -40.94 -20.33 80.53
C THR D 219 -39.54 -20.10 79.98
N PRO D 220 -39.45 -19.48 78.81
CA PRO D 220 -38.13 -19.14 78.31
C PRO D 220 -37.37 -18.38 79.40
N THR D 221 -36.13 -18.79 79.59
CA THR D 221 -35.22 -18.13 80.50
C THR D 221 -34.26 -17.27 79.73
N TYR D 222 -33.54 -16.45 80.47
CA TYR D 222 -32.52 -15.62 79.85
C TYR D 222 -31.44 -16.49 79.23
N GLY D 223 -31.15 -17.66 79.82
CA GLY D 223 -30.26 -18.61 79.17
C GLY D 223 -30.75 -19.10 77.83
N ASP D 224 -32.05 -19.30 77.69
CA ASP D 224 -32.64 -19.69 76.42
C ASP D 224 -32.41 -18.62 75.36
N LEU D 225 -32.84 -17.40 75.65
CA LEU D 225 -32.59 -16.30 74.74
C LEU D 225 -31.12 -16.24 74.38
N ASN D 226 -30.24 -16.29 75.38
CA ASN D 226 -28.82 -16.11 75.11
C ASN D 226 -28.34 -17.17 74.12
N HIS D 227 -28.83 -18.40 74.26
CA HIS D 227 -28.43 -19.44 73.34
C HIS D 227 -28.79 -19.08 71.91
N LEU D 228 -30.01 -18.55 71.69
CA LEU D 228 -30.36 -18.05 70.37
C LEU D 228 -29.40 -16.96 69.93
N VAL D 229 -29.16 -15.98 70.79
CA VAL D 229 -28.26 -14.90 70.45
C VAL D 229 -26.87 -15.44 70.12
N SER D 230 -26.33 -16.30 70.96
CA SER D 230 -24.98 -16.81 70.69
C SER D 230 -24.92 -17.49 69.33
N ALA D 231 -25.92 -18.31 68.97
CA ALA D 231 -25.90 -18.99 67.67
C ALA D 231 -25.98 -17.99 66.52
N THR D 232 -26.87 -17.01 66.64
CA THR D 232 -26.88 -15.90 65.71
C THR D 232 -25.50 -15.27 65.60
N MET D 233 -24.95 -14.79 66.71
CA MET D 233 -23.63 -14.16 66.69
C MET D 233 -22.57 -15.03 66.07
N SER D 234 -22.54 -16.32 66.42
CA SER D 234 -21.60 -17.17 65.73
C SER D 234 -21.84 -17.13 64.23
N GLY D 235 -23.10 -17.21 63.80
CA GLY D 235 -23.38 -17.17 62.37
C GLY D 235 -22.86 -15.91 61.71
N VAL D 236 -23.17 -14.75 62.29
CA VAL D 236 -22.85 -13.50 61.66
C VAL D 236 -21.37 -13.20 61.78
N THR D 237 -20.63 -13.94 62.60
CA THR D 237 -19.19 -13.79 62.64
C THR D 237 -18.44 -14.88 61.88
N THR D 238 -19.14 -15.81 61.19
CA THR D 238 -18.42 -16.98 60.67
C THR D 238 -17.50 -16.56 59.54
N CYS D 239 -17.91 -15.54 58.79
CA CYS D 239 -17.16 -15.00 57.67
C CYS D 239 -16.00 -14.14 58.15
N LEU D 240 -16.15 -13.56 59.35
CA LEU D 240 -15.10 -12.79 59.99
C LEU D 240 -14.05 -13.69 60.61
N ARG D 241 -14.42 -14.90 61.02
CA ARG D 241 -13.49 -15.68 61.82
C ARG D 241 -12.90 -16.87 61.07
N PHE D 242 -13.50 -17.29 59.97
CA PHE D 242 -13.04 -18.44 59.21
C PHE D 242 -12.82 -18.04 57.75
N PRO D 243 -11.72 -18.52 57.15
CA PRO D 243 -11.24 -18.12 55.82
C PRO D 243 -12.17 -18.64 54.77
N GLN D 245 -15.36 -15.42 52.01
CA GLN D 245 -14.91 -14.32 51.16
C GLN D 245 -15.88 -13.14 51.22
N LEU D 246 -17.16 -13.42 50.96
CA LEU D 246 -18.17 -12.37 50.98
C LEU D 246 -18.25 -11.74 52.35
N ASN D 247 -17.99 -10.45 52.40
CA ASN D 247 -18.19 -9.73 53.62
C ASN D 247 -17.17 -10.23 54.66
N ALA D 248 -15.91 -10.46 54.22
CA ALA D 248 -14.92 -11.09 55.09
C ALA D 248 -14.43 -10.15 56.18
N ASP D 249 -14.49 -8.83 55.96
CA ASP D 249 -14.20 -7.87 57.02
C ASP D 249 -15.45 -7.03 57.31
N LEU D 250 -15.38 -6.25 58.38
CA LEU D 250 -16.55 -5.44 58.76
C LEU D 250 -16.82 -4.35 57.76
N ARG D 251 -15.79 -3.83 57.10
CA ARG D 251 -16.02 -2.68 56.24
C ARG D 251 -16.77 -3.12 55.00
N LYS D 252 -16.33 -4.23 54.39
CA LYS D 252 -16.95 -4.73 53.16
C LYS D 252 -18.37 -5.18 53.41
N LEU D 253 -18.63 -5.79 54.54
CA LEU D 253 -20.00 -6.14 54.83
C LEU D 253 -20.82 -4.90 54.70
N ALA D 254 -20.44 -3.88 55.44
CA ALA D 254 -21.24 -2.68 55.43
C ALA D 254 -21.37 -2.16 54.03
N VAL D 255 -20.25 -1.92 53.39
CA VAL D 255 -20.29 -1.36 52.06
C VAL D 255 -21.37 -2.01 51.24
N ASN D 256 -21.57 -3.30 51.44
CA ASN D 256 -22.52 -4.00 50.62
C ASN D 256 -23.88 -4.16 51.26
N MET D 257 -24.04 -3.74 52.50
CA MET D 257 -25.33 -3.97 53.14
C MET D 257 -25.98 -2.70 53.71
N VAL D 258 -25.30 -1.57 53.60
CA VAL D 258 -25.87 -0.33 54.08
C VAL D 258 -26.10 0.64 52.95
N PRO D 259 -27.15 0.41 52.17
CA PRO D 259 -27.45 1.41 51.14
C PRO D 259 -27.45 2.87 51.60
N PHE D 260 -27.75 3.14 52.86
CA PHE D 260 -27.83 4.49 53.35
C PHE D 260 -27.46 4.45 54.81
N PRO D 261 -26.86 5.53 55.31
CA PRO D 261 -26.17 5.45 56.59
C PRO D 261 -27.12 5.22 57.74
N ARG D 262 -28.27 5.90 57.73
CA ARG D 262 -29.23 5.71 58.81
C ARG D 262 -29.75 4.26 58.84
N LEU D 263 -29.90 3.61 57.69
CA LEU D 263 -30.50 2.29 57.67
C LEU D 263 -29.45 1.19 57.88
N HIS D 264 -28.67 1.34 58.96
CA HIS D 264 -27.67 0.35 59.34
C HIS D 264 -28.20 -0.66 60.34
N PHE D 265 -29.53 -0.84 60.42
CA PHE D 265 -30.14 -1.77 61.37
C PHE D 265 -30.65 -3.02 60.69
N PHE D 266 -30.19 -4.19 61.12
CA PHE D 266 -30.54 -5.37 60.36
C PHE D 266 -31.26 -6.42 61.21
N MET D 267 -32.07 -7.24 60.53
CA MET D 267 -32.78 -8.34 61.15
CA MET D 267 -32.79 -8.33 61.16
C MET D 267 -31.92 -9.61 61.05
N PRO D 268 -31.38 -10.12 62.13
CA PRO D 268 -30.70 -11.43 62.04
C PRO D 268 -31.68 -12.59 61.86
N GLY D 269 -31.15 -13.71 61.39
CA GLY D 269 -31.97 -14.88 61.15
C GLY D 269 -31.12 -16.14 61.12
N PHE D 270 -31.65 -17.23 61.69
CA PHE D 270 -30.86 -18.44 61.82
C PHE D 270 -31.78 -19.64 61.65
N ALA D 271 -31.22 -20.74 61.12
CA ALA D 271 -31.94 -21.99 60.87
C ALA D 271 -30.95 -23.16 60.99
N PRO D 272 -31.38 -24.31 61.56
CA PRO D 272 -32.72 -24.61 62.10
C PRO D 272 -32.88 -24.11 63.52
N LEU D 273 -34.09 -23.90 64.05
CA LEU D 273 -34.26 -23.42 65.42
C LEU D 273 -34.92 -24.52 66.28
N ARG D 276 -37.76 -28.36 71.26
CA ARG D 276 -37.31 -29.04 70.05
C ARG D 276 -36.42 -30.21 70.40
N THR D 277 -36.79 -30.97 71.43
CA THR D 277 -36.04 -32.15 71.78
C THR D 277 -36.05 -33.06 70.57
N SER D 278 -37.21 -33.26 69.98
CA SER D 278 -37.30 -34.09 68.79
C SER D 278 -36.10 -33.88 67.89
N GLN D 279 -35.23 -34.88 67.79
CA GLN D 279 -34.05 -34.77 66.96
C GLN D 279 -34.42 -34.60 65.50
N GLN D 280 -35.19 -35.55 64.97
CA GLN D 280 -35.57 -35.50 63.56
C GLN D 280 -34.32 -35.55 62.72
N TYR D 281 -33.67 -36.71 62.69
CA TYR D 281 -32.45 -36.86 61.91
C TYR D 281 -32.75 -36.95 60.44
N ARG D 282 -32.40 -35.92 59.69
CA ARG D 282 -32.66 -35.90 58.26
C ARG D 282 -31.81 -34.83 57.61
N GLY D 283 -30.94 -34.21 58.39
CA GLY D 283 -30.10 -33.13 57.87
C GLY D 283 -30.86 -32.21 56.95
N LEU D 284 -31.63 -31.30 57.52
CA LEU D 284 -32.40 -30.37 56.72
C LEU D 284 -31.86 -30.17 55.34
N THR D 285 -32.63 -30.56 54.33
CA THR D 285 -32.21 -30.33 52.97
C THR D 285 -31.95 -28.86 52.79
N VAL D 286 -30.89 -28.53 52.06
CA VAL D 286 -30.58 -27.14 51.80
C VAL D 286 -31.86 -26.41 51.47
N PRO D 287 -32.63 -26.91 50.51
CA PRO D 287 -33.90 -26.25 50.26
C PRO D 287 -34.54 -25.74 51.54
N GLU D 288 -34.91 -26.66 52.41
CA GLU D 288 -35.53 -26.28 53.65
C GLU D 288 -34.69 -25.24 54.32
N LEU D 289 -33.45 -25.61 54.63
CA LEU D 289 -32.59 -24.70 55.34
C LEU D 289 -32.70 -23.27 54.79
N THR D 290 -32.79 -23.13 53.47
CA THR D 290 -33.02 -21.83 52.85
C THR D 290 -34.36 -21.25 53.27
N GLN D 291 -35.42 -22.02 53.13
CA GLN D 291 -36.74 -21.53 53.47
C GLN D 291 -36.79 -21.01 54.91
N GLN D 292 -36.32 -21.83 55.86
CA GLN D 292 -36.21 -21.45 57.27
C GLN D 292 -35.40 -20.18 57.47
N MET D 293 -34.29 -20.03 56.75
CA MET D 293 -33.47 -18.83 56.89
C MET D 293 -34.27 -17.58 56.58
N PHE D 294 -35.09 -17.62 55.54
CA PHE D 294 -36.00 -16.56 55.18
C PHE D 294 -37.30 -16.57 55.98
N ASP D 295 -37.65 -17.68 56.60
CA ASP D 295 -38.83 -17.74 57.45
C ASP D 295 -38.85 -16.66 58.54
N SER D 296 -39.97 -15.95 58.69
CA SER D 296 -40.09 -14.94 59.76
C SER D 296 -39.99 -15.56 61.15
N LYS D 297 -40.33 -16.83 61.29
CA LYS D 297 -40.17 -17.51 62.57
C LYS D 297 -38.70 -17.67 62.90
N ASN D 298 -37.82 -17.77 61.89
CA ASN D 298 -36.39 -17.85 62.18
C ASN D 298 -35.68 -16.51 62.28
N MET D 299 -36.42 -15.40 62.27
CA MET D 299 -35.84 -14.05 62.33
C MET D 299 -35.72 -13.65 63.80
N MET D 300 -34.49 -13.42 64.27
CA MET D 300 -34.28 -12.95 65.64
C MET D 300 -34.92 -11.58 65.90
N ALA D 301 -35.01 -10.76 64.86
CA ALA D 301 -35.69 -9.48 64.99
C ALA D 301 -37.18 -9.68 64.85
N ALA D 302 -37.93 -8.82 65.50
CA ALA D 302 -39.37 -9.03 65.62
C ALA D 302 -40.10 -8.21 64.57
N CYS D 303 -39.92 -8.64 63.33
CA CYS D 303 -40.51 -8.02 62.18
C CYS D 303 -40.83 -9.07 61.15
N ASP D 304 -41.88 -8.84 60.39
CA ASP D 304 -42.25 -9.76 59.34
C ASP D 304 -41.58 -9.31 58.05
N PRO D 305 -40.63 -10.09 57.50
CA PRO D 305 -40.02 -9.68 56.22
C PRO D 305 -41.05 -9.45 55.13
N ARG D 306 -42.09 -10.29 55.07
CA ARG D 306 -43.14 -10.12 54.05
C ARG D 306 -43.89 -8.81 54.24
N HIS D 307 -43.80 -8.19 55.41
CA HIS D 307 -44.45 -6.91 55.58
C HIS D 307 -43.64 -5.75 55.04
N GLY D 308 -42.41 -5.99 54.58
CA GLY D 308 -41.56 -4.98 53.99
C GLY D 308 -40.78 -5.46 52.79
N ARG D 309 -39.66 -4.82 52.49
CA ARG D 309 -38.82 -5.12 51.33
C ARG D 309 -37.35 -5.14 51.73
N TYR D 310 -36.63 -6.11 51.19
CA TYR D 310 -35.22 -6.32 51.54
C TYR D 310 -34.37 -5.36 50.73
N LEU D 311 -33.80 -4.34 51.38
CA LEU D 311 -32.82 -3.52 50.67
C LEU D 311 -31.62 -4.36 50.23
N THR D 312 -30.98 -5.05 51.18
CA THR D 312 -29.83 -5.95 51.00
C THR D 312 -29.95 -7.12 51.99
N VAL D 313 -29.42 -8.29 51.62
CA VAL D 313 -29.50 -9.54 52.40
C VAL D 313 -28.22 -10.33 52.21
N ALA D 314 -27.84 -11.07 53.24
CA ALA D 314 -26.62 -11.85 53.27
C ALA D 314 -26.89 -13.17 53.96
N ALA D 315 -26.40 -14.23 53.35
CA ALA D 315 -26.68 -15.58 53.73
C ALA D 315 -25.33 -16.25 54.02
N ILE D 316 -25.32 -17.13 55.02
CA ILE D 316 -24.15 -17.90 55.40
C ILE D 316 -24.64 -19.31 55.59
N PHE D 317 -24.02 -20.26 54.91
CA PHE D 317 -24.34 -21.68 54.97
C PHE D 317 -23.11 -22.36 55.56
N ARG D 318 -23.19 -22.69 56.83
CA ARG D 318 -22.18 -23.50 57.47
C ARG D 318 -22.50 -24.97 57.19
N GLY D 319 -21.48 -25.78 57.21
CA GLY D 319 -21.67 -27.20 57.00
C GLY D 319 -21.37 -27.59 55.57
N ARG D 320 -20.84 -28.81 55.42
CA ARG D 320 -20.52 -29.30 54.09
C ARG D 320 -21.81 -29.51 53.33
N MET D 321 -21.95 -28.85 52.19
CA MET D 321 -23.16 -28.93 51.40
C MET D 321 -22.82 -28.58 49.96
N SER D 322 -23.73 -28.89 49.06
CA SER D 322 -23.55 -28.62 47.65
C SER D 322 -23.61 -27.13 47.35
N MET D 323 -22.48 -26.52 46.99
CA MET D 323 -22.53 -25.11 46.66
C MET D 323 -23.52 -24.86 45.52
N LYS D 324 -23.56 -25.74 44.51
CA LYS D 324 -24.54 -25.59 43.44
C LYS D 324 -25.96 -25.55 43.99
N GLU D 325 -26.32 -26.53 44.81
CA GLU D 325 -27.67 -26.55 45.36
C GLU D 325 -27.96 -25.25 46.11
N VAL D 326 -27.07 -24.83 47.02
CA VAL D 326 -27.28 -23.58 47.74
C VAL D 326 -27.55 -22.44 46.76
N ASP D 327 -26.73 -22.32 45.72
CA ASP D 327 -26.87 -21.25 44.72
C ASP D 327 -28.28 -21.20 44.14
N GLU D 328 -28.75 -22.34 43.61
CA GLU D 328 -30.11 -22.48 43.10
C GLU D 328 -31.17 -22.15 44.15
N GLN D 329 -30.99 -22.60 45.39
CA GLN D 329 -31.99 -22.28 46.39
C GLN D 329 -32.11 -20.77 46.57
N MET D 330 -30.97 -20.10 46.83
CA MET D 330 -30.97 -18.65 46.90
C MET D 330 -31.62 -18.00 45.69
N LEU D 331 -31.14 -18.31 44.49
CA LEU D 331 -31.74 -17.68 43.32
C LEU D 331 -33.25 -17.85 43.34
N ASN D 332 -33.69 -19.08 43.63
CA ASN D 332 -35.12 -19.37 43.60
C ASN D 332 -35.88 -18.46 44.56
N VAL D 333 -35.44 -18.40 45.82
CA VAL D 333 -36.17 -17.57 46.78
C VAL D 333 -36.23 -16.13 46.27
N GLN D 334 -35.15 -15.65 45.65
CA GLN D 334 -35.19 -14.29 45.14
C GLN D 334 -36.24 -14.17 44.04
N ASN D 335 -36.26 -15.14 43.12
CA ASN D 335 -37.17 -15.08 41.98
C ASN D 335 -38.63 -15.10 42.40
N LYS D 336 -39.01 -16.11 43.17
CA LYS D 336 -40.39 -16.25 43.61
C LYS D 336 -40.78 -15.14 44.56
N ASN D 337 -39.84 -14.71 45.41
CA ASN D 337 -40.07 -13.63 46.37
C ASN D 337 -39.60 -12.27 45.85
N SER D 338 -39.69 -12.04 44.54
CA SER D 338 -39.14 -10.85 43.91
C SER D 338 -39.79 -9.55 44.40
N SER D 339 -41.08 -9.57 44.66
CA SER D 339 -41.67 -8.35 45.18
C SER D 339 -41.01 -7.92 46.51
N TYR D 340 -40.35 -8.82 47.23
CA TYR D 340 -39.82 -8.50 48.55
C TYR D 340 -38.36 -8.05 48.53
N PHE D 341 -37.89 -7.58 47.39
CA PHE D 341 -36.52 -7.19 47.13
C PHE D 341 -36.52 -5.96 46.25
N VAL D 342 -35.94 -4.86 46.76
CA VAL D 342 -35.99 -3.60 46.03
C VAL D 342 -35.37 -3.79 44.66
N GLU D 343 -36.03 -3.26 43.64
CA GLU D 343 -35.50 -3.32 42.29
C GLU D 343 -34.35 -2.32 42.06
N TRP D 344 -34.34 -1.18 42.76
CA TRP D 344 -33.31 -0.17 42.56
C TRP D 344 -31.92 -0.60 43.10
N ILE D 345 -31.80 -1.82 43.64
CA ILE D 345 -30.54 -2.31 44.20
C ILE D 345 -30.26 -3.67 43.57
N PRO D 346 -29.71 -3.70 42.35
CA PRO D 346 -29.35 -4.96 41.69
C PRO D 346 -28.52 -5.85 42.58
N ASN D 347 -28.82 -7.15 42.53
CA ASN D 347 -27.98 -8.18 43.16
C ASN D 347 -27.91 -8.02 44.69
N ASN D 348 -28.97 -7.44 45.28
CA ASN D 348 -29.00 -7.12 46.71
C ASN D 348 -28.93 -8.34 47.62
N VAL D 349 -28.97 -9.56 47.09
CA VAL D 349 -28.79 -10.77 47.90
C VAL D 349 -27.48 -11.45 47.53
N LYS D 350 -26.71 -11.86 48.53
CA LYS D 350 -25.41 -12.47 48.34
C LYS D 350 -25.25 -13.54 49.40
N THR D 351 -24.54 -14.60 49.06
CA THR D 351 -24.49 -15.78 49.92
C THR D 351 -23.10 -16.39 49.90
N ALA D 352 -22.75 -16.96 51.05
CA ALA D 352 -21.47 -17.58 51.32
C ALA D 352 -21.73 -18.90 52.01
N VAL D 353 -20.77 -19.82 51.85
CA VAL D 353 -20.86 -21.15 52.42
C VAL D 353 -19.52 -21.46 53.08
N CYS D 354 -19.59 -21.95 54.31
CA CYS D 354 -18.44 -22.34 55.12
C CYS D 354 -18.49 -23.83 55.44
N ASP D 355 -17.36 -24.53 55.28
CA ASP D 355 -17.33 -26.00 55.43
C ASP D 355 -17.55 -26.46 56.87
N ILE D 356 -17.12 -25.66 57.85
CA ILE D 356 -17.15 -26.02 59.28
C ILE D 356 -18.51 -25.64 59.86
N PRO D 357 -19.32 -26.58 60.32
CA PRO D 357 -20.67 -26.24 60.68
C PRO D 357 -20.74 -25.89 62.16
N PRO D 358 -21.85 -25.37 62.64
CA PRO D 358 -21.90 -25.02 64.07
C PRO D 358 -21.69 -26.30 64.87
N ARG D 359 -21.40 -26.14 66.16
CA ARG D 359 -21.28 -27.31 67.01
C ARG D 359 -22.62 -28.02 67.16
N GLY D 360 -22.62 -29.33 66.91
CA GLY D 360 -23.77 -30.20 66.96
C GLY D 360 -24.78 -30.03 65.86
N LEU D 361 -24.40 -29.37 64.76
CA LEU D 361 -25.19 -29.20 63.53
C LEU D 361 -24.35 -29.67 62.34
N LYS D 362 -24.95 -30.44 61.44
CA LYS D 362 -24.24 -30.84 60.22
C LYS D 362 -24.22 -29.67 59.22
N MET D 363 -25.13 -28.70 59.39
CA MET D 363 -25.12 -27.49 58.58
C MET D 363 -26.16 -26.51 59.13
N SER D 364 -25.95 -25.22 58.81
CA SER D 364 -26.74 -24.11 59.38
C SER D 364 -26.94 -23.06 58.29
N ALA D 365 -27.83 -22.12 58.57
CA ALA D 365 -28.07 -20.97 57.69
C ALA D 365 -28.16 -19.72 58.54
N THR D 366 -27.43 -18.68 58.14
CA THR D 366 -27.43 -17.42 58.87
C THR D 366 -27.98 -16.36 57.93
N PHE D 367 -28.93 -15.60 58.44
CA PHE D 367 -29.64 -14.59 57.67
C PHE D 367 -29.34 -13.22 58.26
N ILE D 368 -28.86 -12.31 57.41
CA ILE D 368 -28.65 -10.93 57.82
C ILE D 368 -29.26 -10.04 56.76
N GLY D 369 -30.24 -9.21 57.13
CA GLY D 369 -30.83 -8.35 56.12
C GLY D 369 -31.27 -6.96 56.54
N ASN D 370 -31.09 -5.98 55.66
CA ASN D 370 -31.60 -4.63 55.91
C ASN D 370 -32.95 -4.47 55.20
N SER D 371 -33.93 -5.25 55.72
CA SER D 371 -35.34 -5.13 55.33
C SER D 371 -35.96 -3.86 55.86
N THR D 372 -36.73 -3.19 55.01
CA THR D 372 -37.49 -2.04 55.45
C THR D 372 -38.52 -2.38 56.52
N ALA D 373 -38.98 -3.63 56.55
CA ALA D 373 -39.80 -4.10 57.66
C ALA D 373 -39.18 -3.79 59.02
N ILE D 374 -37.86 -3.68 59.14
CA ILE D 374 -37.28 -3.42 60.45
CA ILE D 374 -37.31 -3.42 60.46
C ILE D 374 -38.00 -2.26 61.15
N GLN D 375 -38.72 -1.43 60.39
CA GLN D 375 -39.39 -0.28 61.01
C GLN D 375 -40.50 -0.66 61.97
N GLU D 376 -41.02 -1.87 61.89
CA GLU D 376 -41.97 -2.35 62.89
C GLU D 376 -41.38 -2.26 64.30
N LEU D 377 -40.17 -2.80 64.49
CA LEU D 377 -39.56 -2.79 65.83
C LEU D 377 -39.40 -1.38 66.36
N PHE D 378 -38.82 -0.49 65.56
CA PHE D 378 -38.71 0.89 66.01
C PHE D 378 -40.09 1.43 66.38
N LYS D 379 -41.12 1.03 65.63
CA LYS D 379 -42.45 1.56 65.90
C LYS D 379 -42.94 1.15 67.29
N ARG D 380 -42.77 -0.12 67.66
CA ARG D 380 -43.12 -0.59 69.01
C ARG D 380 -42.41 0.21 70.11
N ILE D 381 -41.10 0.42 69.95
CA ILE D 381 -40.36 1.25 70.92
C ILE D 381 -40.96 2.65 70.97
N SER D 382 -41.25 3.23 69.80
CA SER D 382 -41.81 4.57 69.79
C SER D 382 -43.14 4.62 70.54
N GLU D 383 -44.06 3.70 70.25
CA GLU D 383 -45.31 3.68 71.00
C GLU D 383 -45.06 3.66 72.51
N GLN D 384 -44.27 2.70 73.00
CA GLN D 384 -43.99 2.67 74.43
C GLN D 384 -43.56 4.05 74.94
N PHE D 385 -42.56 4.64 74.28
CA PHE D 385 -42.03 5.92 74.74
C PHE D 385 -43.12 6.98 74.72
N THR D 386 -43.94 7.01 73.66
CA THR D 386 -44.94 8.06 73.59
C THR D 386 -45.96 7.91 74.70
N ALA D 387 -46.31 6.67 75.08
CA ALA D 387 -47.26 6.46 76.16
C ALA D 387 -46.70 6.97 77.49
N MET D 388 -45.51 6.51 77.85
CA MET D 388 -44.92 7.00 79.09
C MET D 388 -44.68 8.50 79.04
N PHE D 389 -44.02 8.98 77.98
CA PHE D 389 -43.61 10.38 77.87
C PHE D 389 -44.81 11.31 77.74
N ARG D 390 -45.96 10.77 77.32
CA ARG D 390 -47.19 11.55 77.28
C ARG D 390 -47.56 12.06 78.66
N ARG D 391 -47.41 11.21 79.69
CA ARG D 391 -47.62 11.58 81.10
C ARG D 391 -46.34 11.99 81.83
N LYS D 392 -45.19 12.08 81.14
CA LYS D 392 -43.90 12.39 81.77
C LYS D 392 -43.56 11.38 82.86
N ALA D 393 -44.07 10.16 82.70
CA ALA D 393 -43.85 9.09 83.65
C ALA D 393 -42.36 8.83 83.80
N PHE D 394 -41.86 8.92 85.03
CA PHE D 394 -40.47 8.65 85.37
C PHE D 394 -39.50 9.61 84.70
N LEU D 395 -39.98 10.70 84.10
CA LEU D 395 -39.08 11.66 83.47
C LEU D 395 -38.22 12.40 84.47
N HIS D 396 -38.75 12.63 85.67
CA HIS D 396 -37.93 13.21 86.72
C HIS D 396 -36.65 12.43 86.91
N TRP D 397 -36.67 11.12 86.66
CA TRP D 397 -35.46 10.32 86.82
C TRP D 397 -34.33 10.91 86.00
N TYR D 398 -34.57 11.09 84.70
CA TYR D 398 -33.54 11.63 83.83
C TYR D 398 -33.30 13.11 84.14
N THR D 399 -34.35 13.89 84.39
CA THR D 399 -34.15 15.31 84.69
C THR D 399 -33.23 15.52 85.89
N GLY D 400 -33.23 14.58 86.86
CA GLY D 400 -32.34 14.73 87.99
C GLY D 400 -30.87 14.72 87.62
N GLU D 401 -30.47 13.85 86.71
CA GLU D 401 -29.11 13.96 86.21
C GLU D 401 -28.88 15.21 85.34
N GLY D 402 -29.87 16.09 85.14
CA GLY D 402 -29.72 17.22 84.24
C GLY D 402 -30.27 17.06 82.83
N MET D 403 -30.86 15.91 82.48
CA MET D 403 -31.48 15.75 81.18
C MET D 403 -32.69 16.67 81.02
N ASP D 404 -33.10 16.89 79.76
CA ASP D 404 -34.25 17.73 79.41
C ASP D 404 -35.21 16.96 78.51
N GLU D 405 -36.49 17.27 78.64
CA GLU D 405 -37.51 16.58 77.84
C GLU D 405 -37.23 16.73 76.34
N MET D 406 -36.68 17.87 75.92
CA MET D 406 -36.32 18.04 74.52
C MET D 406 -35.46 16.88 74.04
N GLU D 407 -34.46 16.49 74.84
CA GLU D 407 -33.63 15.33 74.50
C GLU D 407 -34.49 14.10 74.17
N PHE D 408 -35.50 13.81 75.01
CA PHE D 408 -36.42 12.70 74.72
C PHE D 408 -37.15 12.92 73.40
N THR D 409 -37.69 14.11 73.20
CA THR D 409 -38.33 14.49 71.94
C THR D 409 -37.43 14.21 70.75
N GLU D 410 -36.29 14.89 70.70
CA GLU D 410 -35.30 14.66 69.66
C GLU D 410 -35.08 13.17 69.43
N ALA D 411 -34.88 12.38 70.50
CA ALA D 411 -34.74 10.94 70.34
C ALA D 411 -36.00 10.31 69.72
N GLU D 412 -37.21 10.71 70.16
CA GLU D 412 -38.41 10.15 69.54
C GLU D 412 -38.47 10.49 68.06
N SER D 413 -38.32 11.79 67.73
CA SER D 413 -38.30 12.23 66.33
C SER D 413 -37.26 11.49 65.50
N ASN D 414 -36.04 11.36 66.00
CA ASN D 414 -35.04 10.64 65.25
C ASN D 414 -35.56 9.23 64.91
N MET D 415 -36.19 8.54 65.88
CA MET D 415 -36.63 7.16 65.61
C MET D 415 -37.80 7.10 64.63
N ASN D 416 -38.73 8.04 64.73
CA ASN D 416 -39.77 8.19 63.71
C ASN D 416 -39.16 8.48 62.33
N ASP D 417 -38.15 9.36 62.27
CA ASP D 417 -37.45 9.62 61.01
C ASP D 417 -36.84 8.37 60.39
N LEU D 418 -36.16 7.55 61.19
CA LEU D 418 -35.61 6.28 60.70
C LEU D 418 -36.71 5.38 60.12
N VAL D 419 -37.84 5.26 60.83
CA VAL D 419 -38.99 4.51 60.31
C VAL D 419 -39.49 5.09 59.00
N SER D 420 -39.70 6.41 58.97
CA SER D 420 -40.15 7.06 57.73
C SER D 420 -39.26 6.70 56.57
N GLU D 421 -37.94 6.80 56.76
CA GLU D 421 -37.02 6.51 55.67
C GLU D 421 -37.14 5.06 55.25
N TYR D 422 -37.21 4.13 56.23
CA TYR D 422 -37.41 2.73 55.87
C TYR D 422 -38.65 2.56 55.04
N GLN D 423 -39.73 3.25 55.39
CA GLN D 423 -40.95 3.07 54.61
C GLN D 423 -40.80 3.75 53.26
N GLN D 424 -40.09 4.88 53.25
CA GLN D 424 -39.84 5.61 52.01
C GLN D 424 -39.17 4.73 50.97
N TYR D 425 -38.02 4.16 51.29
CA TYR D 425 -37.36 3.32 50.32
C TYR D 425 -38.17 2.08 50.01
N GLN D 426 -38.89 1.54 51.00
CA GLN D 426 -39.75 0.41 50.71
C GLN D 426 -40.73 0.75 49.59
N ASP D 427 -41.31 1.95 49.66
CA ASP D 427 -42.32 2.34 48.68
C ASP D 427 -41.77 3.16 47.53
N ALA D 428 -40.55 2.89 47.12
CA ALA D 428 -39.99 3.62 46.00
C ALA D 428 -39.62 2.66 44.92
N THR D 429 -39.89 3.02 43.67
CA THR D 429 -39.62 2.13 42.57
C THR D 429 -38.86 2.83 41.48
N ALA D 430 -38.46 2.09 40.46
CA ALA D 430 -37.77 2.68 39.33
C ALA D 430 -38.66 3.71 38.65
N MET E 1 22.72 14.34 -78.32
CA MET E 1 23.63 14.37 -77.18
C MET E 1 25.04 14.84 -77.65
N GLU E 2 25.54 15.93 -77.05
CA GLU E 2 26.84 16.53 -77.37
C GLU E 2 27.79 16.36 -76.19
N VAL E 3 28.94 15.70 -76.44
CA VAL E 3 29.95 15.47 -75.41
C VAL E 3 30.91 16.65 -75.42
N ILE E 4 31.30 17.12 -74.23
CA ILE E 4 32.20 18.25 -74.13
C ILE E 4 33.09 18.04 -72.90
N GLU E 5 34.02 18.96 -72.69
CA GLU E 5 34.83 18.98 -71.49
C GLU E 5 35.41 17.60 -71.19
N LEU E 6 36.06 17.05 -72.20
CA LEU E 6 36.63 15.71 -72.13
C LEU E 6 38.06 15.82 -71.63
N ASN E 7 38.27 15.33 -70.40
CA ASN E 7 39.55 15.32 -69.71
C ASN E 7 39.96 13.86 -69.51
N LYS E 8 41.17 13.54 -69.95
CA LYS E 8 41.75 12.21 -69.83
C LYS E 8 43.00 12.31 -68.96
N CYS E 9 43.08 11.48 -67.93
CA CYS E 9 44.28 11.40 -67.11
C CYS E 9 44.51 9.94 -66.78
N THR E 10 45.62 9.65 -66.07
CA THR E 10 46.00 8.27 -65.83
C THR E 10 44.98 7.57 -64.92
N SER E 11 44.31 8.36 -64.08
CA SER E 11 43.32 7.84 -63.13
C SER E 11 41.98 7.57 -63.81
N GLY E 12 41.52 8.52 -64.63
CA GLY E 12 40.27 8.34 -65.38
C GLY E 12 40.10 9.44 -66.41
N GLN E 13 38.85 9.59 -66.87
CA GLN E 13 38.41 10.66 -67.74
C GLN E 13 37.03 11.14 -67.33
N SER E 14 36.70 12.36 -67.74
CA SER E 14 35.41 12.97 -67.50
C SER E 14 35.04 13.77 -68.73
N PHE E 15 33.74 13.97 -68.90
CA PHE E 15 33.15 14.70 -70.00
C PHE E 15 31.76 15.15 -69.54
N GLU E 16 31.11 15.93 -70.41
CA GLU E 16 29.81 16.54 -70.15
C GLU E 16 28.97 16.35 -71.40
N VAL E 17 27.93 15.54 -71.30
CA VAL E 17 26.99 15.31 -72.40
C VAL E 17 25.71 16.07 -72.09
N ILE E 18 25.29 16.93 -73.02
CA ILE E 18 24.07 17.72 -72.88
C ILE E 18 23.10 17.28 -73.98
N LEU E 19 22.02 16.60 -73.59
CA LEU E 19 20.95 16.24 -74.52
C LEU E 19 20.18 17.46 -75.04
N LYS E 20 19.97 18.49 -74.21
CA LYS E 20 19.15 19.66 -74.59
C LYS E 20 19.57 20.88 -73.79
N PRO E 21 19.45 22.09 -74.37
CA PRO E 21 19.90 23.31 -73.64
C PRO E 21 18.79 23.84 -72.75
N PRO E 22 19.11 24.71 -71.78
CA PRO E 22 18.09 25.16 -70.83
C PRO E 22 17.26 26.30 -71.42
N SER E 23 15.96 26.26 -71.17
CA SER E 23 15.06 27.30 -71.69
C SER E 23 15.28 28.76 -71.17
N ASP E 39 28.33 33.09 -40.28
CA ASP E 39 27.40 34.21 -40.24
C ASP E 39 27.24 34.56 -38.77
N PRO E 40 26.46 33.77 -38.06
CA PRO E 40 26.22 34.08 -36.65
C PRO E 40 27.56 34.26 -35.94
N SER E 41 27.66 35.33 -35.15
CA SER E 41 28.87 35.61 -34.38
C SER E 41 29.07 34.58 -33.28
N LEU E 42 30.33 34.27 -32.99
CA LEU E 42 30.63 33.38 -31.87
C LEU E 42 29.93 33.83 -30.58
N GLU E 43 29.94 35.12 -30.29
CA GLU E 43 29.20 35.63 -29.15
C GLU E 43 27.74 35.19 -29.21
N GLU E 44 27.07 35.41 -30.35
CA GLU E 44 25.66 35.02 -30.50
C GLU E 44 25.44 33.54 -30.27
N ILE E 45 26.25 32.70 -30.91
CA ILE E 45 26.29 31.28 -30.57
C ILE E 45 26.40 31.12 -29.06
N GLN E 46 27.46 31.66 -28.46
CA GLN E 46 27.69 31.38 -27.05
C GLN E 46 26.55 31.94 -26.20
N LYS E 47 26.10 33.16 -26.47
CA LYS E 47 24.98 33.74 -25.75
C LYS E 47 23.77 32.79 -25.69
N LYS E 48 23.43 32.15 -26.81
CA LYS E 48 22.33 31.18 -26.80
C LYS E 48 22.61 30.01 -25.88
N LEU E 49 23.83 29.45 -25.98
CA LEU E 49 24.22 28.34 -25.12
C LEU E 49 24.16 28.72 -23.64
N GLU E 50 24.60 29.91 -23.32
CA GLU E 50 24.61 30.32 -21.94
C GLU E 50 23.19 30.53 -21.45
N ALA E 51 22.33 31.00 -22.33
CA ALA E 51 20.97 31.25 -21.94
C ALA E 51 20.38 30.01 -21.38
N ALA E 52 20.48 28.93 -22.12
CA ALA E 52 20.00 27.67 -21.62
C ALA E 52 20.55 27.51 -20.22
N GLU E 53 21.87 27.50 -20.10
CA GLU E 53 22.47 27.27 -18.81
C GLU E 53 21.62 27.92 -17.75
N GLU E 54 21.35 29.20 -17.92
CA GLU E 54 20.59 29.91 -16.92
C GLU E 54 19.25 29.25 -16.74
N ARG E 55 18.47 29.21 -17.80
CA ARG E 55 17.15 28.64 -17.69
C ARG E 55 17.25 27.35 -16.92
N ARG E 56 18.18 26.51 -17.30
CA ARG E 56 18.37 25.27 -16.59
C ARG E 56 18.54 25.58 -15.13
N LYS E 57 19.57 26.32 -14.79
CA LYS E 57 19.84 26.64 -13.41
C LYS E 57 18.58 27.06 -12.68
N TYR E 58 17.83 27.98 -13.27
CA TYR E 58 16.60 28.43 -12.63
C TYR E 58 15.83 27.24 -12.19
N GLN E 59 15.49 26.38 -13.13
CA GLN E 59 14.76 25.18 -12.80
C GLN E 59 15.41 24.43 -11.67
N GLU E 60 16.70 24.12 -11.77
CA GLU E 60 17.27 23.33 -10.71
C GLU E 60 17.04 24.00 -9.36
N ALA E 61 17.37 25.29 -9.27
CA ALA E 61 17.06 26.04 -8.05
C ALA E 61 15.63 25.81 -7.60
N GLU E 62 14.64 26.03 -8.47
CA GLU E 62 13.26 25.84 -8.05
C GLU E 62 13.09 24.49 -7.39
N LEU E 63 13.60 23.43 -8.04
CA LEU E 63 13.51 22.10 -7.46
C LEU E 63 14.17 22.07 -6.09
N LEU E 64 15.40 22.55 -5.99
CA LEU E 64 16.05 22.49 -4.68
C LEU E 64 15.26 23.27 -3.65
N LYS E 65 14.56 24.33 -4.07
CA LYS E 65 13.79 25.11 -3.09
C LYS E 65 12.55 24.36 -2.67
N HIS E 66 11.82 23.78 -3.64
CA HIS E 66 10.75 22.87 -3.24
C HIS E 66 11.28 21.76 -2.34
N LEU E 67 12.43 21.17 -2.66
CA LEU E 67 12.97 20.19 -1.72
C LEU E 67 13.16 20.79 -0.33
N ALA E 68 13.74 21.99 -0.21
CA ALA E 68 13.95 22.55 1.11
C ALA E 68 12.63 22.74 1.86
N GLU E 69 11.62 23.33 1.20
CA GLU E 69 10.30 23.45 1.84
C GLU E 69 9.83 22.09 2.34
N LYS E 70 10.03 21.05 1.53
CA LYS E 70 9.63 19.72 1.97
C LYS E 70 10.32 19.36 3.27
N ARG E 71 11.62 19.62 3.39
CA ARG E 71 12.34 19.31 4.64
C ARG E 71 11.75 20.03 5.86
N GLU E 72 11.36 21.31 5.74
CA GLU E 72 10.77 22.00 6.88
C GLU E 72 9.52 21.26 7.35
N HIS E 73 8.59 20.98 6.44
CA HIS E 73 7.36 20.30 6.82
C HIS E 73 7.63 18.99 7.53
N GLU E 74 8.63 18.25 7.07
CA GLU E 74 9.08 17.05 7.77
C GLU E 74 9.48 17.39 9.21
N ARG E 75 10.26 18.45 9.41
CA ARG E 75 10.63 18.83 10.77
C ARG E 75 9.42 19.32 11.56
N GLU E 76 8.50 20.02 10.90
CA GLU E 76 7.24 20.37 11.56
C GLU E 76 6.47 19.14 12.01
N VAL E 77 6.34 18.12 11.15
CA VAL E 77 5.47 17.03 11.56
C VAL E 77 6.01 16.46 12.85
N ILE E 78 7.30 16.13 12.86
CA ILE E 78 7.86 15.39 13.97
C ILE E 78 7.81 16.24 15.24
N GLN E 79 8.07 17.54 15.13
CA GLN E 79 7.90 18.39 16.31
C GLN E 79 6.44 18.42 16.75
N LYS E 80 5.49 18.41 15.81
CA LYS E 80 4.11 18.37 16.25
C LYS E 80 3.87 17.10 17.06
N ALA E 81 4.30 15.94 16.57
CA ALA E 81 4.09 14.71 17.33
C ALA E 81 4.75 14.77 18.69
N ILE E 82 5.98 15.31 18.78
CA ILE E 82 6.58 15.53 20.09
C ILE E 82 5.65 16.35 20.97
N GLU E 83 5.30 17.56 20.52
CA GLU E 83 4.50 18.44 21.36
C GLU E 83 3.19 17.76 21.77
N GLU E 84 2.56 17.03 20.84
CA GLU E 84 1.39 16.22 21.19
C GLU E 84 1.66 15.32 22.40
N ASN E 85 2.69 14.46 22.33
CA ASN E 85 2.94 13.58 23.48
C ASN E 85 3.14 14.40 24.74
N ASN E 86 4.14 15.29 24.75
CA ASN E 86 4.33 16.12 25.95
C ASN E 86 3.01 16.66 26.45
N ASN E 87 2.25 17.34 25.61
CA ASN E 87 1.03 17.95 26.12
C ASN E 87 0.16 16.92 26.85
N PHE E 88 0.05 15.70 26.32
CA PHE E 88 -0.78 14.66 26.94
C PHE E 88 -0.25 14.38 28.35
N ILE E 89 1.04 14.00 28.46
CA ILE E 89 1.68 13.84 29.77
C ILE E 89 1.41 15.02 30.69
N LYS E 90 1.56 16.26 30.20
CA LYS E 90 1.23 17.40 31.05
C LYS E 90 -0.22 17.31 31.50
N MET E 91 -1.16 17.31 30.57
CA MET E 91 -2.55 17.33 31.02
C MET E 91 -2.79 16.22 32.03
N ALA E 92 -2.34 15.00 31.70
CA ALA E 92 -2.53 13.89 32.63
C ALA E 92 -2.01 14.25 34.02
N LYS E 93 -0.78 14.73 34.11
CA LYS E 93 -0.17 15.02 35.40
C LYS E 93 -1.00 16.02 36.23
N GLU E 94 -1.32 17.17 35.63
CA GLU E 94 -2.17 18.17 36.26
C GLU E 94 -3.48 17.58 36.74
N LYS E 95 -4.20 16.85 35.89
CA LYS E 95 -5.51 16.37 36.29
C LYS E 95 -5.39 15.47 37.51
N LEU E 96 -4.47 14.51 37.46
CA LEU E 96 -4.28 13.65 38.60
C LEU E 96 -3.95 14.45 39.86
N ALA E 97 -3.14 15.51 39.73
CA ALA E 97 -2.82 16.33 40.90
C ALA E 97 -4.02 17.08 41.43
N GLN E 98 -4.88 17.57 40.54
CA GLN E 98 -6.10 18.21 41.03
C GLN E 98 -6.98 17.20 41.77
N LYS E 99 -7.31 16.08 41.12
CA LYS E 99 -8.22 15.14 41.76
C LYS E 99 -7.65 14.62 43.09
N MET E 100 -6.32 14.43 43.22
CA MET E 100 -5.80 13.97 44.49
C MET E 100 -6.04 15.00 45.59
N GLU E 101 -5.82 16.28 45.27
CA GLU E 101 -5.97 17.29 46.33
C GLU E 101 -7.43 17.52 46.70
N SER E 102 -8.29 17.72 45.69
CA SER E 102 -9.71 17.81 45.97
C SER E 102 -10.16 16.65 46.88
N ASN E 103 -9.92 15.39 46.47
CA ASN E 103 -10.32 14.24 47.31
CA ASN E 103 -10.36 14.29 47.32
C ASN E 103 -9.76 14.40 48.70
N LYS E 104 -8.47 14.72 48.80
CA LYS E 104 -7.84 14.83 50.13
C LYS E 104 -8.54 15.88 51.01
N GLU E 105 -8.68 17.10 50.50
CA GLU E 105 -9.50 18.10 51.19
C GLU E 105 -10.86 17.54 51.58
N ASN E 106 -11.64 17.08 50.60
CA ASN E 106 -12.94 16.52 50.92
C ASN E 106 -12.84 15.56 52.11
N ARG E 107 -11.96 14.56 52.02
CA ARG E 107 -11.97 13.53 53.07
C ARG E 107 -11.68 14.11 54.44
N GLU E 108 -10.65 14.96 54.54
CA GLU E 108 -10.34 15.64 55.79
C GLU E 108 -11.55 16.45 56.29
N ALA E 109 -12.20 17.22 55.42
CA ALA E 109 -13.43 17.92 55.82
C ALA E 109 -14.41 17.00 56.52
N HIS E 110 -14.86 15.97 55.82
CA HIS E 110 -15.74 14.98 56.45
C HIS E 110 -15.24 14.62 57.84
N LEU E 111 -13.99 14.15 57.94
CA LEU E 111 -13.47 13.77 59.26
C LEU E 111 -13.54 14.92 60.25
N ALA E 112 -13.19 16.13 59.82
CA ALA E 112 -13.21 17.26 60.76
C ALA E 112 -14.64 17.57 61.22
N ALA E 113 -15.62 17.47 60.32
CA ALA E 113 -17.01 17.70 60.75
C ALA E 113 -17.52 16.60 61.69
N MET E 114 -17.21 15.32 61.42
CA MET E 114 -17.63 14.27 62.35
C MET E 114 -17.04 14.50 63.73
N LEU E 115 -15.74 14.83 63.80
CA LEU E 115 -15.11 15.18 65.08
C LEU E 115 -15.80 16.36 65.75
N GLU E 116 -16.10 17.43 65.00
CA GLU E 116 -16.74 18.58 65.63
C GLU E 116 -18.13 18.23 66.15
N ARG E 117 -18.91 17.47 65.38
CA ARG E 117 -20.18 17.00 65.92
C ARG E 117 -19.95 16.27 67.25
N LEU E 118 -19.01 15.30 67.29
CA LEU E 118 -18.75 14.59 68.54
C LEU E 118 -18.37 15.54 69.67
N GLN E 119 -17.49 16.51 69.40
CA GLN E 119 -17.14 17.50 70.40
C GLN E 119 -18.39 18.27 70.87
N GLU E 120 -19.28 18.66 69.95
CA GLU E 120 -20.48 19.36 70.42
C GLU E 120 -21.32 18.46 71.32
N LYS E 121 -21.33 17.14 71.05
CA LYS E 121 -22.04 16.24 71.95
C LYS E 121 -21.34 16.17 73.30
N ASP E 122 -20.01 16.27 73.34
CA ASP E 122 -19.28 16.28 74.60
C ASP E 122 -19.66 17.48 75.45
N LYS E 123 -19.71 18.67 74.84
CA LYS E 123 -20.16 19.86 75.54
C LYS E 123 -21.57 19.72 76.10
N HIS E 124 -22.52 19.18 75.31
CA HIS E 124 -23.87 18.95 75.85
C HIS E 124 -23.83 18.09 77.11
N ALA E 125 -22.94 17.09 77.16
CA ALA E 125 -22.88 16.24 78.35
C ALA E 125 -22.32 17.00 79.54
N GLU E 126 -21.25 17.77 79.33
CA GLU E 126 -20.81 18.68 80.38
C GLU E 126 -21.97 19.55 80.87
N GLU E 127 -22.72 20.21 79.98
CA GLU E 127 -23.84 21.04 80.43
C GLU E 127 -24.86 20.22 81.23
N VAL E 128 -25.22 19.01 80.77
CA VAL E 128 -26.15 18.20 81.55
C VAL E 128 -25.58 17.98 82.95
N ARG E 129 -24.28 17.69 83.06
CA ARG E 129 -23.65 17.55 84.36
C ARG E 129 -23.72 18.86 85.18
N LYS E 130 -23.52 20.02 84.55
CA LYS E 130 -23.67 21.29 85.29
C LYS E 130 -25.12 21.53 85.70
N ASN E 131 -26.09 21.15 84.87
CA ASN E 131 -27.50 21.29 85.25
C ASN E 131 -27.86 20.49 86.50
N LYS E 132 -27.43 19.23 86.58
CA LYS E 132 -27.60 18.44 87.81
C LYS E 132 -26.91 19.09 89.01
N GLU E 133 -25.64 19.52 88.85
CA GLU E 133 -24.96 20.18 89.97
C GLU E 133 -25.72 21.42 90.43
N LEU E 134 -26.27 22.21 89.49
CA LEU E 134 -27.09 23.38 89.86
C LEU E 134 -28.24 23.04 90.79
N LYS E 135 -28.85 21.84 90.67
CA LYS E 135 -29.92 21.36 91.58
C LYS E 135 -29.40 20.36 92.62
N MET F 1 -5.57 -11.93 -41.86
CA MET F 1 -6.42 -10.76 -41.74
C MET F 1 -5.81 -9.60 -42.49
N TYR F 2 -6.66 -8.69 -42.93
CA TYR F 2 -6.22 -7.56 -43.72
C TYR F 2 -6.91 -6.31 -43.18
N THR F 3 -6.23 -5.18 -43.33
CA THR F 3 -6.69 -3.87 -42.88
C THR F 3 -6.75 -2.93 -44.08
N PHE F 4 -7.77 -2.07 -44.12
CA PHE F 4 -7.94 -1.06 -45.16
C PHE F 4 -8.56 0.16 -44.52
N VAL F 5 -8.26 1.33 -45.08
CA VAL F 5 -8.64 2.58 -44.49
C VAL F 5 -9.35 3.34 -45.60
N VAL F 6 -10.60 3.69 -45.37
CA VAL F 6 -11.41 4.36 -46.38
C VAL F 6 -11.28 5.87 -46.14
N ARG F 7 -10.63 6.57 -47.07
CA ARG F 7 -10.43 8.02 -47.00
C ARG F 7 -11.25 8.78 -48.03
N ASP F 8 -12.13 8.10 -48.78
CA ASP F 8 -12.96 8.70 -49.83
C ASP F 8 -14.40 8.25 -49.61
N GLU F 9 -15.09 8.93 -48.69
CA GLU F 9 -16.46 8.54 -48.38
C GLU F 9 -17.40 8.76 -49.57
N ASN F 10 -17.14 9.81 -50.35
CA ASN F 10 -17.99 10.05 -51.49
C ASN F 10 -17.87 9.01 -52.59
N SER F 11 -16.84 8.14 -52.53
CA SER F 11 -16.61 7.13 -53.57
C SER F 11 -17.65 6.06 -53.39
N SER F 12 -18.60 6.02 -54.31
CA SER F 12 -19.63 5.00 -54.25
C SER F 12 -19.04 3.64 -54.59
N VAL F 13 -18.31 3.58 -55.70
CA VAL F 13 -17.74 2.30 -56.13
C VAL F 13 -16.89 1.70 -55.00
N TYR F 14 -15.96 2.49 -54.47
CA TYR F 14 -15.05 1.96 -53.46
C TYR F 14 -15.75 1.79 -52.13
N ALA F 15 -16.82 2.53 -51.90
CA ALA F 15 -17.67 2.29 -50.75
C ALA F 15 -18.22 0.86 -50.80
N GLU F 16 -18.70 0.43 -51.96
CA GLU F 16 -19.16 -0.96 -52.10
C GLU F 16 -17.99 -1.93 -51.92
N VAL F 17 -16.85 -1.63 -52.55
CA VAL F 17 -15.68 -2.50 -52.45
C VAL F 17 -15.26 -2.69 -50.99
N SER F 18 -15.24 -1.60 -50.20
CA SER F 18 -14.87 -1.72 -48.80
C SER F 18 -15.87 -2.57 -48.02
N ARG F 19 -17.15 -2.47 -48.37
CA ARG F 19 -18.18 -3.30 -47.74
C ARG F 19 -17.96 -4.78 -48.05
N LEU F 20 -17.66 -5.10 -49.30
CA LEU F 20 -17.32 -6.47 -49.69
C LEU F 20 -16.09 -6.98 -48.92
N LEU F 21 -15.05 -6.16 -48.81
CA LEU F 21 -13.89 -6.49 -47.98
C LEU F 21 -14.30 -6.85 -46.57
N LEU F 22 -15.15 -6.04 -45.95
CA LEU F 22 -15.69 -6.43 -44.65
C LEU F 22 -16.40 -7.78 -44.73
N ALA F 23 -17.30 -7.94 -45.70
CA ALA F 23 -18.00 -9.21 -45.83
C ALA F 23 -17.04 -10.42 -45.95
N THR F 24 -15.86 -10.25 -46.54
CA THR F 24 -15.01 -11.43 -46.73
C THR F 24 -14.68 -12.12 -45.40
N GLY F 25 -14.82 -11.43 -44.27
CA GLY F 25 -14.28 -11.93 -43.03
C GLY F 25 -12.78 -11.90 -42.95
N GLN F 26 -12.08 -11.24 -43.89
CA GLN F 26 -10.62 -11.15 -43.84
C GLN F 26 -10.12 -9.73 -44.06
N TRP F 27 -11.00 -8.73 -44.01
CA TRP F 27 -10.66 -7.34 -44.24
C TRP F 27 -11.41 -6.53 -43.19
N LYS F 28 -10.69 -5.67 -42.47
CA LYS F 28 -11.24 -4.81 -41.44
C LYS F 28 -10.85 -3.37 -41.64
N ARG F 29 -11.80 -2.47 -41.38
CA ARG F 29 -11.60 -1.04 -41.56
C ARG F 29 -10.95 -0.42 -40.34
N LEU F 30 -10.00 0.47 -40.59
CA LEU F 30 -9.18 1.20 -39.62
C LEU F 30 -9.47 2.69 -39.70
N ARG F 31 -8.90 3.40 -38.73
CA ARG F 31 -8.95 4.86 -38.72
C ARG F 31 -8.40 5.41 -40.01
N LYS F 32 -9.03 6.46 -40.53
CA LYS F 32 -8.58 7.04 -41.80
C LYS F 32 -7.10 7.40 -41.78
N ASP F 33 -6.59 7.82 -40.62
CA ASP F 33 -5.20 8.16 -40.38
C ASP F 33 -4.36 7.01 -39.84
N ASN F 34 -4.97 5.87 -39.64
CA ASN F 34 -4.25 4.75 -39.09
C ASN F 34 -3.18 4.36 -40.11
N PRO F 35 -1.89 4.32 -39.72
CA PRO F 35 -0.86 4.03 -40.72
C PRO F 35 -0.83 2.57 -41.15
N ARG F 36 -1.28 1.66 -40.28
CA ARG F 36 -1.11 0.23 -40.51
C ARG F 36 -2.31 -0.31 -41.28
N PHE F 37 -2.45 0.15 -42.52
CA PHE F 37 -3.51 -0.27 -43.45
C PHE F 37 -2.85 -0.97 -44.64
N ASN F 38 -3.31 -2.19 -44.94
CA ASN F 38 -2.89 -2.92 -46.14
C ASN F 38 -3.33 -2.20 -47.42
N LEU F 39 -4.55 -1.68 -47.42
CA LEU F 39 -5.12 -1.04 -48.56
C LEU F 39 -5.72 0.28 -48.12
N MET F 40 -5.76 1.21 -49.05
CA MET F 40 -6.26 2.55 -48.81
C MET F 40 -7.14 2.97 -49.97
N LEU F 41 -8.34 3.39 -49.63
CA LEU F 41 -9.27 4.07 -50.52
C LEU F 41 -8.98 5.57 -50.46
N GLY F 42 -7.73 5.94 -50.70
CA GLY F 42 -7.37 7.34 -50.68
C GLY F 42 -8.43 8.30 -51.23
N GLU F 43 -8.38 9.55 -50.79
CA GLU F 43 -9.28 10.58 -51.29
C GLU F 43 -8.91 10.96 -52.72
N ARG F 44 -9.91 11.40 -53.49
CA ARG F 44 -9.67 11.72 -54.88
C ARG F 44 -8.70 12.89 -55.04
N ASN F 45 -8.56 13.72 -54.00
CA ASN F 45 -7.81 14.97 -54.05
C ASN F 45 -6.70 15.01 -53.01
N ARG F 46 -5.48 15.25 -53.48
CA ARG F 46 -4.28 15.44 -52.65
C ARG F 46 -3.90 14.17 -51.90
N LEU F 47 -4.09 13.03 -52.56
CA LEU F 47 -3.87 11.76 -51.91
C LEU F 47 -2.39 11.70 -51.55
N PRO F 48 -2.04 11.33 -50.32
CA PRO F 48 -0.63 11.35 -49.94
C PRO F 48 0.05 10.07 -50.42
N PHE F 49 1.06 10.21 -51.30
CA PHE F 49 1.83 9.04 -51.73
C PHE F 49 3.23 9.03 -51.14
N GLY F 50 3.75 10.17 -50.69
CA GLY F 50 5.12 10.19 -50.20
C GLY F 50 5.27 9.44 -48.90
N ARG F 51 4.18 9.31 -48.15
CA ARG F 51 4.21 8.50 -46.95
C ARG F 51 3.82 7.05 -47.23
N LEU F 52 3.26 6.72 -48.40
CA LEU F 52 2.96 5.31 -48.66
C LEU F 52 4.20 4.45 -48.85
N GLY F 53 4.00 3.15 -48.60
CA GLY F 53 5.03 2.15 -48.86
C GLY F 53 6.28 2.30 -48.02
N HIS F 54 6.18 2.97 -46.87
CA HIS F 54 7.34 3.10 -46.00
C HIS F 54 7.11 2.48 -44.61
N GLU F 55 6.07 1.68 -44.43
CA GLU F 55 5.72 1.07 -43.14
C GLU F 55 6.37 -0.29 -43.03
N PRO F 56 7.25 -0.54 -42.06
CA PRO F 56 7.98 -1.81 -42.04
C PRO F 56 7.01 -2.99 -41.95
N GLY F 57 7.35 -4.06 -42.66
CA GLY F 57 6.52 -5.26 -42.75
C GLY F 57 5.04 -5.03 -43.03
N LEU F 58 4.72 -4.15 -43.98
CA LEU F 58 3.36 -3.83 -44.45
C LEU F 58 3.35 -3.60 -45.96
N VAL F 59 2.53 -4.39 -46.65
CA VAL F 59 2.26 -4.18 -48.08
C VAL F 59 1.13 -3.18 -48.24
N GLN F 60 1.37 -2.11 -49.00
CA GLN F 60 0.41 -1.04 -49.16
C GLN F 60 -0.01 -0.90 -50.62
N LEU F 61 -1.32 -0.70 -50.83
CA LEU F 61 -1.95 -0.60 -52.12
C LEU F 61 -2.97 0.53 -52.08
N VAL F 62 -3.19 1.21 -53.20
CA VAL F 62 -4.03 2.40 -53.21
C VAL F 62 -4.93 2.31 -54.44
N ASN F 63 -6.16 2.82 -54.33
CA ASN F 63 -7.14 2.76 -55.39
C ASN F 63 -6.91 3.82 -56.48
N TYR F 64 -5.72 4.44 -56.56
CA TYR F 64 -5.42 5.45 -57.58
C TYR F 64 -3.94 5.34 -58.01
N TYR F 65 -3.69 5.60 -59.32
CA TYR F 65 -2.37 5.57 -59.97
C TYR F 65 -1.75 6.96 -59.99
N ARG F 66 -0.61 7.12 -59.33
CA ARG F 66 0.02 8.45 -59.23
C ARG F 66 0.48 8.93 -60.60
N GLY F 67 0.05 10.12 -60.98
CA GLY F 67 0.42 10.62 -62.27
C GLY F 67 -0.59 10.35 -63.34
N ALA F 68 -1.70 9.69 -63.00
CA ALA F 68 -2.77 9.38 -63.94
C ALA F 68 -3.69 10.57 -64.21
N ASP F 69 -3.48 11.68 -63.55
CA ASP F 69 -4.32 12.84 -63.81
C ASP F 69 -4.11 13.37 -65.22
N LYS F 70 -2.95 13.08 -65.83
CA LYS F 70 -2.72 13.63 -67.17
C LYS F 70 -3.75 13.08 -68.15
N LEU F 71 -4.00 11.78 -68.09
CA LEU F 71 -4.95 11.21 -69.03
C LEU F 71 -6.38 11.60 -68.66
N CYS F 72 -6.63 11.84 -67.37
CA CYS F 72 -8.00 12.09 -66.87
C CYS F 72 -8.45 13.52 -67.16
N ARG F 73 -7.74 14.50 -66.60
CA ARG F 73 -8.04 15.91 -66.81
C ARG F 73 -8.15 16.22 -68.30
N LYS F 74 -9.19 16.96 -68.66
CA LYS F 74 -9.47 17.23 -70.08
C LYS F 74 -8.33 18.00 -70.72
N ALA F 75 -7.76 18.97 -69.99
CA ALA F 75 -6.68 19.79 -70.52
C ALA F 75 -5.39 18.96 -70.71
N SER F 76 -5.07 18.10 -69.73
CA SER F 76 -3.86 17.28 -69.81
CA SER F 76 -3.86 17.30 -69.84
C SER F 76 -4.00 16.22 -70.89
N LEU F 77 -5.22 15.70 -71.07
CA LEU F 77 -5.48 14.66 -72.06
C LEU F 77 -5.16 15.15 -73.47
N VAL F 78 -5.60 16.38 -73.78
CA VAL F 78 -5.32 17.02 -75.08
C VAL F 78 -3.84 17.26 -75.26
N LYS F 79 -3.21 17.91 -74.28
CA LYS F 79 -1.76 18.04 -74.32
C LYS F 79 -1.12 16.68 -74.56
N LEU F 80 -1.51 15.67 -73.77
CA LEU F 80 -0.88 14.36 -73.86
C LEU F 80 -0.97 13.80 -75.28
N ILE F 81 -2.18 13.81 -75.86
CA ILE F 81 -2.33 13.41 -77.25
C ILE F 81 -1.35 14.18 -78.13
N LYS F 82 -1.32 15.51 -78.00
CA LYS F 82 -0.52 16.32 -78.93
C LYS F 82 0.98 16.12 -78.68
N THR F 83 1.44 16.16 -77.42
CA THR F 83 2.86 15.99 -77.17
C THR F 83 3.30 14.54 -77.44
N SER F 84 2.54 13.56 -76.97
CA SER F 84 2.98 12.16 -77.02
C SER F 84 3.13 11.73 -78.47
N PRO F 85 4.29 11.21 -78.90
CA PRO F 85 4.39 10.69 -80.28
C PRO F 85 3.44 9.54 -80.54
N GLU F 86 3.39 8.56 -79.64
CA GLU F 86 2.47 7.44 -79.77
C GLU F 86 1.02 7.91 -79.89
N LEU F 87 0.63 8.89 -79.07
CA LEU F 87 -0.71 9.43 -79.05
C LEU F 87 -0.93 10.56 -80.08
N CYS F 91 -3.00 10.47 -84.23
CA CYS F 91 -4.15 10.13 -83.40
C CYS F 91 -5.52 10.50 -83.98
N THR F 92 -6.06 9.63 -84.85
CA THR F 92 -7.28 9.93 -85.60
C THR F 92 -8.54 9.82 -84.74
N TRP F 93 -8.58 8.82 -83.87
CA TRP F 93 -9.77 8.55 -83.06
C TRP F 93 -10.16 9.70 -82.12
N PHE F 94 -9.19 10.69 -81.80
CA PHE F 94 -9.44 11.77 -80.80
C PHE F 94 -9.83 13.07 -81.49
N PRO F 95 -11.02 13.59 -81.22
CA PRO F 95 -11.43 14.88 -81.81
C PRO F 95 -10.46 16.01 -81.51
N GLU F 96 -10.11 16.75 -82.56
CA GLU F 96 -9.18 17.87 -82.42
C GLU F 96 -9.71 18.81 -81.35
N SER F 97 -8.76 19.37 -80.59
CA SER F 97 -9.05 20.22 -79.45
C SER F 97 -8.00 21.31 -79.39
N TYR F 98 -8.33 22.38 -78.67
CA TYR F 98 -7.47 23.57 -78.55
C TYR F 98 -7.53 24.14 -77.13
N ARG F 128 -3.76 27.74 -79.12
CA ARG F 128 -4.11 29.13 -78.86
C ARG F 128 -4.63 29.76 -80.15
N GLU F 129 -3.84 30.63 -80.76
CA GLU F 129 -4.19 31.21 -82.06
C GLU F 129 -4.45 30.15 -83.13
N VAL F 130 -3.91 28.94 -82.99
CA VAL F 130 -4.18 27.89 -83.96
C VAL F 130 -5.69 27.65 -84.09
N PHE F 131 -6.44 27.79 -83.00
CA PHE F 131 -7.90 27.64 -83.05
C PHE F 131 -8.53 28.52 -84.12
N LEU F 132 -8.11 29.79 -84.18
CA LEU F 132 -8.55 30.68 -85.23
C LEU F 132 -8.23 30.10 -86.62
N ALA F 133 -7.02 29.55 -86.81
CA ALA F 133 -6.64 28.85 -88.06
C ALA F 133 -7.52 27.64 -88.40
N TYR F 135 -10.57 27.47 -87.40
CA TYR F 135 -11.86 28.08 -87.70
C TYR F 135 -11.98 28.54 -89.15
N ASN F 136 -10.89 29.09 -89.68
CA ASN F 136 -10.80 29.59 -91.05
C ASN F 136 -11.23 28.51 -92.06
N GLY F 144 -17.92 22.37 -92.42
CA GLY F 144 -18.37 22.43 -91.04
C GLY F 144 -17.37 23.10 -90.13
N ASN F 145 -17.85 24.01 -89.28
CA ASN F 145 -16.94 24.83 -88.47
C ASN F 145 -17.59 25.14 -87.12
N VAL F 146 -18.15 24.10 -86.48
CA VAL F 146 -18.73 24.17 -85.15
C VAL F 146 -17.68 23.67 -84.16
N TRP F 147 -17.70 24.22 -82.94
CA TRP F 147 -16.79 23.83 -81.87
C TRP F 147 -17.59 23.74 -80.56
N ILE F 148 -17.01 23.07 -79.57
CA ILE F 148 -17.66 22.93 -78.26
C ILE F 148 -16.63 23.07 -77.16
N SER F 167 -16.30 33.26 -81.21
CA SER F 167 -16.20 34.59 -80.62
C SER F 167 -16.83 34.70 -79.22
N GLU F 168 -18.15 34.50 -79.15
CA GLU F 168 -18.86 34.50 -77.86
C GLU F 168 -18.30 33.43 -76.92
N LEU F 169 -18.13 32.20 -77.43
CA LEU F 169 -17.43 31.16 -76.67
C LEU F 169 -16.09 31.65 -76.12
N LEU F 170 -15.22 32.20 -77.00
CA LEU F 170 -13.96 32.76 -76.54
C LEU F 170 -14.17 33.77 -75.41
N ASP F 171 -15.18 34.62 -75.54
CA ASP F 171 -15.51 35.52 -74.44
C ASP F 171 -15.80 34.74 -73.16
N PHE F 172 -16.60 33.68 -73.25
CA PHE F 172 -16.92 32.83 -72.07
C PHE F 172 -15.69 32.12 -71.48
N HIS F 180 -10.22 26.44 -70.61
CA HIS F 180 -10.99 25.40 -71.28
C HIS F 180 -10.30 24.93 -72.58
N VAL F 181 -10.93 23.98 -73.29
CA VAL F 181 -10.41 23.45 -74.54
C VAL F 181 -11.47 23.61 -75.63
N ILE F 182 -11.02 23.86 -76.86
CA ILE F 182 -11.90 24.10 -77.98
C ILE F 182 -11.80 22.88 -78.88
N GLN F 183 -12.75 21.97 -78.73
CA GLN F 183 -12.85 20.73 -79.51
C GLN F 183 -14.02 20.82 -80.48
N LYS F 184 -13.74 20.54 -81.74
CA LYS F 184 -14.75 20.62 -82.79
C LYS F 184 -15.95 19.75 -82.46
N TYR F 185 -17.12 20.37 -82.45
CA TYR F 185 -18.33 19.65 -82.12
C TYR F 185 -18.66 18.68 -83.25
N LEU F 186 -19.20 17.52 -82.87
CA LEU F 186 -19.51 16.41 -83.79
C LEU F 186 -20.83 16.69 -84.46
N GLU F 187 -20.79 17.46 -85.54
CA GLU F 187 -22.03 17.88 -86.18
C GLU F 187 -22.85 16.67 -86.60
N LYS F 188 -22.19 15.60 -87.05
CA LYS F 188 -22.87 14.41 -87.53
C LYS F 188 -22.83 13.29 -86.50
N PRO F 189 -23.78 13.21 -85.61
CA PRO F 189 -23.66 12.19 -84.57
C PRO F 189 -24.55 11.01 -84.91
N LEU F 190 -24.06 9.78 -84.73
CA LEU F 190 -24.93 8.61 -84.85
C LEU F 190 -26.12 8.73 -83.92
N LEU F 191 -27.33 8.64 -84.50
CA LEU F 191 -28.58 8.78 -83.77
C LEU F 191 -29.42 7.51 -83.95
N LEU F 192 -29.85 6.93 -82.83
CA LEU F 192 -30.70 5.74 -82.80
C LEU F 192 -32.18 6.09 -82.94
N HIS F 196 -33.90 10.20 -84.27
CA HIS F 196 -32.68 10.90 -83.89
C HIS F 196 -32.46 10.88 -82.37
N ARG F 197 -31.51 10.04 -81.93
CA ARG F 197 -31.20 9.82 -80.52
C ARG F 197 -29.68 9.75 -80.33
N LYS F 198 -29.12 10.69 -79.55
CA LYS F 198 -27.69 10.77 -79.21
C LYS F 198 -27.40 10.02 -77.91
N PHE F 199 -26.32 9.26 -77.91
CA PHE F 199 -25.97 8.40 -76.79
C PHE F 199 -24.48 8.56 -76.50
N ASP F 200 -24.12 8.24 -75.26
CA ASP F 200 -22.77 8.33 -74.73
C ASP F 200 -22.32 6.91 -74.40
N ILE F 201 -21.14 6.53 -74.88
CA ILE F 201 -20.58 5.20 -74.65
C ILE F 201 -19.69 5.33 -73.43
N ARG F 202 -20.06 4.65 -72.36
CA ARG F 202 -19.29 4.63 -71.13
C ARG F 202 -18.73 3.23 -70.97
N SER F 203 -17.41 3.14 -70.89
CA SER F 203 -16.66 1.92 -70.66
C SER F 203 -15.88 2.10 -69.37
N TRP F 204 -15.87 1.05 -68.55
CA TRP F 204 -15.12 1.02 -67.30
C TRP F 204 -13.94 0.07 -67.49
N VAL F 205 -12.73 0.58 -67.22
CA VAL F 205 -11.46 -0.12 -67.39
C VAL F 205 -10.71 0.00 -66.08
N LEU F 206 -10.22 -1.12 -65.59
CA LEU F 206 -9.47 -1.25 -64.36
C LEU F 206 -8.07 -1.75 -64.74
N VAL F 207 -7.07 -1.19 -64.07
CA VAL F 207 -5.65 -1.48 -64.24
C VAL F 207 -5.15 -1.94 -62.86
N ASP F 208 -4.63 -3.16 -62.76
CA ASP F 208 -4.07 -3.73 -61.53
C ASP F 208 -2.64 -3.22 -61.32
N HIS F 209 -1.91 -3.82 -60.38
CA HIS F 209 -0.55 -3.36 -60.08
C HIS F 209 0.45 -3.74 -61.16
N LEU F 210 0.06 -4.70 -62.02
CA LEU F 210 0.80 -5.13 -63.19
C LEU F 210 0.53 -4.28 -64.43
N TYR F 211 -0.39 -3.33 -64.33
CA TYR F 211 -0.78 -2.42 -65.41
C TYR F 211 -1.49 -3.16 -66.54
N ASN F 212 -1.93 -4.38 -66.26
CA ASN F 212 -2.81 -5.11 -67.14
C ASN F 212 -4.14 -4.37 -67.28
N ILE F 213 -4.53 -4.10 -68.51
CA ILE F 213 -5.76 -3.38 -68.79
C ILE F 213 -6.88 -4.41 -68.81
N TYR F 214 -7.98 -4.10 -68.11
CA TYR F 214 -9.19 -4.93 -68.09
C TYR F 214 -10.39 -4.00 -68.31
N LEU F 215 -11.29 -4.42 -69.21
CA LEU F 215 -12.43 -3.64 -69.64
C LEU F 215 -13.71 -4.32 -69.18
N TYR F 216 -14.39 -3.72 -68.20
CA TYR F 216 -15.68 -4.25 -67.75
C TYR F 216 -16.54 -4.51 -68.97
N ARG F 217 -17.10 -5.71 -69.03
CA ARG F 217 -17.92 -6.09 -70.18
C ARG F 217 -19.16 -5.23 -70.29
N GLU F 218 -19.84 -5.01 -69.16
CA GLU F 218 -21.04 -4.21 -69.16
C GLU F 218 -20.67 -2.78 -69.54
N GLY F 219 -21.55 -2.13 -70.28
CA GLY F 219 -21.32 -0.73 -70.59
C GLY F 219 -22.66 -0.04 -70.62
N VAL F 220 -22.64 1.27 -70.44
CA VAL F 220 -23.85 2.07 -70.44
C VAL F 220 -23.75 3.08 -71.57
N LEU F 221 -24.85 3.26 -72.30
CA LEU F 221 -25.01 4.31 -73.30
C LEU F 221 -25.90 5.38 -72.70
N ARG F 222 -25.32 6.52 -72.35
CA ARG F 222 -26.06 7.62 -71.77
C ARG F 222 -26.72 8.45 -72.86
N PRO F 227 -34.42 14.92 -78.69
CA PRO F 227 -34.05 14.65 -80.07
C PRO F 227 -32.97 15.61 -80.55
N TYR F 228 -32.32 15.28 -81.64
CA TYR F 228 -31.22 16.12 -82.13
C TYR F 228 -31.67 17.11 -83.17
N ASN F 229 -30.96 18.23 -83.26
CA ASN F 229 -31.29 19.24 -84.25
C ASN F 229 -30.01 19.86 -84.72
N SER F 230 -29.71 19.69 -86.00
CA SER F 230 -28.52 20.28 -86.56
C SER F 230 -28.34 21.66 -85.99
N ALA F 231 -29.41 22.44 -85.97
CA ALA F 231 -29.34 23.76 -85.39
C ALA F 231 -30.59 24.02 -84.56
N GLU F 261 -29.96 5.62 -70.58
CA GLU F 261 -29.05 4.50 -70.31
C GLU F 261 -29.41 3.26 -71.14
N MET F 262 -28.58 2.95 -72.15
CA MET F 262 -28.77 1.80 -73.04
C MET F 262 -27.68 0.76 -72.82
N PHE F 263 -28.09 -0.48 -72.62
CA PHE F 263 -27.15 -1.56 -72.40
C PHE F 263 -26.44 -1.90 -73.70
N PHE F 264 -25.26 -2.51 -73.58
CA PHE F 264 -24.54 -2.97 -74.75
C PHE F 264 -25.38 -3.96 -75.56
N GLU F 265 -26.10 -4.86 -74.89
CA GLU F 265 -26.82 -5.90 -75.63
C GLU F 265 -27.91 -5.30 -76.51
N GLU F 266 -28.80 -4.51 -75.91
CA GLU F 266 -29.81 -3.78 -76.67
C GLU F 266 -29.19 -2.96 -77.80
N PHE F 267 -28.18 -2.12 -77.50
CA PHE F 267 -27.54 -1.32 -78.55
C PHE F 267 -27.01 -2.21 -79.67
N ASN F 268 -26.39 -3.32 -79.32
CA ASN F 268 -25.91 -4.25 -80.34
C ASN F 268 -27.07 -4.79 -81.18
N GLN F 269 -28.16 -5.15 -80.53
CA GLN F 269 -29.36 -5.60 -81.24
C GLN F 269 -29.85 -4.54 -82.24
N TYR F 270 -29.97 -3.28 -81.80
CA TYR F 270 -30.29 -2.20 -82.73
C TYR F 270 -29.29 -2.12 -83.87
N LEU F 271 -27.99 -2.20 -83.56
CA LEU F 271 -26.97 -2.19 -84.61
C LEU F 271 -27.19 -3.32 -85.61
N MET F 272 -27.45 -4.53 -85.14
CA MET F 272 -27.73 -5.65 -86.03
C MET F 272 -29.02 -5.46 -86.81
N ASP F 273 -30.09 -4.99 -86.16
CA ASP F 273 -31.39 -4.87 -86.83
C ASP F 273 -31.41 -3.68 -87.77
N ALA F 274 -30.89 -2.54 -87.31
CA ALA F 274 -30.94 -1.33 -88.12
C ALA F 274 -29.73 -1.13 -89.01
N LEU F 275 -28.56 -1.64 -88.62
CA LEU F 275 -27.31 -1.39 -89.32
CA LEU F 275 -27.33 -1.38 -89.33
C LEU F 275 -26.63 -2.66 -89.80
N ASN F 276 -27.16 -3.82 -89.45
CA ASN F 276 -26.57 -5.09 -89.84
C ASN F 276 -25.11 -5.21 -89.37
N THR F 277 -24.88 -4.99 -88.08
CA THR F 277 -23.55 -4.92 -87.48
C THR F 277 -23.65 -5.20 -86.00
N THR F 278 -22.58 -5.77 -85.44
CA THR F 278 -22.46 -6.05 -84.02
C THR F 278 -21.77 -4.89 -83.31
N LEU F 279 -22.17 -4.66 -82.07
CA LEU F 279 -21.54 -3.58 -81.32
C LEU F 279 -20.04 -3.81 -81.26
N GLU F 280 -19.63 -5.09 -81.25
CA GLU F 280 -18.23 -5.38 -81.06
C GLU F 280 -17.45 -4.88 -82.28
N ASN F 281 -17.92 -5.23 -83.49
CA ASN F 281 -17.15 -4.88 -84.70
C ASN F 281 -17.36 -3.43 -85.08
N SER F 282 -18.55 -2.90 -84.83
CA SER F 282 -18.87 -1.53 -85.23
C SER F 282 -18.18 -0.49 -84.34
N ILE F 283 -18.19 -0.70 -83.02
CA ILE F 283 -17.74 0.29 -82.07
C ILE F 283 -16.73 -0.28 -81.08
N LEU F 284 -17.01 -1.47 -80.52
CA LEU F 284 -16.24 -1.95 -79.38
CA LEU F 284 -16.23 -1.96 -79.36
C LEU F 284 -14.76 -2.21 -79.73
N LEU F 285 -14.46 -2.52 -81.01
CA LEU F 285 -13.05 -2.73 -81.36
C LEU F 285 -12.26 -1.43 -81.25
N GLN F 286 -12.81 -0.33 -81.78
CA GLN F 286 -12.14 0.96 -81.68
C GLN F 286 -11.97 1.38 -80.21
N ILE F 287 -12.99 1.14 -79.37
CA ILE F 287 -12.88 1.42 -77.94
C ILE F 287 -11.62 0.77 -77.37
N LYS F 288 -11.50 -0.55 -77.53
CA LYS F 288 -10.32 -1.23 -77.04
C LYS F 288 -9.04 -0.55 -77.51
N HIS F 289 -8.95 -0.26 -78.80
CA HIS F 289 -7.73 0.32 -79.32
C HIS F 289 -7.46 1.65 -78.63
N ILE F 290 -8.49 2.49 -78.51
CA ILE F 290 -8.36 3.80 -77.87
C ILE F 290 -7.87 3.65 -76.44
N ILE F 291 -8.56 2.79 -75.66
CA ILE F 291 -8.19 2.55 -74.27
C ILE F 291 -6.72 2.15 -74.17
N ARG F 292 -6.35 1.07 -74.85
CA ARG F 292 -4.96 0.62 -74.81
C ARG F 292 -4.02 1.74 -75.18
N SER F 293 -4.36 2.53 -76.20
CA SER F 293 -3.46 3.58 -76.65
C SER F 293 -3.15 4.56 -75.52
N CYS F 294 -4.18 5.01 -74.81
CA CYS F 294 -3.99 6.02 -73.78
C CYS F 294 -3.19 5.46 -72.61
N LEU F 295 -3.74 4.42 -71.98
CA LEU F 295 -3.15 3.79 -70.80
C LEU F 295 -1.71 3.38 -71.04
N MET F 296 -1.43 2.71 -72.17
CA MET F 296 -0.06 2.27 -72.46
C MET F 296 0.88 3.40 -72.79
N CYS F 297 0.36 4.51 -73.32
CA CYS F 297 1.16 5.72 -73.46
C CYS F 297 1.66 6.23 -72.12
N ILE F 298 0.76 6.34 -71.14
CA ILE F 298 1.08 6.90 -69.83
C ILE F 298 1.63 5.83 -68.89
N GLU F 299 1.72 4.57 -69.34
CA GLU F 299 2.14 3.45 -68.48
C GLU F 299 3.52 3.59 -67.87
N PRO F 300 4.55 4.03 -68.61
CA PRO F 300 5.86 4.24 -68.00
C PRO F 300 5.81 5.28 -66.91
N ALA F 301 5.05 6.35 -67.14
CA ALA F 301 5.04 7.47 -66.22
C ALA F 301 4.29 7.14 -64.93
N ILE F 302 3.32 6.23 -64.95
CA ILE F 302 2.57 5.99 -63.75
C ILE F 302 2.80 4.58 -63.20
N SER F 303 3.59 3.78 -63.90
CA SER F 303 3.83 2.41 -63.47
C SER F 303 4.30 2.34 -62.03
N THR F 304 3.69 1.45 -61.26
CA THR F 304 4.09 1.20 -59.88
C THR F 304 4.75 -0.14 -59.74
N LYS F 305 5.33 -0.68 -60.81
CA LYS F 305 5.80 -2.06 -60.74
C LYS F 305 6.87 -2.20 -59.68
N HIS F 306 7.84 -1.30 -59.71
CA HIS F 306 8.97 -1.32 -58.79
C HIS F 306 8.83 -0.32 -57.67
N LEU F 307 7.88 0.58 -57.77
CA LEU F 307 7.63 1.52 -56.70
C LEU F 307 7.33 0.75 -55.40
N HIS F 308 7.66 1.38 -54.26
CA HIS F 308 7.52 0.77 -52.93
C HIS F 308 6.07 0.54 -52.53
N TYR F 309 5.13 1.32 -53.07
CA TYR F 309 3.69 1.06 -53.00
C TYR F 309 3.17 0.69 -54.38
N GLN F 310 2.25 -0.27 -54.42
CA GLN F 310 1.58 -0.67 -55.64
C GLN F 310 0.30 0.16 -55.79
N SER F 311 -0.23 0.23 -57.02
CA SER F 311 -1.42 1.01 -57.36
C SER F 311 -2.39 0.19 -58.22
N PHE F 312 -3.64 0.65 -58.28
CA PHE F 312 -4.69 0.20 -59.20
C PHE F 312 -5.70 1.33 -59.31
N GLN F 313 -6.55 1.30 -60.35
CA GLN F 313 -7.54 2.35 -60.52
C GLN F 313 -8.51 1.97 -61.62
N LEU F 314 -9.78 2.25 -61.38
CA LEU F 314 -10.84 2.10 -62.35
C LEU F 314 -11.03 3.43 -63.08
N PHE F 315 -11.29 3.36 -64.38
CA PHE F 315 -11.50 4.53 -65.25
C PHE F 315 -12.78 4.36 -66.06
N GLY F 316 -13.42 5.49 -66.35
CA GLY F 316 -14.53 5.56 -67.27
C GLY F 316 -14.14 6.43 -68.44
N PHE F 317 -14.20 5.86 -69.63
CA PHE F 317 -13.92 6.54 -70.89
C PHE F 317 -15.24 6.85 -71.59
N ASP F 318 -15.35 8.08 -72.09
CA ASP F 318 -16.48 8.55 -72.88
C ASP F 318 -16.11 8.42 -74.36
N PHE F 319 -16.94 7.71 -75.13
CA PHE F 319 -16.78 7.53 -76.57
C PHE F 319 -18.04 8.09 -77.25
N MET F 320 -17.85 8.79 -78.36
CA MET F 320 -18.94 9.27 -79.22
C MET F 320 -18.75 8.64 -80.60
N VAL F 321 -19.79 7.94 -81.08
CA VAL F 321 -19.77 7.26 -82.39
C VAL F 321 -20.51 8.14 -83.39
N ASP F 322 -19.92 8.35 -84.58
CA ASP F 322 -20.51 9.19 -85.62
C ASP F 322 -21.42 8.35 -86.53
N GLU F 323 -21.98 8.98 -87.58
CA GLU F 323 -22.80 8.23 -88.54
C GLU F 323 -22.04 7.07 -89.17
N GLU F 324 -20.73 7.23 -89.46
CA GLU F 324 -19.87 6.17 -89.99
C GLU F 324 -19.48 5.12 -88.95
N LEU F 325 -20.09 5.11 -87.77
CA LEU F 325 -19.75 4.14 -86.72
C LEU F 325 -18.27 4.22 -86.37
N LYS F 326 -17.77 5.43 -86.18
CA LYS F 326 -16.41 5.58 -85.72
C LYS F 326 -16.45 6.17 -84.33
N VAL F 327 -15.72 5.53 -83.42
CA VAL F 327 -15.66 5.91 -82.02
C VAL F 327 -14.76 7.12 -81.89
N TRP F 328 -15.04 7.93 -80.89
CA TRP F 328 -14.32 9.17 -80.63
C TRP F 328 -14.24 9.35 -79.13
N LEU F 329 -13.03 9.59 -78.65
CA LEU F 329 -12.79 9.74 -77.21
C LEU F 329 -13.27 11.12 -76.75
N ILE F 330 -14.12 11.14 -75.73
CA ILE F 330 -14.62 12.39 -75.15
C ILE F 330 -13.78 12.83 -73.95
N GLU F 331 -13.67 12.00 -72.93
CA GLU F 331 -12.91 12.27 -71.71
C GLU F 331 -12.66 10.94 -70.99
N VAL F 332 -11.65 10.94 -70.13
CA VAL F 332 -11.28 9.82 -69.29
C VAL F 332 -11.59 10.26 -67.86
N ASN F 333 -12.27 9.40 -67.09
CA ASN F 333 -12.67 9.70 -65.72
C ASN F 333 -11.81 8.91 -64.77
N GLY F 334 -11.02 9.62 -63.94
CA GLY F 334 -10.17 8.91 -62.98
C GLY F 334 -10.95 8.25 -61.87
N ALA F 335 -12.05 8.87 -61.47
CA ALA F 335 -12.94 8.33 -60.46
C ALA F 335 -14.33 8.17 -61.07
N PRO F 336 -14.48 7.27 -62.02
CA PRO F 336 -15.80 7.07 -62.61
C PRO F 336 -16.70 6.28 -61.68
N ALA F 337 -17.97 6.68 -61.72
CA ALA F 337 -19.04 5.95 -61.07
C ALA F 337 -19.36 4.72 -61.91
N CYS F 338 -20.47 4.07 -61.62
CA CYS F 338 -20.88 2.86 -62.31
C CYS F 338 -22.40 2.85 -62.38
N ALA F 339 -22.94 2.14 -63.37
CA ALA F 339 -24.38 1.94 -63.47
C ALA F 339 -24.90 1.16 -62.27
N GLN F 340 -26.06 1.56 -61.75
CA GLN F 340 -26.56 0.94 -60.52
C GLN F 340 -26.61 -0.57 -60.63
N LYS F 341 -27.16 -1.07 -61.74
CA LYS F 341 -27.19 -2.51 -61.98
C LYS F 341 -25.78 -3.08 -62.06
N LEU F 342 -24.90 -2.42 -62.79
CA LEU F 342 -23.51 -2.87 -62.95
C LEU F 342 -22.65 -2.64 -61.70
N TYR F 343 -23.15 -1.91 -60.70
CA TYR F 343 -22.32 -1.62 -59.53
C TYR F 343 -21.81 -2.89 -58.87
N ALA F 344 -22.71 -3.84 -58.59
CA ALA F 344 -22.33 -5.03 -57.84
C ALA F 344 -21.25 -5.81 -58.60
N GLU F 345 -21.50 -6.13 -59.87
CA GLU F 345 -20.53 -6.88 -60.66
C GLU F 345 -19.16 -6.16 -60.69
N LEU F 346 -19.13 -4.90 -61.15
CA LEU F 346 -17.89 -4.14 -61.26
C LEU F 346 -17.13 -4.06 -59.93
N CYS F 347 -17.81 -3.64 -58.85
CA CYS F 347 -17.15 -3.58 -57.53
C CYS F 347 -16.63 -4.94 -57.09
N GLN F 348 -17.44 -5.98 -57.20
CA GLN F 348 -16.96 -7.32 -56.89
C GLN F 348 -15.73 -7.66 -57.72
N GLY F 349 -15.81 -7.44 -59.03
CA GLY F 349 -14.66 -7.66 -59.88
C GLY F 349 -13.42 -6.91 -59.42
N ILE F 350 -13.57 -5.62 -59.09
CA ILE F 350 -12.46 -4.78 -58.63
C ILE F 350 -11.80 -5.38 -57.41
N VAL F 351 -12.62 -5.86 -56.48
CA VAL F 351 -12.13 -6.50 -55.26
C VAL F 351 -11.31 -7.75 -55.59
N ASP F 352 -11.81 -8.59 -56.52
CA ASP F 352 -11.17 -9.86 -56.84
C ASP F 352 -9.92 -9.66 -57.69
N VAL F 353 -9.96 -8.75 -58.66
CA VAL F 353 -8.84 -8.58 -59.57
CA VAL F 353 -8.83 -8.62 -59.58
C VAL F 353 -7.70 -7.86 -58.88
N ALA F 354 -8.01 -6.76 -58.16
CA ALA F 354 -6.97 -5.88 -57.61
C ALA F 354 -6.71 -6.10 -56.11
N ILE F 355 -7.75 -5.98 -55.28
CA ILE F 355 -7.54 -6.19 -53.87
C ILE F 355 -7.01 -7.60 -53.62
N SER F 356 -7.60 -8.59 -54.27
CA SER F 356 -7.32 -10.00 -53.94
C SER F 356 -6.03 -10.52 -54.56
N SER F 357 -5.64 -10.02 -55.73
CA SER F 357 -4.36 -10.40 -56.29
C SER F 357 -3.22 -10.03 -55.34
N VAL F 358 -3.20 -8.78 -54.85
CA VAL F 358 -2.15 -8.38 -53.93
C VAL F 358 -2.36 -9.04 -52.58
N PHE F 359 -3.60 -9.02 -52.07
CA PHE F 359 -3.93 -9.50 -50.74
C PHE F 359 -4.86 -10.69 -50.91
N PRO F 360 -4.32 -11.89 -51.15
CA PRO F 360 -5.18 -13.06 -51.40
C PRO F 360 -5.88 -13.47 -50.12
N LEU F 361 -7.15 -13.80 -50.25
CA LEU F 361 -7.98 -14.12 -49.12
C LEU F 361 -8.11 -15.62 -49.07
N SER F 373 -14.66 -14.08 -66.92
CA SER F 373 -14.35 -12.83 -66.23
C SER F 373 -15.24 -11.68 -66.66
N ILE F 374 -15.79 -10.93 -65.70
CA ILE F 374 -16.57 -9.76 -66.05
C ILE F 374 -15.77 -8.68 -66.76
N PHE F 375 -14.46 -8.86 -66.89
CA PHE F 375 -13.57 -7.90 -67.55
C PHE F 375 -12.92 -8.51 -68.80
N ILE F 376 -12.42 -7.65 -69.70
CA ILE F 376 -11.75 -8.04 -70.94
C ILE F 376 -10.28 -7.67 -70.85
N LYS F 377 -9.41 -8.65 -71.08
CA LYS F 377 -7.97 -8.50 -70.87
C LYS F 377 -7.37 -7.86 -72.11
N LEU F 378 -7.41 -6.51 -72.12
CA LEU F 378 -6.75 -5.70 -73.14
C LEU F 378 -5.24 -5.80 -73.03
N LEU F 379 -4.71 -5.76 -71.80
CA LEU F 379 -3.31 -6.03 -71.54
C LEU F 379 -3.14 -7.11 -70.48
N GLU F 380 -2.06 -7.90 -70.60
CA GLU F 380 -1.69 -8.93 -69.58
C GLU F 380 -0.21 -9.39 -69.65
PG GTP G . 23.60 9.43 -28.59
O1G GTP G . 24.15 8.02 -28.47
O2G GTP G . 24.06 10.16 -27.36
O3G GTP G . 22.10 9.47 -28.60
O3B GTP G . 24.15 10.03 -30.00
PB GTP G . 24.63 9.13 -31.27
O1B GTP G . 25.62 8.11 -30.74
O2B GTP G . 25.23 10.03 -32.30
O3A GTP G . 23.33 8.36 -31.82
PA GTP G . 23.27 7.29 -33.00
O1A GTP G . 23.09 5.92 -32.45
O2A GTP G . 24.43 7.25 -33.98
O5' GTP G . 21.81 7.68 -33.56
C5' GTP G . 20.68 6.82 -33.60
C4' GTP G . 20.41 6.49 -35.05
O4' GTP G . 21.63 6.04 -35.52
C3' GTP G . 19.41 5.41 -35.37
O3' GTP G . 18.41 5.98 -36.20
C2' GTP G . 20.15 4.35 -36.16
O2' GTP G . 19.41 4.06 -37.32
C1' GTP G . 21.42 5.09 -36.53
N9 GTP G . 22.68 4.40 -36.51
C8 GTP G . 23.51 4.27 -35.40
N7 GTP G . 24.66 3.67 -35.69
C5 GTP G . 24.57 3.44 -37.03
C6 GTP G . 25.45 2.84 -37.90
O6 GTP G . 26.52 2.45 -37.31
N1 GTP G . 25.30 2.63 -39.22
C2 GTP G . 24.12 3.11 -39.61
N2 GTP G . 23.69 3.07 -40.87
N3 GTP G . 23.13 3.73 -38.86
C4 GTP G . 23.41 3.90 -37.53
C1 EDO H . 28.39 29.56 -45.55
O1 EDO H . 27.24 28.73 -45.71
C2 EDO H . 29.39 28.87 -44.64
O2 EDO H . 29.82 27.65 -45.26
MG MG I . 25.32 6.89 -29.35
CA CA J . 53.18 10.18 -49.61
NA NA K . 13.72 6.91 18.59
O1 MES L . 13.65 13.27 -10.18
C2 MES L . 13.93 11.88 -10.30
C3 MES L . 15.09 11.69 -11.26
N4 MES L . 14.75 12.27 -12.57
C5 MES L . 14.42 13.69 -12.40
C6 MES L . 13.26 13.81 -11.42
C7 MES L . 15.91 12.15 -13.47
C8 MES L . 15.89 13.26 -14.50
S MES L . 17.42 13.80 -14.80
O1S MES L . 18.30 13.47 -13.66
O2S MES L . 17.39 15.27 -15.00
O3S MES L . 17.97 13.16 -16.02
C1 A1ECQ M . 17.15 2.37 -24.10
C10 A1ECQ M . 19.18 4.46 -29.82
C11 A1ECQ M . 19.21 4.63 -28.48
C12 A1ECQ M . 18.08 4.33 -27.74
C13 A1ECQ M . 14.72 1.94 -24.16
C14 A1ECQ M . 14.87 0.48 -23.62
C15 A1ECQ M . 14.49 -0.63 -24.38
C16 A1ECQ M . 14.66 -1.92 -23.85
C17 A1ECQ M . 12.90 -3.34 -24.42
C18 A1ECQ M . 15.14 -2.11 -22.56
C19 A1ECQ M . 14.12 -4.05 -21.62
C2 A1ECQ M . 17.62 1.39 -26.40
C20 A1ECQ M . 15.50 -1.01 -21.82
C21 A1ECQ M . 14.92 -1.45 -19.65
C22 A1ECQ M . 15.34 0.28 -22.35
C23 A1ECQ M . 13.51 2.12 -25.20
C24 A1ECQ M . 13.85 2.25 -26.75
C25 A1ECQ M . 12.85 2.43 -27.63
C26 A1ECQ M . 11.52 2.47 -27.15
C27 A1ECQ M . 9.31 2.93 -26.91
C28 A1ECQ M . 11.22 2.36 -25.79
C29 A1ECQ M . 12.22 2.18 -24.79
C3 A1ECQ M . 15.89 2.42 -24.89
C4 A1ECQ M . 16.11 1.61 -26.14
C5 A1ECQ M . 15.36 2.19 -27.23
C6 A1ECQ M . 16.92 3.85 -28.38
C7 A1ECQ M . 16.89 3.69 -29.80
C8 A1ECQ M . 18.05 4.01 -30.48
C9 A1ECQ M . 18.46 4.00 -31.88
N1 A1ECQ M . 15.74 3.55 -27.56
N2 A1ECQ M . 19.73 4.42 -31.92
N3 A1ECQ M . 20.07 4.67 -30.69
O1 A1ECQ M . 17.27 2.49 -22.91
O2 A1ECQ M . 18.26 2.19 -25.13
O3 A1ECQ M . 14.27 -3.06 -24.65
O4 A1ECQ M . 15.30 -3.41 -22.02
O5 A1ECQ M . 15.97 -1.20 -20.55
O6 A1ECQ M . 10.34 2.64 -27.87
O7 A1ECQ M . 9.84 2.45 -25.64
H10 A1ECQ M . 20.11 4.99 -27.98
H11 A1ECQ M . 18.09 4.44 -26.65
H12 A1ECQ M . 14.55 2.61 -23.31
H13 A1ECQ M . 14.12 -0.50 -25.37
H15 A1ECQ M . 12.79 -4.39 -24.11
H16 A1ECQ M . 12.34 -3.14 -25.34
H14 A1ECQ M . 12.55 -2.70 -23.62
H19 A1ECQ M . 14.24 -4.45 -20.62
H17 A1ECQ M . 13.89 -4.87 -22.31
H18 A1ECQ M . 13.30 -3.32 -21.62
H2 A1ECQ M . 17.86 0.32 -26.32
H1 A1ECQ M . 17.95 1.78 -27.36
H22 A1ECQ M . 15.21 -1.15 -18.66
H21 A1ECQ M . 14.68 -2.51 -19.66
H20 A1ECQ M . 14.05 -0.89 -19.98
H23 A1ECQ M . 15.61 1.11 -21.76
H24 A1ECQ M . 13.06 2.52 -28.68
H26 A1ECQ M . 8.39 2.39 -27.16
H25 A1ECQ M . 9.13 4.00 -26.86
H27 A1ECQ M . 11.96 2.10 -23.75
H3 A1ECQ M . 15.71 3.45 -25.15
H4 A1ECQ M . 15.72 0.62 -26.03
H5 A1ECQ M . 15.43 1.56 -28.11
H7 A1ECQ M . 16.00 3.33 -30.30
H8 A1ECQ M . 17.86 3.69 -32.75
H6 A1ECQ M . 15.19 4.30 -27.22
H9 A1ECQ M . 21.00 5.02 -30.45
PB GDP N . 7.77 -2.58 5.64
O1B GDP N . 8.84 -1.59 5.28
O2B GDP N . 8.41 -3.86 6.06
O3B GDP N . 7.16 -1.73 6.75
O3A GDP N . 6.85 -3.11 4.44
PA GDP N . 6.12 -4.55 4.36
O1A GDP N . 5.77 -5.39 5.58
O2A GDP N . 6.99 -5.50 3.60
O5' GDP N . 4.81 -4.01 3.59
C5' GDP N . 3.52 -4.66 3.52
C4' GDP N . 3.09 -4.92 2.09
O4' GDP N . 4.18 -5.54 1.45
C3' GDP N . 1.94 -5.90 2.02
O3' GDP N . 0.97 -5.55 1.02
C2' GDP N . 2.47 -7.16 1.46
O2' GDP N . 1.54 -7.37 0.42
C1' GDP N . 3.70 -6.68 0.75
N9 GDP N . 4.78 -7.64 0.79
C8 GDP N . 5.47 -7.89 1.91
N7 GDP N . 6.44 -8.78 1.64
C5 GDP N . 6.36 -9.10 0.34
C6 GDP N . 7.11 -9.98 -0.54
O6 GDP N . 8.03 -10.61 -0.02
N1 GDP N . 6.79 -10.09 -1.82
C2 GDP N . 5.76 -9.36 -2.32
N2 GDP N . 5.47 -9.49 -3.62
N3 GDP N . 5.00 -8.51 -1.56
C4 GDP N . 5.24 -8.34 -0.24
MG MG O . 5.50 -6.06 7.12
PG GTP P . -10.66 -5.12 47.19
O1G GTP P . -10.14 -6.37 47.91
O2G GTP P . -10.25 -3.89 47.95
O3G GTP P . -12.16 -4.87 47.39
O3B GTP P . -10.15 -5.16 45.66
PB GTP P . -9.77 -6.49 44.81
O1B GTP P . -9.15 -7.52 45.73
O2B GTP P . -8.86 -6.35 43.62
O3A GTP P . -11.09 -7.00 44.02
PA GTP P . -11.20 -8.43 43.28
O1A GTP P . -11.26 -9.43 44.36
O2A GTP P . -10.01 -8.93 42.49
O5' GTP P . -12.58 -8.24 42.45
C5' GTP P . -13.81 -8.81 42.80
C4' GTP P . -14.36 -9.27 41.48
O4' GTP P . -13.26 -9.90 40.93
C3' GTP P . -15.49 -10.25 41.63
O3' GTP P . -16.58 -9.60 41.02
C2' GTP P . -15.06 -11.49 40.91
O2' GTP P . -15.98 -11.79 39.88
C1' GTP P . -13.68 -11.12 40.35
N9 GTP P . -12.63 -12.11 40.59
C8 GTP P . -11.83 -12.31 41.74
N7 GTP P . -10.99 -13.30 41.50
C5 GTP P . -11.20 -13.73 40.21
C6 GTP P . -10.60 -14.74 39.53
O6 GTP P . -9.73 -15.32 40.17
N1 GTP P . -10.98 -15.04 38.22
C2 GTP P . -11.99 -14.28 37.68
N2 GTP P . -12.41 -14.51 36.43
N3 GTP P . -12.63 -13.25 38.36
C4 GTP P . -12.21 -12.99 39.65
N1 IMD Q . -13.96 6.86 18.50
C2 IMD Q . -15.00 6.64 17.64
N3 IMD Q . -15.64 7.81 17.38
C4 IMD Q . -14.99 8.77 18.08
C5 IMD Q . -13.93 8.18 18.79
MG MG R . -8.73 -8.48 48.27
PB GDP S . -27.35 -2.68 82.69
O1B GDP S . -26.20 -1.94 82.08
O2B GDP S . -26.83 -3.79 83.53
O3B GDP S . -27.98 -1.67 83.64
O3A GDP S . -28.23 -3.34 81.48
PA GDP S . -29.26 -4.53 81.76
O1A GDP S . -29.60 -4.53 83.21
O2A GDP S . -28.75 -5.94 81.63
O5' GDP S . -30.49 -4.23 80.74
C5' GDP S . -31.83 -4.64 81.01
C4' GDP S . -32.36 -5.35 79.78
O4' GDP S . -31.41 -6.36 79.53
C3' GDP S . -33.65 -6.10 80.05
O3' GDP S . -34.68 -5.59 79.21
C2' GDP S . -33.43 -7.52 79.63
O2' GDP S . -34.33 -7.76 78.56
C1' GDP S . -32.05 -7.51 79.04
N9 GDP S . -31.23 -8.68 79.38
C8 GDP S . -30.45 -8.73 80.48
N7 GDP S . -29.77 -9.90 80.51
C5 GDP S . -30.13 -10.60 79.41
C6 GDP S . -29.78 -11.92 78.86
O6 GDP S . -28.96 -12.62 79.48
N1 GDP S . -30.32 -12.34 77.71
C2 GDP S . -31.19 -11.58 77.04
N2 GDP S . -31.70 -12.08 75.89
N3 GDP S . -31.57 -10.33 77.49
C4 GDP S . -31.09 -9.80 78.66
PG ACP T . -17.97 13.56 -67.82
O1G ACP T . -18.62 13.46 -66.50
O2G ACP T . -16.88 12.39 -67.99
O3G ACP T . -19.10 13.41 -68.97
PB ACP T . -18.43 16.38 -68.49
O1B ACP T . -17.87 17.75 -68.43
O2B ACP T . -19.69 16.27 -67.50
C3B ACP T . -17.18 15.18 -67.98
PA ACP T . -17.79 15.67 -71.09
O1A ACP T . -16.60 16.55 -70.88
O2A ACP T . -17.64 14.16 -71.11
O3A ACP T . -18.90 16.04 -69.98
O5' ACP T . -18.50 16.12 -72.47
C5' ACP T . -19.73 16.84 -72.42
C4' ACP T . -20.81 16.05 -73.14
O4' ACP T . -21.07 16.64 -74.41
C3' ACP T . -20.39 14.60 -73.38
O3' ACP T . -21.29 13.71 -72.72
C2' ACP T . -20.40 14.41 -74.88
O2' ACP T . -21.38 13.44 -75.27
C1' ACP T . -20.76 15.75 -75.48
N9 ACP T . -19.61 16.27 -76.25
C8 ACP T . -18.46 16.73 -75.73
N7 ACP T . -17.62 17.14 -76.71
C5 ACP T . -18.24 16.94 -77.89
C6 ACP T . -17.93 17.15 -79.32
N6 ACP T . -16.74 17.66 -79.70
N1 ACP T . -18.86 16.81 -80.22
C2 ACP T . -20.05 16.28 -79.85
N3 ACP T . -20.40 16.07 -78.58
C4 ACP T . -19.56 16.37 -77.58
#